data_6MMC
# 
_entry.id   6MMC 
# 
_audit_conform.dict_name       mmcif_pdbx.dic 
_audit_conform.dict_version    5.379 
_audit_conform.dict_location   http://mmcif.pdb.org/dictionaries/ascii/mmcif_pdbx.dic 
# 
loop_
_database_2.database_id 
_database_2.database_code 
_database_2.pdbx_database_accession 
_database_2.pdbx_DOI 
PDB   6MMC         pdb_00006mmc 10.2210/pdb6mmc/pdb 
WWPDB D_1000237198 ?            ?                   
# 
_pdbx_database_status.status_code                     REL 
_pdbx_database_status.status_code_sf                  REL 
_pdbx_database_status.status_code_mr                  ? 
_pdbx_database_status.entry_id                        6MMC 
_pdbx_database_status.recvd_initial_deposition_date   2018-09-30 
_pdbx_database_status.SG_entry                        N 
_pdbx_database_status.deposit_site                    RCSB 
_pdbx_database_status.process_site                    RCSB 
_pdbx_database_status.status_code_cs                  ? 
_pdbx_database_status.methods_development_category    ? 
_pdbx_database_status.pdb_format_compatible           Y 
_pdbx_database_status.status_code_nmr_data            ? 
# 
loop_
_audit_author.name 
_audit_author.pdbx_ordinal 
_audit_author.identifier_ORCID 
'Kaczmarski, J.A.' 1 0000-0001-8549-0122 
'Jackson, C.'      2 0000-0001-6150-3822 
# 
_citation.abstract                  ? 
_citation.abstract_id_CAS           ? 
_citation.book_id_ISBN              ? 
_citation.book_publisher            ? 
_citation.book_publisher_city       ? 
_citation.book_title                ? 
_citation.coordinate_linkage        ? 
_citation.country                   US 
_citation.database_id_Medline       ? 
_citation.details                   ? 
_citation.id                        primary 
_citation.journal_abbrev            Biorxiv 
_citation.journal_id_ASTM           ? 
_citation.journal_id_CSD            ? 
_citation.journal_id_ISSN           2692-8205 
_citation.journal_full              ? 
_citation.journal_issue             ? 
_citation.journal_volume            ? 
_citation.language                  ? 
_citation.page_first                ? 
_citation.page_last                 ? 
_citation.title                     'Structure and function of SbtB from Cyanobium sp. 7001' 
_citation.year                      2019 
_citation.database_id_CSD           ? 
_citation.pdbx_database_id_DOI      ? 
_citation.pdbx_database_id_PubMed   ? 
_citation.unpublished_flag          ? 
# 
loop_
_citation_author.citation_id 
_citation_author.name 
_citation_author.ordinal 
_citation_author.identifier_ORCID 
primary 'Jackson, C.'      1 0000-0001-6150-3822 
primary 'Kaczmarski, J.A.' 2 0000-0001-8549-0122 
primary 'Price, D.'        3 0000-0001-5906-4912 
# 
_cell.angle_alpha                  90.000 
_cell.angle_alpha_esd              ? 
_cell.angle_beta                   90.000 
_cell.angle_beta_esd               ? 
_cell.angle_gamma                  120.000 
_cell.angle_gamma_esd              ? 
_cell.entry_id                     6MMC 
_cell.details                      ? 
_cell.formula_units_Z              ? 
_cell.length_a                     68.632 
_cell.length_a_esd                 ? 
_cell.length_b                     68.632 
_cell.length_b_esd                 ? 
_cell.length_c                     89.052 
_cell.length_c_esd                 ? 
_cell.volume                       363268.398 
_cell.volume_esd                   ? 
_cell.Z_PDB                        12 
_cell.reciprocal_angle_alpha       ? 
_cell.reciprocal_angle_beta        ? 
_cell.reciprocal_angle_gamma       ? 
_cell.reciprocal_angle_alpha_esd   ? 
_cell.reciprocal_angle_beta_esd    ? 
_cell.reciprocal_angle_gamma_esd   ? 
_cell.reciprocal_length_a          ? 
_cell.reciprocal_length_b          ? 
_cell.reciprocal_length_c          ? 
_cell.reciprocal_length_a_esd      ? 
_cell.reciprocal_length_b_esd      ? 
_cell.reciprocal_length_c_esd      ? 
_cell.pdbx_unique_axis             ? 
# 
_symmetry.entry_id                         6MMC 
_symmetry.cell_setting                     ? 
_symmetry.Int_Tables_number                182 
_symmetry.space_group_name_Hall            'P 6c 2c' 
_symmetry.space_group_name_H-M             'P 63 2 2' 
_symmetry.pdbx_full_space_group_name_H-M   ? 
# 
loop_
_entity.id 
_entity.type 
_entity.src_method 
_entity.pdbx_description 
_entity.formula_weight 
_entity.pdbx_number_of_molecules 
_entity.pdbx_ec 
_entity.pdbx_mutation 
_entity.pdbx_fragment 
_entity.details 
1 polymer     man 'Carbon regulatory PII-like protein SbtB' 11484.044 1  ? ? ? ? 
2 non-polymer syn 'CHLORIDE ION'                            35.453    1  ? ? ? ? 
3 non-polymer syn 'SULFATE ION'                             96.063    1  ? ? ? ? 
4 non-polymer nat "ADENOSINE-5'-DIPHOSPHATE"                427.201   1  ? ? ? ? 
5 water       nat water                                     18.015    68 ? ? ? ? 
# 
_entity_poly.entity_id                      1 
_entity_poly.type                           'polypeptide(L)' 
_entity_poly.nstd_linkage                   no 
_entity_poly.nstd_monomer                   no 
_entity_poly.pdbx_seq_one_letter_code       
;SSQQVWKLVIITEEILLKKVSKIIKEAGASGYTVLAAAGEGSRNVRSTGEPSVSHAYSNIKFEVLTASRELADQIQDKVV
AKYFDDYSCITYISTVEALRAHKF
;
_entity_poly.pdbx_seq_one_letter_code_can   
;SSQQVWKLVIITEEILLKKVSKIIKEAGASGYTVLAAAGEGSRNVRSTGEPSVSHAYSNIKFEVLTASRELADQIQDKVV
AKYFDDYSCITYISTVEALRAHKF
;
_entity_poly.pdbx_strand_id                 A 
_entity_poly.pdbx_target_identifier         ? 
# 
loop_
_entity_poly_seq.entity_id 
_entity_poly_seq.num 
_entity_poly_seq.mon_id 
_entity_poly_seq.hetero 
1 1   SER n 
1 2   SER n 
1 3   GLN n 
1 4   GLN n 
1 5   VAL n 
1 6   TRP n 
1 7   LYS n 
1 8   LEU n 
1 9   VAL n 
1 10  ILE n 
1 11  ILE n 
1 12  THR n 
1 13  GLU n 
1 14  GLU n 
1 15  ILE n 
1 16  LEU n 
1 17  LEU n 
1 18  LYS n 
1 19  LYS n 
1 20  VAL n 
1 21  SER n 
1 22  LYS n 
1 23  ILE n 
1 24  ILE n 
1 25  LYS n 
1 26  GLU n 
1 27  ALA n 
1 28  GLY n 
1 29  ALA n 
1 30  SER n 
1 31  GLY n 
1 32  TYR n 
1 33  THR n 
1 34  VAL n 
1 35  LEU n 
1 36  ALA n 
1 37  ALA n 
1 38  ALA n 
1 39  GLY n 
1 40  GLU n 
1 41  GLY n 
1 42  SER n 
1 43  ARG n 
1 44  ASN n 
1 45  VAL n 
1 46  ARG n 
1 47  SER n 
1 48  THR n 
1 49  GLY n 
1 50  GLU n 
1 51  PRO n 
1 52  SER n 
1 53  VAL n 
1 54  SER n 
1 55  HIS n 
1 56  ALA n 
1 57  TYR n 
1 58  SER n 
1 59  ASN n 
1 60  ILE n 
1 61  LYS n 
1 62  PHE n 
1 63  GLU n 
1 64  VAL n 
1 65  LEU n 
1 66  THR n 
1 67  ALA n 
1 68  SER n 
1 69  ARG n 
1 70  GLU n 
1 71  LEU n 
1 72  ALA n 
1 73  ASP n 
1 74  GLN n 
1 75  ILE n 
1 76  GLN n 
1 77  ASP n 
1 78  LYS n 
1 79  VAL n 
1 80  VAL n 
1 81  ALA n 
1 82  LYS n 
1 83  TYR n 
1 84  PHE n 
1 85  ASP n 
1 86  ASP n 
1 87  TYR n 
1 88  SER n 
1 89  CYS n 
1 90  ILE n 
1 91  THR n 
1 92  TYR n 
1 93  ILE n 
1 94  SER n 
1 95  THR n 
1 96  VAL n 
1 97  GLU n 
1 98  ALA n 
1 99  LEU n 
1 100 ARG n 
1 101 ALA n 
1 102 HIS n 
1 103 LYS n 
1 104 PHE n 
# 
_entity_src_gen.entity_id                          1 
_entity_src_gen.pdbx_src_id                        1 
_entity_src_gen.pdbx_alt_source_flag               sample 
_entity_src_gen.pdbx_seq_type                      'Biological sequence' 
_entity_src_gen.pdbx_beg_seq_num                   1 
_entity_src_gen.pdbx_end_seq_num                   104 
_entity_src_gen.gene_src_common_name               ? 
_entity_src_gen.gene_src_genus                     ? 
_entity_src_gen.pdbx_gene_src_gene                 CPCC7001_1671 
_entity_src_gen.gene_src_species                   ? 
_entity_src_gen.gene_src_strain                    ? 
_entity_src_gen.gene_src_tissue                    ? 
_entity_src_gen.gene_src_tissue_fraction           ? 
_entity_src_gen.gene_src_details                   ? 
_entity_src_gen.pdbx_gene_src_fragment             ? 
_entity_src_gen.pdbx_gene_src_scientific_name      'Cyanobium sp. PCC 7001' 
_entity_src_gen.pdbx_gene_src_ncbi_taxonomy_id     180281 
_entity_src_gen.pdbx_gene_src_variant              ? 
_entity_src_gen.pdbx_gene_src_cell_line            ? 
_entity_src_gen.pdbx_gene_src_atcc                 ? 
_entity_src_gen.pdbx_gene_src_organ                ? 
_entity_src_gen.pdbx_gene_src_organelle            ? 
_entity_src_gen.pdbx_gene_src_cell                 ? 
_entity_src_gen.pdbx_gene_src_cellular_location    ? 
_entity_src_gen.host_org_common_name               ? 
_entity_src_gen.pdbx_host_org_scientific_name      'Escherichia coli BL21(DE3)' 
_entity_src_gen.pdbx_host_org_ncbi_taxonomy_id     469008 
_entity_src_gen.host_org_genus                     ? 
_entity_src_gen.pdbx_host_org_gene                 ? 
_entity_src_gen.pdbx_host_org_organ                ? 
_entity_src_gen.host_org_species                   ? 
_entity_src_gen.pdbx_host_org_tissue               ? 
_entity_src_gen.pdbx_host_org_tissue_fraction      ? 
_entity_src_gen.pdbx_host_org_strain               ? 
_entity_src_gen.pdbx_host_org_variant              ? 
_entity_src_gen.pdbx_host_org_cell_line            ? 
_entity_src_gen.pdbx_host_org_atcc                 ? 
_entity_src_gen.pdbx_host_org_culture_collection   ? 
_entity_src_gen.pdbx_host_org_cell                 ? 
_entity_src_gen.pdbx_host_org_organelle            ? 
_entity_src_gen.pdbx_host_org_cellular_location    ? 
_entity_src_gen.pdbx_host_org_vector_type          ? 
_entity_src_gen.pdbx_host_org_vector               ? 
_entity_src_gen.host_org_details                   ? 
_entity_src_gen.expression_system_id               ? 
_entity_src_gen.plasmid_name                       ? 
_entity_src_gen.plasmid_details                    ? 
_entity_src_gen.pdbx_description                   ? 
# 
_struct_ref.id                         1 
_struct_ref.db_name                    UNP 
_struct_ref.db_code                    B5II98_9CYAN 
_struct_ref.pdbx_db_accession          B5II98 
_struct_ref.pdbx_db_isoform            ? 
_struct_ref.entity_id                  1 
_struct_ref.pdbx_seq_one_letter_code   
;SQQVWKLVIITEEILLKKVSKIIKEAGASGYTVLAAAGEGSRNVRSTGEPSVSHAYSNIKFEVLTASRELADQIQDKVVA
KYFDDYSCITYISTVEALRAHKF
;
_struct_ref.pdbx_align_begin           2 
# 
_struct_ref_seq.align_id                      1 
_struct_ref_seq.ref_id                        1 
_struct_ref_seq.pdbx_PDB_id_code              6MMC 
_struct_ref_seq.pdbx_strand_id                A 
_struct_ref_seq.seq_align_beg                 2 
_struct_ref_seq.pdbx_seq_align_beg_ins_code   ? 
_struct_ref_seq.seq_align_end                 104 
_struct_ref_seq.pdbx_seq_align_end_ins_code   ? 
_struct_ref_seq.pdbx_db_accession             B5II98 
_struct_ref_seq.db_align_beg                  2 
_struct_ref_seq.pdbx_db_align_beg_ins_code    ? 
_struct_ref_seq.db_align_end                  104 
_struct_ref_seq.pdbx_db_align_end_ins_code    ? 
_struct_ref_seq.pdbx_auth_seq_align_beg       2 
_struct_ref_seq.pdbx_auth_seq_align_end       104 
# 
_struct_ref_seq_dif.align_id                     1 
_struct_ref_seq_dif.pdbx_pdb_id_code             6MMC 
_struct_ref_seq_dif.mon_id                       SER 
_struct_ref_seq_dif.pdbx_pdb_strand_id           A 
_struct_ref_seq_dif.seq_num                      1 
_struct_ref_seq_dif.pdbx_pdb_ins_code            ? 
_struct_ref_seq_dif.pdbx_seq_db_name             UNP 
_struct_ref_seq_dif.pdbx_seq_db_accession_code   B5II98 
_struct_ref_seq_dif.db_mon_id                    ? 
_struct_ref_seq_dif.pdbx_seq_db_seq_num          ? 
_struct_ref_seq_dif.details                      'expression tag' 
_struct_ref_seq_dif.pdbx_auth_seq_num            1 
_struct_ref_seq_dif.pdbx_ordinal                 1 
# 
loop_
_chem_comp.id 
_chem_comp.type 
_chem_comp.mon_nstd_flag 
_chem_comp.name 
_chem_comp.pdbx_synonyms 
_chem_comp.formula 
_chem_comp.formula_weight 
ADP non-polymer         n "ADENOSINE-5'-DIPHOSPHATE" ? 'C10 H15 N5 O10 P2' 427.201 
ALA 'L-peptide linking' y ALANINE                    ? 'C3 H7 N O2'        89.093  
ARG 'L-peptide linking' y ARGININE                   ? 'C6 H15 N4 O2 1'    175.209 
ASN 'L-peptide linking' y ASPARAGINE                 ? 'C4 H8 N2 O3'       132.118 
ASP 'L-peptide linking' y 'ASPARTIC ACID'            ? 'C4 H7 N O4'        133.103 
CL  non-polymer         . 'CHLORIDE ION'             ? 'Cl -1'             35.453  
CYS 'L-peptide linking' y CYSTEINE                   ? 'C3 H7 N O2 S'      121.158 
GLN 'L-peptide linking' y GLUTAMINE                  ? 'C5 H10 N2 O3'      146.144 
GLU 'L-peptide linking' y 'GLUTAMIC ACID'            ? 'C5 H9 N O4'        147.129 
GLY 'peptide linking'   y GLYCINE                    ? 'C2 H5 N O2'        75.067  
HIS 'L-peptide linking' y HISTIDINE                  ? 'C6 H10 N3 O2 1'    156.162 
HOH non-polymer         . WATER                      ? 'H2 O'              18.015  
ILE 'L-peptide linking' y ISOLEUCINE                 ? 'C6 H13 N O2'       131.173 
LEU 'L-peptide linking' y LEUCINE                    ? 'C6 H13 N O2'       131.173 
LYS 'L-peptide linking' y LYSINE                     ? 'C6 H15 N2 O2 1'    147.195 
PHE 'L-peptide linking' y PHENYLALANINE              ? 'C9 H11 N O2'       165.189 
PRO 'L-peptide linking' y PROLINE                    ? 'C5 H9 N O2'        115.130 
SER 'L-peptide linking' y SERINE                     ? 'C3 H7 N O3'        105.093 
SO4 non-polymer         . 'SULFATE ION'              ? 'O4 S -2'           96.063  
THR 'L-peptide linking' y THREONINE                  ? 'C4 H9 N O3'        119.119 
TRP 'L-peptide linking' y TRYPTOPHAN                 ? 'C11 H12 N2 O2'     204.225 
TYR 'L-peptide linking' y TYROSINE                   ? 'C9 H11 N O3'       181.189 
VAL 'L-peptide linking' y VALINE                     ? 'C5 H11 N O2'       117.146 
# 
_exptl.absorpt_coefficient_mu     ? 
_exptl.absorpt_correction_T_max   ? 
_exptl.absorpt_correction_T_min   ? 
_exptl.absorpt_correction_type    ? 
_exptl.absorpt_process_details    ? 
_exptl.entry_id                   6MMC 
_exptl.crystals_number            1 
_exptl.details                    ? 
_exptl.method                     'X-RAY DIFFRACTION' 
_exptl.method_details             ? 
# 
_exptl_crystal.colour                      ? 
_exptl_crystal.density_diffrn              ? 
_exptl_crystal.density_Matthews            2.66 
_exptl_crystal.density_method              ? 
_exptl_crystal.density_percent_sol         53.75 
_exptl_crystal.description                 ? 
_exptl_crystal.F_000                       ? 
_exptl_crystal.id                          1 
_exptl_crystal.preparation                 ? 
_exptl_crystal.size_max                    ? 
_exptl_crystal.size_mid                    ? 
_exptl_crystal.size_min                    ? 
_exptl_crystal.size_rad                    ? 
_exptl_crystal.colour_lustre               ? 
_exptl_crystal.colour_modifier             ? 
_exptl_crystal.colour_primary              ? 
_exptl_crystal.density_meas                ? 
_exptl_crystal.density_meas_esd            ? 
_exptl_crystal.density_meas_gt             ? 
_exptl_crystal.density_meas_lt             ? 
_exptl_crystal.density_meas_temp           ? 
_exptl_crystal.density_meas_temp_esd       ? 
_exptl_crystal.density_meas_temp_gt        ? 
_exptl_crystal.density_meas_temp_lt        ? 
_exptl_crystal.pdbx_crystal_image_url      ? 
_exptl_crystal.pdbx_crystal_image_format   ? 
_exptl_crystal.pdbx_mosaicity              ? 
_exptl_crystal.pdbx_mosaicity_esd          ? 
# 
_exptl_crystal_grow.apparatus       ? 
_exptl_crystal_grow.atmosphere      ? 
_exptl_crystal_grow.crystal_id      1 
_exptl_crystal_grow.details         ? 
_exptl_crystal_grow.method          'VAPOR DIFFUSION, SITTING DROP' 
_exptl_crystal_grow.method_ref      ? 
_exptl_crystal_grow.pH              ? 
_exptl_crystal_grow.pressure        ? 
_exptl_crystal_grow.pressure_esd    ? 
_exptl_crystal_grow.seeding         ? 
_exptl_crystal_grow.seeding_ref     ? 
_exptl_crystal_grow.temp            293 
_exptl_crystal_grow.temp_details    ? 
_exptl_crystal_grow.temp_esd        ? 
_exptl_crystal_grow.time            ? 
_exptl_crystal_grow.pdbx_details    '2.5 M Ammonium Sulfate' 
_exptl_crystal_grow.pdbx_pH_range   ? 
# 
_diffrn.ambient_environment              ? 
_diffrn.ambient_temp                     100 
_diffrn.ambient_temp_details             ? 
_diffrn.ambient_temp_esd                 ? 
_diffrn.crystal_id                       1 
_diffrn.crystal_support                  ? 
_diffrn.crystal_treatment                ? 
_diffrn.details                          ? 
_diffrn.id                               1 
_diffrn.ambient_pressure                 ? 
_diffrn.ambient_pressure_esd             ? 
_diffrn.ambient_pressure_gt              ? 
_diffrn.ambient_pressure_lt              ? 
_diffrn.ambient_temp_gt                  ? 
_diffrn.ambient_temp_lt                  ? 
_diffrn.pdbx_serial_crystal_experiment   N 
# 
_diffrn_detector.details                      ? 
_diffrn_detector.detector                     PIXEL 
_diffrn_detector.diffrn_id                    1 
_diffrn_detector.type                         'DECTRIS EIGER X 16M' 
_diffrn_detector.area_resol_mean              ? 
_diffrn_detector.dtime                        ? 
_diffrn_detector.pdbx_frames_total            ? 
_diffrn_detector.pdbx_collection_time_total   ? 
_diffrn_detector.pdbx_collection_date         2018-06-23 
_diffrn_detector.pdbx_frequency               ? 
# 
_diffrn_radiation.collimation                      ? 
_diffrn_radiation.diffrn_id                        1 
_diffrn_radiation.filter_edge                      ? 
_diffrn_radiation.inhomogeneity                    ? 
_diffrn_radiation.monochromator                    ? 
_diffrn_radiation.polarisn_norm                    ? 
_diffrn_radiation.polarisn_ratio                   ? 
_diffrn_radiation.probe                            ? 
_diffrn_radiation.type                             ? 
_diffrn_radiation.xray_symbol                      ? 
_diffrn_radiation.wavelength_id                    1 
_diffrn_radiation.pdbx_monochromatic_or_laue_m_l   M 
_diffrn_radiation.pdbx_wavelength_list             ? 
_diffrn_radiation.pdbx_wavelength                  ? 
_diffrn_radiation.pdbx_diffrn_protocol             'SINGLE WAVELENGTH' 
_diffrn_radiation.pdbx_analyzer                    ? 
_diffrn_radiation.pdbx_scattering_type             x-ray 
# 
_diffrn_radiation_wavelength.id           1 
_diffrn_radiation_wavelength.wavelength   0.9537 
_diffrn_radiation_wavelength.wt           1.0 
# 
_diffrn_source.current                     ? 
_diffrn_source.details                     ? 
_diffrn_source.diffrn_id                   1 
_diffrn_source.power                       ? 
_diffrn_source.size                        ? 
_diffrn_source.source                      SYNCHROTRON 
_diffrn_source.target                      ? 
_diffrn_source.type                        'AUSTRALIAN SYNCHROTRON BEAMLINE MX2' 
_diffrn_source.voltage                     ? 
_diffrn_source.take-off_angle              ? 
_diffrn_source.pdbx_wavelength_list        0.9537 
_diffrn_source.pdbx_wavelength             ? 
_diffrn_source.pdbx_synchrotron_beamline   MX2 
_diffrn_source.pdbx_synchrotron_site       'Australian Synchrotron' 
# 
_reflns.B_iso_Wilson_estimate            23.554052012 
_reflns.entry_id                         6MMC 
_reflns.data_reduction_details           ? 
_reflns.data_reduction_method            ? 
_reflns.d_resolution_high                1.42 
_reflns.d_resolution_low                 49.44 
_reflns.details                          ? 
_reflns.limit_h_max                      ? 
_reflns.limit_h_min                      ? 
_reflns.limit_k_max                      ? 
_reflns.limit_k_min                      ? 
_reflns.limit_l_max                      ? 
_reflns.limit_l_min                      ? 
_reflns.number_all                       ? 
_reflns.number_obs                       24053 
_reflns.observed_criterion               ? 
_reflns.observed_criterion_F_max         ? 
_reflns.observed_criterion_F_min         ? 
_reflns.observed_criterion_I_max         ? 
_reflns.observed_criterion_I_min         ? 
_reflns.observed_criterion_sigma_F       ? 
_reflns.observed_criterion_sigma_I       ? 
_reflns.percent_possible_obs             100 
_reflns.R_free_details                   ? 
_reflns.Rmerge_F_all                     ? 
_reflns.Rmerge_F_obs                     ? 
_reflns.Friedel_coverage                 ? 
_reflns.number_gt                        ? 
_reflns.threshold_expression             ? 
_reflns.pdbx_redundancy                  37.8 
_reflns.pdbx_Rmerge_I_obs                0.105 
_reflns.pdbx_Rmerge_I_all                ? 
_reflns.pdbx_Rsym_value                  ? 
_reflns.pdbx_netI_over_av_sigmaI         22.6 
_reflns.pdbx_netI_over_sigmaI            22.6 
_reflns.pdbx_res_netI_over_av_sigmaI_2   ? 
_reflns.pdbx_res_netI_over_sigmaI_2      ? 
_reflns.pdbx_chi_squared                 ? 
_reflns.pdbx_scaling_rejects             ? 
_reflns.pdbx_d_res_high_opt              ? 
_reflns.pdbx_d_res_low_opt               ? 
_reflns.pdbx_d_res_opt_method            ? 
_reflns.phase_calculation_details        ? 
_reflns.pdbx_Rrim_I_all                  0.0108 
_reflns.pdbx_Rpim_I_all                  0.024 
_reflns.pdbx_d_opt                       ? 
_reflns.pdbx_number_measured_all         ? 
_reflns.pdbx_diffrn_id                   1 
_reflns.pdbx_ordinal                     1 
_reflns.pdbx_CC_half                     1.0 
_reflns.pdbx_R_split                     ? 
# 
_reflns_shell.d_res_high                  1.42 
_reflns_shell.d_res_low                   1.44 
_reflns_shell.meanI_over_sigI_all         ? 
_reflns_shell.meanI_over_sigI_obs         ? 
_reflns_shell.number_measured_all         ? 
_reflns_shell.number_measured_obs         ? 
_reflns_shell.number_possible             ? 
_reflns_shell.number_unique_all           ? 
_reflns_shell.number_unique_obs           1180 
_reflns_shell.percent_possible_all        100.0 
_reflns_shell.percent_possible_obs        ? 
_reflns_shell.Rmerge_F_all                ? 
_reflns_shell.Rmerge_F_obs                ? 
_reflns_shell.Rmerge_I_all                ? 
_reflns_shell.Rmerge_I_obs                ? 
_reflns_shell.meanI_over_sigI_gt          ? 
_reflns_shell.meanI_over_uI_all           ? 
_reflns_shell.meanI_over_uI_gt            ? 
_reflns_shell.number_measured_gt          ? 
_reflns_shell.number_unique_gt            ? 
_reflns_shell.percent_possible_gt         ? 
_reflns_shell.Rmerge_F_gt                 ? 
_reflns_shell.Rmerge_I_gt                 ? 
_reflns_shell.pdbx_redundancy             36.3 
_reflns_shell.pdbx_Rsym_value             ? 
_reflns_shell.pdbx_chi_squared            ? 
_reflns_shell.pdbx_netI_over_sigmaI_all   ? 
_reflns_shell.pdbx_netI_over_sigmaI_obs   ? 
_reflns_shell.pdbx_Rrim_I_all             ? 
_reflns_shell.pdbx_Rpim_I_all             ? 
_reflns_shell.pdbx_rejects                ? 
_reflns_shell.pdbx_ordinal                1 
_reflns_shell.pdbx_diffrn_id              1 
_reflns_shell.pdbx_CC_half                0.380 
_reflns_shell.pdbx_R_split                ? 
# 
_refine.aniso_B[1][1]                            ? 
_refine.aniso_B[1][2]                            ? 
_refine.aniso_B[1][3]                            ? 
_refine.aniso_B[2][2]                            ? 
_refine.aniso_B[2][3]                            ? 
_refine.aniso_B[3][3]                            ? 
_refine.B_iso_max                                ? 
_refine.B_iso_mean                               ? 
_refine.B_iso_min                                ? 
_refine.correlation_coeff_Fo_to_Fc               ? 
_refine.correlation_coeff_Fo_to_Fc_free          ? 
_refine.details                                  ? 
_refine.diff_density_max                         ? 
_refine.diff_density_max_esd                     ? 
_refine.diff_density_min                         ? 
_refine.diff_density_min_esd                     ? 
_refine.diff_density_rms                         ? 
_refine.diff_density_rms_esd                     ? 
_refine.entry_id                                 6MMC 
_refine.pdbx_refine_id                           'X-RAY DIFFRACTION' 
_refine.ls_abs_structure_details                 ? 
_refine.ls_abs_structure_Flack                   ? 
_refine.ls_abs_structure_Flack_esd               ? 
_refine.ls_abs_structure_Rogers                  ? 
_refine.ls_abs_structure_Rogers_esd              ? 
_refine.ls_d_res_high                            1.42 
_refine.ls_d_res_low                             49.44 
_refine.ls_extinction_coef                       ? 
_refine.ls_extinction_coef_esd                   ? 
_refine.ls_extinction_expression                 ? 
_refine.ls_extinction_method                     ? 
_refine.ls_goodness_of_fit_all                   ? 
_refine.ls_goodness_of_fit_all_esd               ? 
_refine.ls_goodness_of_fit_obs                   ? 
_refine.ls_goodness_of_fit_obs_esd               ? 
_refine.ls_hydrogen_treatment                    ? 
_refine.ls_matrix_type                           ? 
_refine.ls_number_constraints                    ? 
_refine.ls_number_parameters                     ? 
_refine.ls_number_reflns_all                     ? 
_refine.ls_number_reflns_obs                     24048 
_refine.ls_number_reflns_R_free                  ? 
_refine.ls_number_reflns_R_work                  ? 
_refine.ls_number_restraints                     ? 
_refine.ls_percent_reflns_obs                    99.96 
_refine.ls_percent_reflns_R_free                 ? 
_refine.ls_R_factor_all                          ? 
_refine.ls_R_factor_obs                          ? 
_refine.ls_R_factor_R_free                       0.1984 
_refine.ls_R_factor_R_free_error                 ? 
_refine.ls_R_factor_R_free_error_details         ? 
_refine.ls_R_factor_R_work                       0.1717 
_refine.ls_R_Fsqd_factor_obs                     ? 
_refine.ls_R_I_factor_obs                        ? 
_refine.ls_redundancy_reflns_all                 ? 
_refine.ls_redundancy_reflns_obs                 ? 
_refine.ls_restrained_S_all                      ? 
_refine.ls_restrained_S_obs                      ? 
_refine.ls_shift_over_esd_max                    ? 
_refine.ls_shift_over_esd_mean                   ? 
_refine.ls_structure_factor_coef                 ? 
_refine.ls_weighting_details                     ? 
_refine.ls_weighting_scheme                      ? 
_refine.ls_wR_factor_all                         ? 
_refine.ls_wR_factor_obs                         ? 
_refine.ls_wR_factor_R_free                      ? 
_refine.ls_wR_factor_R_work                      ? 
_refine.occupancy_max                            ? 
_refine.occupancy_min                            ? 
_refine.solvent_model_details                    ? 
_refine.solvent_model_param_bsol                 ? 
_refine.solvent_model_param_ksol                 ? 
_refine.ls_R_factor_gt                           ? 
_refine.ls_goodness_of_fit_gt                    ? 
_refine.ls_goodness_of_fit_ref                   ? 
_refine.ls_shift_over_su_max                     ? 
_refine.ls_shift_over_su_max_lt                  ? 
_refine.ls_shift_over_su_mean                    ? 
_refine.ls_shift_over_su_mean_lt                 ? 
_refine.pdbx_ls_sigma_I                          ? 
_refine.pdbx_ls_sigma_F                          ? 
_refine.pdbx_ls_sigma_Fsqd                       ? 
_refine.pdbx_data_cutoff_high_absF               ? 
_refine.pdbx_data_cutoff_high_rms_absF           ? 
_refine.pdbx_data_cutoff_low_absF                ? 
_refine.pdbx_isotropic_thermal_model             ? 
_refine.pdbx_ls_cross_valid_method               'FREE R-VALUE' 
_refine.pdbx_method_to_determine_struct          'MOLECULAR REPLACEMENT' 
_refine.pdbx_starting_model                      6MM2 
_refine.pdbx_stereochemistry_target_values       ? 
_refine.pdbx_R_Free_selection_details            ? 
_refine.pdbx_stereochem_target_val_spec_case     ? 
_refine.pdbx_overall_ESU_R                       ? 
_refine.pdbx_overall_ESU_R_Free                  ? 
_refine.pdbx_solvent_vdw_probe_radii             ? 
_refine.pdbx_solvent_ion_probe_radii             ? 
_refine.pdbx_solvent_shrinkage_radii             ? 
_refine.pdbx_real_space_R                        ? 
_refine.pdbx_density_correlation                 ? 
_refine.pdbx_pd_number_of_powder_patterns        ? 
_refine.pdbx_pd_number_of_points                 ? 
_refine.pdbx_pd_meas_number_of_points            ? 
_refine.pdbx_pd_proc_ls_prof_R_factor            ? 
_refine.pdbx_pd_proc_ls_prof_wR_factor           ? 
_refine.pdbx_pd_Marquardt_correlation_coeff      ? 
_refine.pdbx_pd_Fsqrd_R_factor                   ? 
_refine.pdbx_pd_ls_matrix_band_width             ? 
_refine.pdbx_overall_phase_error                 ? 
_refine.pdbx_overall_SU_R_free_Cruickshank_DPI   ? 
_refine.pdbx_overall_SU_R_free_Blow_DPI          ? 
_refine.pdbx_overall_SU_R_Blow_DPI               ? 
_refine.pdbx_TLS_residual_ADP_flag               ? 
_refine.pdbx_diffrn_id                           1 
_refine.overall_SU_B                             ? 
_refine.overall_SU_ML                            ? 
_refine.overall_SU_R_Cruickshank_DPI             ? 
_refine.overall_SU_R_free                        ? 
_refine.overall_FOM_free_R_set                   ? 
_refine.overall_FOM_work_R_set                   ? 
_refine.pdbx_average_fsc_overall                 ? 
_refine.pdbx_average_fsc_work                    ? 
_refine.pdbx_average_fsc_free                    ? 
# 
_refine_hist.pdbx_refine_id                   'X-RAY DIFFRACTION' 
_refine_hist.cycle_id                         LAST 
_refine_hist.pdbx_number_atoms_protein        698 
_refine_hist.pdbx_number_atoms_nucleic_acid   0 
_refine_hist.pdbx_number_atoms_ligand         33 
_refine_hist.number_atoms_solvent             68 
_refine_hist.number_atoms_total               799 
_refine_hist.d_res_high                       1.42 
_refine_hist.d_res_low                        49.44 
# 
_refine_ls_shell.R_factor_R_free                  0.3775 
_refine_ls_shell.R_factor_R_free_error            ? 
_refine_ls_shell.R_factor_R_work                  0.3114 
_refine_ls_shell.R_factor_all                     ? 
_refine_ls_shell.R_factor_obs                     ? 
_refine_ls_shell.d_res_high                       1.42 
_refine_ls_shell.d_res_low                        1.471 
_refine_ls_shell.number_reflns_R_free             ? 
_refine_ls_shell.number_reflns_R_work             ? 
_refine_ls_shell.number_reflns_all                ? 
_refine_ls_shell.number_reflns_obs                2345 
_refine_ls_shell.pdbx_fsc_free                    ? 
_refine_ls_shell.pdbx_fsc_work                    ? 
_refine_ls_shell.pdbx_phase_error                 ? 
_refine_ls_shell.pdbx_refine_id                   'X-RAY DIFFRACTION' 
_refine_ls_shell.pdbx_total_number_of_bins_used   ? 
_refine_ls_shell.percent_reflns_R_free            ? 
_refine_ls_shell.percent_reflns_obs               99.91 
_refine_ls_shell.redundancy_reflns_all            ? 
_refine_ls_shell.redundancy_reflns_obs            ? 
_refine_ls_shell.wR_factor_R_free                 ? 
_refine_ls_shell.wR_factor_R_work                 ? 
_refine_ls_shell.wR_factor_all                    ? 
_refine_ls_shell.wR_factor_obs                    ? 
# 
_struct.entry_id                     6MMC 
_struct.title                        'Carbon regulatory PII-like protein SbtB from Cyanobium sp. 7001 bound to ADP' 
_struct.pdbx_model_details           ? 
_struct.pdbx_formula_weight          ? 
_struct.pdbx_formula_weight_method   ? 
_struct.pdbx_model_type_details      ? 
_struct.pdbx_CASP_flag               N 
# 
_struct_keywords.entry_id        6MMC 
_struct_keywords.text            'PII-like protein, SbtB, regulatory protein, SIGNALING PROTEIN' 
_struct_keywords.pdbx_keywords   'SIGNALING PROTEIN' 
# 
loop_
_struct_asym.id 
_struct_asym.pdbx_blank_PDB_chainid_flag 
_struct_asym.pdbx_modified 
_struct_asym.entity_id 
_struct_asym.details 
A N N 1 ? 
B N N 2 ? 
C N N 3 ? 
D N N 4 ? 
E N N 5 ? 
# 
loop_
_struct_conf.conf_type_id 
_struct_conf.id 
_struct_conf.pdbx_PDB_helix_id 
_struct_conf.beg_label_comp_id 
_struct_conf.beg_label_asym_id 
_struct_conf.beg_label_seq_id 
_struct_conf.pdbx_beg_PDB_ins_code 
_struct_conf.end_label_comp_id 
_struct_conf.end_label_asym_id 
_struct_conf.end_label_seq_id 
_struct_conf.pdbx_end_PDB_ins_code 
_struct_conf.beg_auth_comp_id 
_struct_conf.beg_auth_asym_id 
_struct_conf.beg_auth_seq_id 
_struct_conf.end_auth_comp_id 
_struct_conf.end_auth_asym_id 
_struct_conf.end_auth_seq_id 
_struct_conf.pdbx_PDB_helix_class 
_struct_conf.details 
_struct_conf.pdbx_PDB_helix_length 
HELX_P HELX_P1 AA1 LEU A 16 ? GLY A 28 ? LEU A 16 GLY A 28 1 ? 13 
HELX_P HELX_P2 AA2 SER A 68 ? PHE A 84 ? SER A 68 PHE A 84 1 ? 17 
# 
_struct_conf_type.id          HELX_P 
_struct_conf_type.criteria    ? 
_struct_conf_type.reference   ? 
# 
_struct_sheet.id               AA1 
_struct_sheet.type             ? 
_struct_sheet.number_strands   4 
_struct_sheet.details          ? 
# 
loop_
_struct_sheet_order.sheet_id 
_struct_sheet_order.range_id_1 
_struct_sheet_order.range_id_2 
_struct_sheet_order.offset 
_struct_sheet_order.sense 
AA1 1 2 ? anti-parallel 
AA1 2 3 ? anti-parallel 
AA1 3 4 ? anti-parallel 
# 
loop_
_struct_sheet_range.sheet_id 
_struct_sheet_range.id 
_struct_sheet_range.beg_label_comp_id 
_struct_sheet_range.beg_label_asym_id 
_struct_sheet_range.beg_label_seq_id 
_struct_sheet_range.pdbx_beg_PDB_ins_code 
_struct_sheet_range.end_label_comp_id 
_struct_sheet_range.end_label_asym_id 
_struct_sheet_range.end_label_seq_id 
_struct_sheet_range.pdbx_end_PDB_ins_code 
_struct_sheet_range.beg_auth_comp_id 
_struct_sheet_range.beg_auth_asym_id 
_struct_sheet_range.beg_auth_seq_id 
_struct_sheet_range.end_auth_comp_id 
_struct_sheet_range.end_auth_asym_id 
_struct_sheet_range.end_auth_seq_id 
AA1 1 THR A 33 ? GLY A 39 ? THR A 33 GLY A 39 
AA1 2 TYR A 57 ? THR A 66 ? TYR A 57 THR A 66 
AA1 3 VAL A 5  ? THR A 12 ? VAL A 5  THR A 12 
AA1 4 CYS A 89 ? VAL A 96 ? CYS A 89 VAL A 96 
# 
loop_
_pdbx_struct_sheet_hbond.sheet_id 
_pdbx_struct_sheet_hbond.range_id_1 
_pdbx_struct_sheet_hbond.range_id_2 
_pdbx_struct_sheet_hbond.range_1_label_atom_id 
_pdbx_struct_sheet_hbond.range_1_label_comp_id 
_pdbx_struct_sheet_hbond.range_1_label_asym_id 
_pdbx_struct_sheet_hbond.range_1_label_seq_id 
_pdbx_struct_sheet_hbond.range_1_PDB_ins_code 
_pdbx_struct_sheet_hbond.range_1_auth_atom_id 
_pdbx_struct_sheet_hbond.range_1_auth_comp_id 
_pdbx_struct_sheet_hbond.range_1_auth_asym_id 
_pdbx_struct_sheet_hbond.range_1_auth_seq_id 
_pdbx_struct_sheet_hbond.range_2_label_atom_id 
_pdbx_struct_sheet_hbond.range_2_label_comp_id 
_pdbx_struct_sheet_hbond.range_2_label_asym_id 
_pdbx_struct_sheet_hbond.range_2_label_seq_id 
_pdbx_struct_sheet_hbond.range_2_PDB_ins_code 
_pdbx_struct_sheet_hbond.range_2_auth_atom_id 
_pdbx_struct_sheet_hbond.range_2_auth_comp_id 
_pdbx_struct_sheet_hbond.range_2_auth_asym_id 
_pdbx_struct_sheet_hbond.range_2_auth_seq_id 
AA1 1 2 N THR A 33 ? N THR A 33 O GLU A 63 ? O GLU A 63 
AA1 2 3 O PHE A 62 ? O PHE A 62 N ILE A 10 ? N ILE A 10 
AA1 3 4 N VAL A 9  ? N VAL A 9  O TYR A 92 ? O TYR A 92 
# 
loop_
_struct_site.id 
_struct_site.pdbx_evidence_code 
_struct_site.pdbx_auth_asym_id 
_struct_site.pdbx_auth_comp_id 
_struct_site.pdbx_auth_seq_id 
_struct_site.pdbx_auth_ins_code 
_struct_site.pdbx_num_residues 
_struct_site.details 
AC1 Software A CL  201 ? 3  'binding site for residue CL A 201'  
AC2 Software A SO4 202 ? 9  'binding site for residue SO4 A 202' 
AC3 Software A ADP 203 ? 20 'binding site for residue ADP A 203' 
# 
loop_
_struct_site_gen.id 
_struct_site_gen.site_id 
_struct_site_gen.pdbx_num_res 
_struct_site_gen.label_comp_id 
_struct_site_gen.label_asym_id 
_struct_site_gen.label_seq_id 
_struct_site_gen.pdbx_auth_ins_code 
_struct_site_gen.auth_comp_id 
_struct_site_gen.auth_asym_id 
_struct_site_gen.auth_seq_id 
_struct_site_gen.label_atom_id 
_struct_site_gen.label_alt_id 
_struct_site_gen.symmetry 
_struct_site_gen.details 
1  AC1 3  LYS A 61  ? LYS A 61  . ? 3_565 ? 
2  AC1 3  LYS A 61  ? LYS A 61  . ? 2_665 ? 
3  AC1 3  LYS A 61  ? LYS A 61  . ? 1_555 ? 
4  AC2 9  LYS A 7   ? LYS A 7   . ? 3_565 ? 
5  AC2 9  LYS A 7   ? LYS A 7   . ? 1_555 ? 
6  AC2 9  LYS A 7   ? LYS A 7   . ? 2_665 ? 
7  AC2 9  HOH E .   ? HOH A 306 . ? 2_665 ? 
8  AC2 9  HOH E .   ? HOH A 306 . ? 3_565 ? 
9  AC2 9  HOH E .   ? HOH A 306 . ? 1_555 ? 
10 AC2 9  HOH E .   ? HOH A 307 . ? 1_555 ? 
11 AC2 9  HOH E .   ? HOH A 307 . ? 2_665 ? 
12 AC2 9  HOH E .   ? HOH A 307 . ? 3_565 ? 
13 AC3 20 ILE A 11  ? ILE A 11  . ? 1_555 ? 
14 AC3 20 SER A 30  ? SER A 30  . ? 2_665 ? 
15 AC3 20 GLY A 31  ? GLY A 31  . ? 2_665 ? 
16 AC3 20 TYR A 32  ? TYR A 32  . ? 2_665 ? 
17 AC3 20 THR A 33  ? THR A 33  . ? 2_665 ? 
18 AC3 20 GLY A 39  ? GLY A 39  . ? 1_555 ? 
19 AC3 20 GLU A 40  ? GLU A 40  . ? 1_555 ? 
20 AC3 20 GLY A 41  ? GLY A 41  . ? 1_555 ? 
21 AC3 20 SER A 42  ? SER A 42  . ? 1_555 ? 
22 AC3 20 TYR A 57  ? TYR A 57  . ? 1_555 ? 
23 AC3 20 ASN A 59  ? ASN A 59  . ? 1_555 ? 
24 AC3 20 GLU A 63  ? GLU A 63  . ? 2_665 ? 
25 AC3 20 LEU A 65  ? LEU A 65  . ? 2_665 ? 
26 AC3 20 SER A 88  ? SER A 88  . ? 1_555 ? 
27 AC3 20 CYS A 89  ? CYS A 89  . ? 1_555 ? 
28 AC3 20 ILE A 90  ? ILE A 90  . ? 1_555 ? 
29 AC3 20 HIS A 102 ? HIS A 102 . ? 2_665 ? 
30 AC3 20 HOH E .   ? HOH A 305 . ? 2_665 ? 
31 AC3 20 HOH E .   ? HOH A 308 . ? 1_555 ? 
32 AC3 20 HOH E .   ? HOH A 309 . ? 2_665 ? 
# 
_atom_sites.entry_id                    6MMC 
_atom_sites.Cartn_transf_matrix[1][1]   ? 
_atom_sites.Cartn_transf_matrix[1][2]   ? 
_atom_sites.Cartn_transf_matrix[1][3]   ? 
_atom_sites.Cartn_transf_matrix[2][1]   ? 
_atom_sites.Cartn_transf_matrix[2][2]   ? 
_atom_sites.Cartn_transf_matrix[2][3]   ? 
_atom_sites.Cartn_transf_matrix[3][1]   ? 
_atom_sites.Cartn_transf_matrix[3][2]   ? 
_atom_sites.Cartn_transf_matrix[3][3]   ? 
_atom_sites.Cartn_transf_vector[1]      ? 
_atom_sites.Cartn_transf_vector[2]      ? 
_atom_sites.Cartn_transf_vector[3]      ? 
_atom_sites.fract_transf_matrix[1][1]   0.01029023 
_atom_sites.fract_transf_matrix[1][2]   -0.00244698 
_atom_sites.fract_transf_matrix[1][3]   0.01308320 
_atom_sites.fract_transf_matrix[2][1]   0.00273572 
_atom_sites.fract_transf_matrix[2][2]   0.01244003 
_atom_sites.fract_transf_matrix[2][3]   0.01099282 
_atom_sites.fract_transf_matrix[3][1]   -0.00868740 
_atom_sites.fract_transf_matrix[3][2]   -0.00354205 
_atom_sites.fract_transf_matrix[3][3]   0.00617036 
_atom_sites.fract_transf_vector[1]      0.264498 
_atom_sites.fract_transf_vector[2]      0.471715 
_atom_sites.fract_transf_vector[3]      -0.070060 
_atom_sites.solution_primary            ? 
_atom_sites.solution_secondary          ? 
_atom_sites.solution_hydrogens          ? 
_atom_sites.special_details             ? 
# 
loop_
_atom_type.symbol 
_atom_type.scat_dispersion_real 
_atom_type.scat_dispersion_imag 
_atom_type.scat_Cromer_Mann_a1 
_atom_type.scat_Cromer_Mann_a2 
_atom_type.scat_Cromer_Mann_b1 
_atom_type.scat_Cromer_Mann_b2 
_atom_type.scat_Cromer_Mann_c 
_atom_type.scat_source 
_atom_type.scat_dispersion_source 
C    ? ? 3.54356  2.42580 25.62398 1.50364  0.0 
;2-Gaussian fit: Grosse-Kunstleve RW, Sauter NK, Adams PD: Newsletter of the IUCr Commission on Crystallographic Computing 2004, 3, 22-31.
;
? 
CL   ? ? ?        ?       ?        ?        ?   ? ? 
CL1- ? ? 10.45091 7.48833 1.54457  31.67128 0.0 
;2-Gaussian fit: Grosse-Kunstleve RW, Sauter NK, Adams PD: Newsletter of the IUCr Commission on Crystallographic Computing 2004, 3, 22-31.
;
? 
H    ? ? 0.51345  0.48472 24.73122 6.32584  0.0 
;2-Gaussian fit: Grosse-Kunstleve RW, Sauter NK, Adams PD: Newsletter of the IUCr Commission on Crystallographic Computing 2004, 3, 22-31.
;
? 
N    ? ? 4.01032  2.96436 19.97189 1.75589  0.0 
;2-Gaussian fit: Grosse-Kunstleve RW, Sauter NK, Adams PD: Newsletter of the IUCr Commission on Crystallographic Computing 2004, 3, 22-31.
;
? 
NA   ? ? ?        ?       ?        ?        ?   ? ? 
NA1+ ? ? 5.56094  4.42395 7.30808  1.06976  0.0 
;2-Gaussian fit: Grosse-Kunstleve RW, Sauter NK, Adams PD: Newsletter of the IUCr Commission on Crystallographic Computing 2004, 3, 22-31.
;
? 
O    ? ? 4.49882  3.47563 15.80542 1.70748  0.0 
;2-Gaussian fit: Grosse-Kunstleve RW, Sauter NK, Adams PD: Newsletter of the IUCr Commission on Crystallographic Computing 2004, 3, 22-31.
;
? 
P    ? ? 9.51135  5.44231 1.42069  35.72801 0.0 
;2-Gaussian fit: Grosse-Kunstleve RW, Sauter NK, Adams PD: Newsletter of the IUCr Commission on Crystallographic Computing 2004, 3, 22-31.
;
? 
S    ? ? 9.55732  6.39887 1.23737  29.19336 0.0 
;2-Gaussian fit: Grosse-Kunstleve RW, Sauter NK, Adams PD: Newsletter of the IUCr Commission on Crystallographic Computing 2004, 3, 22-31.
;
? 
# 
loop_
_atom_site.group_PDB 
_atom_site.id 
_atom_site.type_symbol 
_atom_site.label_atom_id 
_atom_site.label_alt_id 
_atom_site.label_comp_id 
_atom_site.label_asym_id 
_atom_site.label_entity_id 
_atom_site.label_seq_id 
_atom_site.pdbx_PDB_ins_code 
_atom_site.Cartn_x 
_atom_site.Cartn_y 
_atom_site.Cartn_z 
_atom_site.occupancy 
_atom_site.B_iso_or_equiv 
_atom_site.pdbx_formal_charge 
_atom_site.auth_seq_id 
_atom_site.auth_comp_id 
_atom_site.auth_asym_id 
_atom_site.auth_atom_id 
_atom_site.pdbx_PDB_model_num 
ATOM   1   N  N      . GLN A 1 3   ? -19.54842 6.91618   6.38593   1.000 84.69173  ? 3   GLN A N      1 
ATOM   2   C  CA     . GLN A 1 3   ? -19.08487 5.84471   5.51176   1.000 75.08005  ? 3   GLN A CA     1 
ATOM   3   C  C      . GLN A 1 3   ? -17.56603 5.76089   5.60208   1.000 64.41299  ? 3   GLN A C      1 
ATOM   4   O  O      . GLN A 1 3   ? -16.85763 6.68969   5.19814   1.000 61.81531  ? 3   GLN A O      1 
ATOM   5   C  CB     . GLN A 1 3   ? -19.53445 6.07818   4.07378   1.000 76.25651  ? 3   GLN A CB     1 
ATOM   6   C  CG     . GLN A 1 3   ? -19.21946 4.90760   3.15741   1.000 77.67510  ? 3   GLN A CG     1 
ATOM   7   C  CD     . GLN A 1 3   ? -19.61033 5.16393   1.71875   1.000 79.40952  ? 3   GLN A CD     1 
ATOM   8   O  OE1    . GLN A 1 3   ? -18.76393 5.14907   0.82547   1.000 80.30963  ? 3   GLN A OE1    1 
ATOM   9   N  NE2    . GLN A 1 3   ? -20.89762 5.39489   1.48388   1.000 79.89642  ? 3   GLN A NE2    1 
ATOM   10  N  N      . GLN A 1 4   ? -17.06879 4.65073   6.13621   1.000 56.21990  ? 4   GLN A N      1 
ATOM   11  C  CA     . GLN A 1 4   ? -15.64064 4.43267   6.28928   1.000 49.75333  ? 4   GLN A CA     1 
ATOM   12  C  C      . GLN A 1 4   ? -15.08876 3.77031   5.03730   1.000 39.34419  ? 4   GLN A C      1 
ATOM   13  O  O      . GLN A 1 4   ? -15.73100 2.90428   4.43847   1.000 40.88648  ? 4   GLN A O      1 
ATOM   14  C  CB     . GLN A 1 4   ? -15.36308 3.52745   7.49255   1.000 56.19095  ? 4   GLN A CB     1 
ATOM   15  C  CG     . GLN A 1 4   ? -15.88541 4.05655   8.82064   1.000 61.67582  ? 4   GLN A CG     1 
ATOM   16  C  CD     . GLN A 1 4   ? -15.13370 5.28472   9.29922   1.000 65.62629  ? 4   GLN A CD     1 
ATOM   17  O  OE1    . GLN A 1 4   ? -13.90337 5.28933   9.36894   1.000 67.15279  ? 4   GLN A OE1    1 
ATOM   18  N  NE2    . GLN A 1 4   ? -15.87411 6.33776   9.63105   1.000 67.10541  ? 4   GLN A NE2    1 
ATOM   19  N  N      . VAL A 1 5   ? -13.89239 4.19092   4.64469   1.000 30.05624  ? 5   VAL A N      1 
ATOM   20  C  CA     . VAL A 1 5   ? -13.10416 3.49425   3.64208   1.000 27.00850  ? 5   VAL A CA     1 
ATOM   21  C  C      . VAL A 1 5   ? -11.75686 3.14510   4.26667   1.000 21.61312  ? 5   VAL A C      1 
ATOM   22  O  O      . VAL A 1 5   ? -11.41025 3.60775   5.34964   1.000 23.05276  ? 5   VAL A O      1 
ATOM   23  C  CB     . VAL A 1 5   ? -12.94528 4.29519   2.33647   1.000 32.11964  ? 5   VAL A CB     1 
ATOM   24  C  CG1    . VAL A 1 5   ? -14.27415 4.87561   1.88332   1.000 32.51442  ? 5   VAL A CG1    1 
ATOM   25  C  CG2    . VAL A 1 5   ? -11.91648 5.36629   2.49989   1.000 32.32756  ? 5   VAL A CG2    1 
ATOM   26  N  N      . TRP A 1 6   ? -11.00988 2.28867   3.59288   1.000 20.18137  ? 6   TRP A N      1 
ATOM   27  C  CA     . TRP A 1 6   ? -9.79975  1.72569   4.16911   1.000 21.25518  ? 6   TRP A CA     1 
ATOM   28  C  C      . TRP A 1 6   ? -8.55614  2.30756   3.51338   1.000 20.26032  ? 6   TRP A C      1 
ATOM   29  O  O      . TRP A 1 6   ? -8.55784  2.64684   2.32632   1.000 21.83420  ? 6   TRP A O      1 
ATOM   30  C  CB     . TRP A 1 6   ? -9.81071  0.21115   3.99401   1.000 23.62125  ? 6   TRP A CB     1 
ATOM   31  C  CG     . TRP A 1 6   ? -10.91581 -0.38373  4.77540   1.000 26.91112  ? 6   TRP A CG     1 
ATOM   32  C  CD1    . TRP A 1 6   ? -12.18498 -0.63668  4.34285   1.000 30.86159  ? 6   TRP A CD1    1 
ATOM   33  C  CD2    . TRP A 1 6   ? -10.87363 -0.76722  6.15241   1.000 31.71170  ? 6   TRP A CD2    1 
ATOM   34  N  NE1    . TRP A 1 6   ? -12.92812 -1.16774  5.36295   1.000 33.42769  ? 6   TRP A NE1    1 
ATOM   35  C  CE2    . TRP A 1 6   ? -12.15127 -1.25213  6.48650   1.000 34.13304  ? 6   TRP A CE2    1 
ATOM   36  C  CE3    . TRP A 1 6   ? -9.88303  -0.74307  7.13513   1.000 35.95694  ? 6   TRP A CE3    1 
ATOM   37  C  CZ2    . TRP A 1 6   ? -12.46274 -1.72596  7.76141   1.000 39.42841  ? 6   TRP A CZ2    1 
ATOM   38  C  CZ3    . TRP A 1 6   ? -10.19369 -1.21234  8.40469   1.000 38.88098  ? 6   TRP A CZ3    1 
ATOM   39  C  CH2    . TRP A 1 6   ? -11.47307 -1.69521  8.70475   1.000 39.85478  ? 6   TRP A CH2    1 
ATOM   40  N  N      . LYS A 1 7   ? -7.49238  2.43191   4.30175   1.000 19.76026  ? 7   LYS A N      1 
ATOM   41  C  CA     . LYS A 1 7   ? -6.21515  2.94826   3.81588   1.000 20.39981  ? 7   LYS A CA     1 
ATOM   42  C  C      . LYS A 1 7   ? -5.12901  1.95269   4.18396   1.000 19.64709  ? 7   LYS A C      1 
ATOM   43  O  O      . LYS A 1 7   ? -4.85406  1.73782   5.37039   1.000 21.76050  ? 7   LYS A O      1 
ATOM   44  C  CB     . LYS A 1 7   ? -5.89687  4.32070   4.39670   1.000 24.26344  ? 7   LYS A CB     1 
ATOM   45  C  CG     . LYS A 1 7   ? -4.64654  4.93524   3.78192   1.000 25.96101  ? 7   LYS A CG     1 
ATOM   46  C  CD     . LYS A 1 7   ? -4.56368  6.43062   4.06182   1.000 29.89306  ? 7   LYS A CD     1 
ATOM   47  C  CE     . LYS A 1 7   ? -4.40950  6.70986   5.54564   1.000 31.76960  ? 7   LYS A CE     1 
ATOM   48  N  NZ     . LYS A 1 7   ? -3.12145  6.17564   6.05156   1.000 34.96209  ? 7   LYS A NZ     1 
ATOM   49  N  N      . LEU A 1 8   ? -4.52414  1.35009   3.16645   1.000 19.58656  ? 8   LEU A N      1 
ATOM   50  C  CA     . LEU A 1 8   ? -3.43171  0.40311   3.33107   1.000 18.18902  ? 8   LEU A CA     1 
ATOM   51  C  C      . LEU A 1 8   ? -2.11178  1.14347   3.17950   1.000 18.04953  ? 8   LEU A C      1 
ATOM   52  O  O      . LEU A 1 8   ? -1.92532  1.90936   2.22199   1.000 19.58919  ? 8   LEU A O      1 
ATOM   53  C  CB     . LEU A 1 8   ? -3.52732  -0.67197  2.24811   1.000 19.84448  ? 8   LEU A CB     1 
ATOM   54  C  CG     . LEU A 1 8   ? -2.32928  -1.62222  2.11004   1.000 19.95502  ? 8   LEU A CG     1 
ATOM   55  C  CD1    . LEU A 1 8   ? -2.11171  -2.45669  3.38592   1.000 21.79472  ? 8   LEU A CD1    1 
ATOM   56  C  CD2    . LEU A 1 8   ? -2.50970  -2.52505  0.89918   1.000 22.03422  ? 8   LEU A CD2    1 
ATOM   57  N  N      . VAL A 1 9   ? -1.19677  0.92235   4.11882   1.000 17.37314  ? 9   VAL A N      1 
ATOM   58  C  CA     . VAL A 1 9   ? 0.15078   1.47387   4.03786   1.000 17.77055  ? 9   VAL A CA     1 
ATOM   59  C  C      . VAL A 1 9   ? 1.13998   0.32475   3.90286   1.000 18.28377  ? 9   VAL A C      1 
ATOM   60  O  O      . VAL A 1 9   ? 1.04151   -0.68095  4.61548   1.000 19.49444  ? 9   VAL A O      1 
ATOM   61  C  CB     . VAL A 1 9   ? 0.47818   2.34910   5.26328   1.000 18.81015  ? 9   VAL A CB     1 
ATOM   62  C  CG1    . VAL A 1 9   ? 1.95136   2.72682   5.27581   1.000 21.17096  ? 9   VAL A CG1    1 
ATOM   63  C  CG2    . VAL A 1 9   ? -0.40699  3.58795   5.26321   1.000 21.09990  ? 9   VAL A CG2    1 
ATOM   64  N  N      . ILE A 1 10  ? 2.09320   0.47692   2.98835   1.000 18.76541  ? 10  ILE A N      1 
ATOM   65  C  CA     . ILE A 1 10  ? 3.18876   -0.47078  2.82392   1.000 19.43128  ? 10  ILE A CA     1 
ATOM   66  C  C      . ILE A 1 10  ? 4.46608   0.34601   2.76178   1.000 18.02058  ? 10  ILE A C      1 
ATOM   67  O  O      . ILE A 1 10  ? 4.60427   1.19718   1.88354   1.000 20.61300  ? 10  ILE A O      1 
ATOM   68  C  CB     . ILE A 1 10  ? 3.05570   -1.28020  1.52771   1.000 21.45520  ? 10  ILE A CB     1 
ATOM   69  C  CG1    . ILE A 1 10  ? 1.75415   -2.08378  1.51054   1.000 23.02118  ? 10  ILE A CG1    1 
ATOM   70  C  CG2    . ILE A 1 10  ? 4.27381   -2.19138  1.35115   1.000 23.53703  ? 10  ILE A CG2    1 
ATOM   71  C  CD1    . ILE A 1 10  ? 1.36369   -2.54320  0.12566   1.000 24.24501  ? 10  ILE A CD1    1 
ATOM   72  N  N      . ILE A 1 11  ? 5.38057   0.10531   3.69277   1.000 18.91016  ? 11  ILE A N      1 
ATOM   73  C  CA     . ILE A 1 11  ? 6.70070   0.72834   3.68158   1.000 20.08136  ? 11  ILE A CA     1 
ATOM   74  C  C      . ILE A 1 11  ? 7.70152   -0.36551  3.36175   1.000 21.09990  ? 11  ILE A C      1 
ATOM   75  O  O      . ILE A 1 11  ? 7.77216   -1.37343  4.07460   1.000 23.57651  ? 11  ILE A O      1 
ATOM   76  C  CB     . ILE A 1 11  ? 7.02324   1.41783   5.01739   1.000 21.58153  ? 11  ILE A CB     1 
ATOM   77  C  CG1    . ILE A 1 11  ? 5.98052   2.51294   5.28805   1.000 22.51323  ? 11  ILE A CG1    1 
ATOM   78  C  CG2    . ILE A 1 11  ? 8.46477   1.97493   4.99551   1.000 24.85561  ? 11  ILE A CG2    1 
ATOM   79  C  CD1    . ILE A 1 11  ? 5.91295   3.00605   6.73349   1.000 25.99785  ? 11  ILE A CD1    1 
ATOM   80  N  N      . THR A 1 12  ? 8.45453   -0.19043  2.27677   1.000 21.39993  ? 12  THR A N      1 
ATOM   81  C  CA     . THR A 1 12  ? 9.30929   -1.26637  1.80160   1.000 22.08423  ? 12  THR A CA     1 
ATOM   82  C  C      . THR A 1 12  ? 10.50348  -0.68656  1.04418   1.000 22.68956  ? 12  THR A C      1 
ATOM   83  O  O      . THR A 1 12  ? 10.69476  0.53149   0.96811   1.000 22.33952  ? 12  THR A O      1 
ATOM   84  C  CB     . THR A 1 12  ? 8.50050   -2.28825  0.98439   1.000 25.68203  ? 12  THR A CB     1 
ATOM   85  O  OG1    . THR A 1 12  ? 9.28727   -3.46625  0.76256   1.000 27.52435  ? 12  THR A OG1    1 
ATOM   86  C  CG2    . THR A 1 12  ? 8.07132   -1.70222  -0.35716  1.000 26.62688  ? 12  THR A CG2    1 
ATOM   87  N  N      . GLU A 1 13  ? 11.32763  -1.58266  0.51086   1.000 22.54218  ? 13  GLU A N      1 
ATOM   88  C  CA     . GLU A 1 13  ? 12.56672  -1.18031  -0.14874  1.000 24.60821  ? 13  GLU A CA     1 
ATOM   89  C  C      . GLU A 1 13  ? 12.26503  -0.52745  -1.48898  1.000 25.22934  ? 13  GLU A C      1 
ATOM   90  O  O      . GLU A 1 13  ? 11.33635  -0.93149  -2.19495  1.000 25.93732  ? 13  GLU A O      1 
ATOM   91  C  CB     . GLU A 1 13  ? 13.44562  -2.40720  -0.35808  1.000 28.07705  ? 13  GLU A CB     1 
ATOM   92  C  CG     . GLU A 1 13  ? 13.84549  -3.07992  0.93428   1.000 29.74567  ? 13  GLU A CG     1 
ATOM   93  C  CD     . GLU A 1 13  ? 14.92253  -4.13457  0.74244   1.000 32.61180  ? 13  GLU A CD     1 
ATOM   94  O  OE1    . GLU A 1 13  ? 15.75825  -3.98834  -0.17896  1.000 35.87272  ? 13  GLU A OE1    1 
ATOM   95  O  OE2    . GLU A 1 13  ? 14.93721  -5.11493  1.51608   1.000 31.95120  ? 13  GLU A OE2    1 
ATOM   96  N  N      . GLU A 1 14  ? 13.06352  0.48578   -1.84864  1.000 25.65834  ? 14  GLU A N      1 
ATOM   97  C  CA     . GLU A 1 14  ? 12.77408  1.22014   -3.07753  1.000 29.04296  ? 14  GLU A CA     1 
ATOM   98  C  C      . GLU A 1 14  ? 12.86467  0.32520   -4.30813  1.000 29.08770  ? 14  GLU A C      1 
ATOM   99  O  O      . GLU A 1 14  ? 12.20201  0.59558   -5.31702  1.000 29.88253  ? 14  GLU A O      1 
ATOM   100 C  CB     . GLU A 1 14  ? 13.65379  2.46967   -3.20903  1.000 34.63836  ? 14  GLU A CB     1 
ATOM   101 C  CG     . GLU A 1 14  ? 15.09255  2.26987   -2.82672  1.000 38.06246  ? 14  GLU A CG     1 
ATOM   102 C  CD     . GLU A 1 14  ? 15.94019  3.52953   -3.00301  1.000 39.74161  ? 14  GLU A CD     1 
ATOM   103 O  OE1    . GLU A 1 14  ? 15.40317  4.66281   -2.93201  1.000 37.85980  ? 14  GLU A OE1    1 
ATOM   104 O  OE2    . GLU A 1 14  ? 17.15362  3.36755   -3.20740  1.000 41.44444  ? 14  GLU A OE2    1 
ATOM   105 N  N      . ILE A 1 15  ? 13.65461  -0.75219  -4.24208  1.000 29.41142  ? 15  ILE A N      1 
ATOM   106 C  CA     . ILE A 1 15  ? 13.78426  -1.64455  -5.38891  1.000 30.66947  ? 15  ILE A CA     1 
ATOM   107 C  C      . ILE A 1 15  ? 12.46312  -2.30565  -5.75223  1.000 30.20099  ? 15  ILE A C      1 
ATOM   108 O  O      . ILE A 1 15  ? 12.31255  -2.81971  -6.86713  1.000 33.73826  ? 15  ILE A O      1 
ATOM   109 C  CB     . ILE A 1 15  ? 14.90077  -2.68335  -5.15393  1.000 35.30686  ? 15  ILE A CB     1 
ATOM   110 C  CG1    . ILE A 1 15  ? 15.22208  -3.43669  -6.44609  1.000 41.31811  ? 15  ILE A CG1    1 
ATOM   111 C  CG2    . ILE A 1 15  ? 14.50523  -3.66173  -4.07228  1.000 36.81494  ? 15  ILE A CG2    1 
ATOM   112 C  CD1    . ILE A 1 15  ? 16.42287  -4.35674  -6.32820  1.000 45.37913  ? 15  ILE A CD1    1 
ATOM   113 N  N      . LEU A 1 16  ? 11.49684  -2.30770  -4.83906  1.000 26.57424  ? 16  LEU A N      1 
ATOM   114 C  CA     . LEU A 1 16  ? 10.20596  -2.94306  -5.07222  1.000 25.18197  ? 16  LEU A CA     1 
ATOM   115 C  C      . LEU A 1 16  ? 9.15491   -1.98686  -5.62641  1.000 25.67413  ? 16  LEU A C      1 
ATOM   116 O  O      . LEU A 1 16  ? 7.98601   -2.36683  -5.73048  1.000 25.58201  ? 16  LEU A O      1 
ATOM   117 C  CB     . LEU A 1 16  ? 9.70213   -3.60249  -3.78887  1.000 25.57938  ? 16  LEU A CB     1 
ATOM   118 C  CG     . LEU A 1 16  ? 10.50884  -4.79567  -3.28525  1.000 28.00862  ? 16  LEU A CG     1 
ATOM   119 C  CD1    . LEU A 1 16  ? 9.86928   -5.39440  -2.03987  1.000 28.33234  ? 16  LEU A CD1    1 
ATOM   120 C  CD2    . LEU A 1 16  ? 10.61191  -5.84254  -4.38529  1.000 29.76409  ? 16  LEU A CD2    1 
ATOM   121 N  N      . LEU A 1 17  ? 9.54794   -0.77041  -6.01260  1.000 25.87152  ? 17  LEU A N      1 
ATOM   122 C  CA     . LEU A 1 17  ? 8.57571   0.22488   -6.45158  1.000 26.31895  ? 17  LEU A CA     1 
ATOM   123 C  C      . LEU A 1 17  ? 7.68212   -0.30651  -7.56705  1.000 26.40580  ? 17  LEU A C      1 
ATOM   124 O  O      . LEU A 1 17  ? 6.45340   -0.23739  -7.47571  1.000 26.49791  ? 17  LEU A O      1 
ATOM   125 C  CB     . LEU A 1 17  ? 9.29901   1.49007   -6.90166  1.000 28.08231  ? 17  LEU A CB     1 
ATOM   126 C  CG     . LEU A 1 17  ? 8.40466   2.57361   -7.50427  1.000 31.96436  ? 17  LEU A CG     1 
ATOM   127 C  CD1    . LEU A 1 17  ? 7.42033   3.09255   -6.47214  1.000 32.67760  ? 17  LEU A CD1    1 
ATOM   128 C  CD2    . LEU A 1 17  ? 9.24778   3.70919   -8.08391  1.000 33.79089  ? 17  LEU A CD2    1 
ATOM   129 N  N      . LYS A 1 18  ? 8.28558   -0.82074  -8.64136  1.000 28.10863  ? 18  LYS A N      1 
ATOM   130 C  CA     . LYS A 1 18  ? 7.48549   -1.28780  -9.77025  1.000 30.15888  ? 18  LYS A CA     1 
ATOM   131 C  C      . LYS A 1 18  ? 6.69824   -2.54208  -9.41303  1.000 30.16941  ? 18  LYS A C      1 
ATOM   132 O  O      . LYS A 1 18  ? 5.52133   -2.66694  -9.77319  1.000 31.06425  ? 18  LYS A O      1 
ATOM   133 C  CB     . LYS A 1 18  ? 8.37664   -1.54896  -10.98214 1.000 33.69878  ? 18  LYS A CB     1 
ATOM   134 C  CG     . LYS A 1 18  ? 7.62403   -2.06838  -12.19980 1.000 38.67043  ? 18  LYS A CG     1 
ATOM   135 C  CD     . LYS A 1 18  ? 8.57430   -2.43867  -13.32741 1.000 44.70536  ? 18  LYS A CD     1 
ATOM   136 C  CE     . LYS A 1 18  ? 7.82388   -2.95450  -14.54356 1.000 48.55056  ? 18  LYS A CE     1 
ATOM   137 N  NZ     . LYS A 1 18  ? 8.74898   -3.41620  -15.61348 1.000 51.20351  ? 18  LYS A NZ     1 
ATOM   138 N  N      . LYS A 1 19  ? 7.33209   -3.48503  -8.71796  1.000 29.52722  ? 19  LYS A N      1 
ATOM   139 C  CA     . LYS A 1 19  ? 6.66323   -4.74523  -8.40493  1.000 29.91938  ? 19  LYS A CA     1 
ATOM   140 C  C      . LYS A 1 19  ? 5.42974   -4.52574  -7.53516  1.000 27.60068  ? 19  LYS A C      1 
ATOM   141 O  O      . LYS A 1 19  ? 4.39030   -5.15753  -7.75075  1.000 29.19297  ? 19  LYS A O      1 
ATOM   142 C  CB     . LYS A 1 19  ? 7.65166   -5.70126  -7.74044  1.000 33.85406  ? 19  LYS A CB     1 
ATOM   143 C  CG     . LYS A 1 19  ? 8.69533   -6.25485  -8.70528  1.000 39.15996  ? 19  LYS A CG     1 
ATOM   144 C  CD     . LYS A 1 19  ? 9.81328   -6.99311  -7.98274  1.000 44.78695  ? 19  LYS A CD     1 
ATOM   145 C  CE     . LYS A 1 19  ? 10.74049  -7.68151  -8.97419  1.000 49.42698  ? 19  LYS A CE     1 
ATOM   146 N  NZ     . LYS A 1 19  ? 11.95277  -8.27323  -8.32771  1.000 52.50103  ? 19  LYS A NZ     1 
ATOM   147 N  N      . VAL A 1 20  ? 5.52335   -3.64064  -6.54588  1.000 24.73454  ? 20  VAL A N      1 
ATOM   148 C  CA     . VAL A 1 20  ? 4.38608   -3.39976  -5.66303  1.000 24.37398  ? 20  VAL A CA     1 
ATOM   149 C  C      . VAL A 1 20  ? 3.31394   -2.57279  -6.36114  1.000 24.77929  ? 20  VAL A C      1 
ATOM   150 O  O      . VAL A 1 20  ? 2.11425   -2.81940  -6.18451  1.000 24.65822  ? 20  VAL A O      1 
ATOM   151 C  CB     . VAL A 1 20  ? 4.84499   -2.77790  -4.33055  1.000 23.59757  ? 20  VAL A CB     1 
ATOM   152 C  CG1    . VAL A 1 20  ? 3.64631   -2.35473  -3.48413  1.000 22.94749  ? 20  VAL A CG1    1 
ATOM   153 C  CG2    . VAL A 1 20  ? 5.71357   -3.76174  -3.57416  1.000 25.21618  ? 20  VAL A CG2    1 
ATOM   154 N  N      . SER A 1 21  ? 3.72436   -1.57569  -7.15086  1.000 25.16091  ? 21  SER A N      1 
ATOM   155 C  CA     . SER A 1 21  ? 2.77115   -0.81365  -7.95354  1.000 26.56371  ? 21  SER A CA     1 
ATOM   156 C  C      . SER A 1 21  ? 1.95938   -1.73056  -8.85666  1.000 26.91639  ? 21  SER A C      1 
ATOM   157 O  O      . SER A 1 21  ? 0.74521   -1.54992  -9.00839  1.000 26.84532  ? 21  SER A O      1 
ATOM   158 C  CB     . SER A 1 21  ? 3.51472   0.22390   -8.79694  1.000 30.39838  ? 21  SER A CB     1 
ATOM   159 O  OG     . SER A 1 21  ? 4.16510   1.17142   -7.97247  1.000 35.29107  ? 21  SER A OG     1 
ATOM   160 N  N      . LYS A 1 22  ? 2.61240   -2.72290  -9.46959  1.000 27.90598  ? 22  LYS A N      1 
ATOM   161 C  CA     . LYS A 1 22  ? 1.88706   -3.66394  -10.31947 1.000 31.44851  ? 22  LYS A CA     1 
ATOM   162 C  C      . LYS A 1 22  ? 0.87510   -4.47504  -9.52013  1.000 29.41405  ? 22  LYS A C      1 
ATOM   163 O  O      . LYS A 1 22  ? -0.26117  -4.65741  -9.97073  1.000 28.94031  ? 22  LYS A O      1 
ATOM   164 C  CB     . LYS A 1 22  ? 2.85008   -4.58685  -11.06209 1.000 40.38642  ? 22  LYS A CB     1 
ATOM   165 C  CG     . LYS A 1 22  ? 2.22040   -5.49782  -12.07848 1.000 50.30340  ? 22  LYS A CG     1 
ATOM   166 C  CD     . LYS A 1 22  ? 3.29377   -6.25137  -12.86880 1.000 57.70166  ? 22  LYS A CD     1 
ATOM   167 C  CE     . LYS A 1 22  ? 2.63645   -7.21422  -13.87928 1.000 62.96544  ? 22  LYS A CE     1 
ATOM   168 N  NZ     . LYS A 1 22  ? 3.59016   -8.09628  -14.70256 1.000 65.74209  ? 22  LYS A NZ     1 
ATOM   169 N  N      . ILE A 1 23  ? 1.26355   -4.96762  -8.33696  1.000 27.16115  ? 23  ILE A N      1 
ATOM   170 C  CA     . ILE A 1 23  ? 0.32772   -5.71665  -7.49672  1.000 26.90323  ? 23  ILE A CA     1 
ATOM   171 C  C      . ILE A 1 23  ? -0.89461  -4.87083  -7.16709  1.000 24.91088  ? 23  ILE A C      1 
ATOM   172 O  O      . ILE A 1 23  ? -2.03492  -5.34984  -7.22588  1.000 25.63202  ? 23  ILE A O      1 
ATOM   173 C  CB     . ILE A 1 23  ? 1.01718   -6.23284  -6.21633  1.000 25.85573  ? 23  ILE A CB     1 
ATOM   174 C  CG1    . ILE A 1 23  ? 2.00724   -7.35552  -6.53147  1.000 26.02944  ? 23  ILE A CG1    1 
ATOM   175 C  CG2    . ILE A 1 23  ? -0.03161  -6.72648  -5.19926  1.000 25.88731  ? 23  ILE A CG2    1 
ATOM   176 C  CD1    . ILE A 1 23  ? 2.89187   -7.71194  -5.35955  1.000 27.15326  ? 23  ILE A CD1    1 
ATOM   177 N  N      . ILE A 1 24  ? -0.67603  -3.60600  -6.79934  1.000 24.16079  ? 24  ILE A N      1 
ATOM   178 C  CA     . ILE A 1 24  ? -1.78216  -2.71653  -6.43935  1.000 23.38965  ? 24  ILE A CA     1 
ATOM   179 C  C      . ILE A 1 24  ? -2.74164  -2.55239  -7.61229  1.000 24.67927  ? 24  ILE A C      1 
ATOM   180 O  O      . ILE A 1 24  ? -3.96376  -2.65719  -7.46045  1.000 25.41357  ? 24  ILE A O      1 
ATOM   181 C  CB     . ILE A 1 24  ? -1.23736  -1.35871  -5.96110  1.000 22.48691  ? 24  ILE A CB     1 
ATOM   182 C  CG1    . ILE A 1 24  ? -0.48760  -1.51935  -4.63739  1.000 22.02896  ? 24  ILE A CG1    1 
ATOM   183 C  CG2    . ILE A 1 24  ? -2.36717  -0.32082  -5.85501  1.000 22.85011  ? 24  ILE A CG2    1 
ATOM   184 C  CD1    . ILE A 1 24  ? 0.43217   -0.35729  -4.31866  1.000 22.14739  ? 24  ILE A CD1    1 
ATOM   185 N  N      . LYS A 1 25  ? -2.20076  -2.26008  -8.79399  1.000 27.14010  ? 25  LYS A N      1 
ATOM   186 C  CA     . LYS A 1 25  ? -3.04979  -2.02154  -9.95615  1.000 29.10349  ? 25  LYS A CA     1 
ATOM   187 C  C      . LYS A 1 25  ? -3.73084  -3.30143  -10.42135 1.000 30.13256  ? 25  LYS A C      1 
ATOM   188 O  O      . LYS A 1 25  ? -4.91460  -3.28847  -10.78119 1.000 32.12227  ? 25  LYS A O      1 
ATOM   189 C  CB     . LYS A 1 25  ? -2.22646  -1.38320  -11.07475 1.000 32.29071  ? 25  LYS A CB     1 
ATOM   190 C  CG     . LYS A 1 25  ? -1.76441  0.02412   -10.71917 1.000 34.54888  ? 25  LYS A CG     1 
ATOM   191 C  CD     . LYS A 1 25  ? -0.99374  0.69164   -11.84237 1.000 39.73634  ? 25  LYS A CD     1 
ATOM   192 C  CE     . LYS A 1 25  ? 0.43358   0.18734   -11.90391 1.000 42.77618  ? 25  LYS A CE     1 
ATOM   193 N  NZ     . LYS A 1 25  ? 1.22495   0.91857   -12.92682 1.000 44.42638  ? 25  LYS A NZ     1 
ATOM   194 N  N      . GLU A 1 26  ? -3.01022  -4.42006  -10.40923 1.000 31.38534  ? 26  GLU A N      1 
ATOM   195 C  CA     . GLU A 1 26  ? -3.60822  -5.66296  -10.88185 1.000 32.89605  ? 26  GLU A CA     1 
ATOM   196 C  C      . GLU A 1 26  ? -4.70486  -6.15940  -9.95378  1.000 30.72737  ? 26  GLU A C      1 
ATOM   197 O  O      . GLU A 1 26  ? -5.61129  -6.87733  -10.39732 1.000 31.58800  ? 26  GLU A O      1 
ATOM   198 C  CB     . GLU A 1 26  ? -2.53647  -6.72246  -11.07301 1.000 37.96245  ? 26  GLU A CB     1 
ATOM   199 C  CG     . GLU A 1 26  ? -1.57346  -6.33208  -12.12636 1.000 46.41346  ? 26  GLU A CG     1 
ATOM   200 C  CD     . GLU A 1 26  ? -0.61910  -7.43888  -12.47354 1.000 55.63825  ? 26  GLU A CD     1 
ATOM   201 O  OE1    . GLU A 1 26  ? -0.41094  -8.34088  -11.62092 1.000 59.02813  ? 26  GLU A OE1    1 
ATOM   202 O  OE2    . GLU A 1 26  ? -0.06845  -7.39000  -13.60106 1.000 58.92285  ? 26  GLU A OE2    1 
ATOM   203 N  N      . ALA A 1 27  ? -4.64556  -5.79297  -8.67359  1.000 28.76924  ? 27  ALA A N      1 
ATOM   204 C  CA     . ALA A 1 27  ? -5.68995  -6.18472  -7.73924  1.000 27.34275  ? 27  ALA A CA     1 
ATOM   205 C  C      . ALA A 1 27  ? -6.96547  -5.38462  -7.92930  1.000 30.01412  ? 27  ALA A C      1 
ATOM   206 O  O      . ALA A 1 27  ? -8.01269  -5.78695  -7.41083  1.000 32.28282  ? 27  ALA A O      1 
ATOM   207 C  CB     . ALA A 1 27  ? -5.18799  -6.04353  -6.30361  1.000 27.46908  ? 27  ALA A CB     1 
ATOM   208 N  N      . GLY A 1 28  ? -6.90243  -4.27463  -8.65012  1.000 29.54038  ? 28  GLY A N      1 
ATOM   209 C  CA     . GLY A 1 28  ? -8.06616  -3.47095  -8.91185  1.000 30.49576  ? 28  GLY A CA     1 
ATOM   210 C  C      . GLY A 1 28  ? -8.17464  -2.19413  -8.11506  1.000 29.16929  ? 28  GLY A C      1 
ATOM   211 O  O      . GLY A 1 28  ? -9.24474  -1.58190  -8.12374  1.000 29.78252  ? 28  GLY A O      1 
ATOM   212 N  N      . ALA A 1 29  ? -7.11814  -1.76659  -7.42311  1.000 26.80321  ? 29  ALA A N      1 
ATOM   213 C  CA     . ALA A 1 29  ? -7.18892  -0.48066  -6.74090  1.000 26.03996  ? 29  ALA A CA     1 
ATOM   214 C  C      . ALA A 1 29  ? -7.36324  0.63229   -7.76874  1.000 25.05037  ? 29  ALA A C      1 
ATOM   215 O  O      . ALA A 1 29  ? -6.88914  0.53829   -8.90224  1.000 26.03733  ? 29  ALA A O      1 
ATOM   216 C  CB     . ALA A 1 29  ? -5.92812  -0.23868  -5.90969  1.000 26.97165  ? 29  ALA A CB     1 
ATOM   217 N  N      . SER A 1 30  ? -8.07468  1.68689   -7.37703  1.000 24.86877  ? 30  SER A N      1 
ATOM   218 C  CA     . SER A 1 30  ? -8.29899  2.81101   -8.27956  1.000 25.06353  ? 30  SER A CA     1 
ATOM   219 C  C      . SER A 1 30  ? -7.09552  3.73828   -8.38407  1.000 24.29502  ? 30  SER A C      1 
ATOM   220 O  O      . SER A 1 30  ? -7.08374  4.62974   -9.24429  1.000 27.68227  ? 30  SER A O      1 
ATOM   221 C  CB     . SER A 1 30  ? -9.52792  3.60929   -7.84092  1.000 26.38211  ? 30  SER A CB     1 
ATOM   222 O  OG     . SER A 1 30  ? -9.32922  4.18766   -6.56128  1.000 28.31129  ? 30  SER A OG     1 
ATOM   223 N  N      . GLY A 1 31  ? -6.09730  3.55232   -7.53126  1.000 22.31057  ? 31  GLY A N      1 
ATOM   224 C  CA     . GLY A 1 31  ? -4.89736  4.35954   -7.57863  1.000 22.01843  ? 31  GLY A CA     1 
ATOM   225 C  C      . GLY A 1 31  ? -4.01309  4.04273   -6.39176  1.000 19.85764  ? 31  GLY A C      1 
ATOM   226 O  O      . GLY A 1 31  ? -4.28471  3.12013   -5.61682  1.000 21.68155  ? 31  GLY A O      1 
ATOM   227 N  N      . TYR A 1 32  ? -2.95726  4.83592   -6.25882  1.000 20.29980  ? 32  TYR A N      1 
ATOM   228 C  CA     . TYR A 1 32  ? -2.06919  4.72843   -5.11386  1.000 18.89437  ? 32  TYR A CA     1 
ATOM   229 C  C      . TYR A 1 32  ? -1.22176  5.98761   -5.05233  1.000 19.80237  ? 32  TYR A C      1 
ATOM   230 O  O      . TYR A 1 32  ? -1.06800  6.71278   -6.04286  1.000 20.38665  ? 32  TYR A O      1 
ATOM   231 C  CB     . TYR A 1 32  ? -1.19358  3.47098   -5.18524  1.000 21.33150  ? 32  TYR A CB     1 
ATOM   232 C  CG     . TYR A 1 32  ? -0.21148  3.50800   -6.33631  1.000 22.06844  ? 32  TYR A CG     1 
ATOM   233 C  CD1    . TYR A 1 32  ? 1.04453   4.11316   -6.20417  1.000 24.45556  ? 32  TYR A CD1    1 
ATOM   234 C  CD2    . TYR A 1 32  ? -0.54590  2.95985   -7.56584  1.000 23.50282  ? 32  TYR A CD2    1 
ATOM   235 C  CE1    . TYR A 1 32  ? 1.93673   4.15648   -7.26346  1.000 26.11629  ? 32  TYR A CE1    1 
ATOM   236 C  CE2    . TYR A 1 32  ? 0.34178   2.99914   -8.63017  1.000 26.56634  ? 32  TYR A CE2    1 
ATOM   237 C  CZ     . TYR A 1 32  ? 1.57807   3.60451   -8.47653  1.000 27.41118  ? 32  TYR A CZ     1 
ATOM   238 O  OH     . TYR A 1 32  ? 2.46428   3.65011   -9.53384  1.000 31.34586  ? 32  TYR A OH     1 
ATOM   239 N  N      . THR A 1 33  ? -0.69944  6.25195   -3.86674  1.000 19.44707  ? 33  THR A N      1 
ATOM   240 C  CA     . THR A 1 33  ? 0.24987   7.32774   -3.65057  1.000 19.00228  ? 33  THR A CA     1 
ATOM   241 C  C      . THR A 1 33  ? 1.52252   6.72107   -3.07872  1.000 19.81817  ? 33  THR A C      1 
ATOM   242 O  O      . THR A 1 33  ? 1.47013   5.77495   -2.28887  1.000 21.91842  ? 33  THR A O      1 
ATOM   243 C  CB     . THR A 1 33  ? -0.35695  8.37895   -2.70404  1.000 20.21821  ? 33  THR A CB     1 
ATOM   244 O  OG1    . THR A 1 33  ? -1.54575  8.91793   -3.30587  1.000 20.86040  ? 33  THR A OG1    1 
ATOM   245 C  CG2    . THR A 1 33  ? 0.63173   9.51264   -2.43923  1.000 22.31057  ? 33  THR A CG2    1 
ATOM   246 N  N      . VAL A 1 34  ? 2.66868   7.23527   -3.49741  1.000 18.92595  ? 34  VAL A N      1 
ATOM   247 C  CA     . VAL A 1 34  ? 3.94201   6.74279   -2.99372  1.000 20.01029  ? 34  VAL A CA     1 
ATOM   248 C  C      . VAL A 1 34  ? 4.81503   7.92909   -2.62498  1.000 21.00778  ? 34  VAL A C      1 
ATOM   249 O  O      . VAL A 1 34  ? 4.87849   8.92429   -3.35834  1.000 21.69997  ? 34  VAL A O      1 
ATOM   250 C  CB     . VAL A 1 34  ? 4.63130   5.78757   -3.99288  1.000 23.20015  ? 34  VAL A CB     1 
ATOM   251 C  CG1    . VAL A 1 34  ? 4.96154   6.51299   -5.27710  1.000 24.45820  ? 34  VAL A CG1    1 
ATOM   252 C  CG2    . VAL A 1 34  ? 5.87935   5.16424   -3.36697  1.000 25.55306  ? 34  VAL A CG2    1 
ATOM   253 N  N      . LEU A 1 35  ? 5.46724   7.82837   -1.47337  1.000 20.81829  ? 35  LEU A N      1 
ATOM   254 C  CA     . LEU A 1 35  ? 6.34252   8.87223   -0.96848  1.000 21.82104  ? 35  LEU A CA     1 
ATOM   255 C  C      . LEU A 1 35  ? 7.73805   8.30449   -0.76360  1.000 20.68669  ? 35  LEU A C      1 
ATOM   256 O  O      . LEU A 1 35  ? 7.89921   7.14275   -0.38285  1.000 22.67903  ? 35  LEU A O      1 
ATOM   257 C  CB     . LEU A 1 35  ? 5.83532   9.39970   0.37453   1.000 24.66085  ? 35  LEU A CB     1 
ATOM   258 C  CG     . LEU A 1 35  ? 4.43383   10.00005  0.29647   1.000 25.94522  ? 35  LEU A CG     1 
ATOM   259 C  CD1    . LEU A 1 35  ? 3.41743   9.02584   0.86671   1.000 28.90347  ? 35  LEU A CD1    1 
ATOM   260 C  CD2    . LEU A 1 35  ? 4.38536   11.33561  1.01490   1.000 28.59027  ? 35  LEU A CD2    1 
ATOM   261 N  N      . ALA A 1 36  ? 8.74701   9.13690   -1.01081  1.000 23.39228  ? 36  ALA A N      1 
ATOM   262 C  CA     . ALA A 1 36  ? 10.10165  8.79112   -0.62144  1.000 23.33701  ? 36  ALA A CA     1 
ATOM   263 C  C      . ALA A 1 36  ? 10.21508  8.96945   0.88722   1.000 24.47662  ? 36  ALA A C      1 
ATOM   264 O  O      . ALA A 1 36  ? 9.75031   9.97048   1.44807   1.000 28.12179  ? 36  ALA A O      1 
ATOM   265 C  CB     . ALA A 1 36  ? 11.11920  9.67300   -1.35226  1.000 26.66899  ? 36  ALA A CB     1 
ATOM   266 N  N      . ALA A 1 37  ? 10.82050  7.99646   1.54684   1.000 21.46047  ? 37  ALA A N      1 
ATOM   267 C  CA     . ALA A 1 37  ? 10.98164  8.04628   2.98703   1.000 22.43690  ? 37  ALA A CA     1 
ATOM   268 C  C      . ALA A 1 37  ? 12.35992  7.50315   3.33824   1.000 22.10002  ? 37  ALA A C      1 
ATOM   269 O  O      . ALA A 1 37  ? 13.17619  7.19379   2.46278   1.000 23.78443  ? 37  ALA A O      1 
ATOM   270 C  CB     . ALA A 1 37  ? 9.85076   7.27500   3.68365   1.000 25.00300  ? 37  ALA A CB     1 
ATOM   271 N  N      . ALA A 1 38  ? 12.61423  7.40008   4.63440   1.000 21.83946  ? 38  ALA A N      1 
ATOM   272 C  CA     . ALA A 1 38  ? 13.79001  6.72595   5.15670   1.000 20.97620  ? 38  ALA A CA     1 
ATOM   273 C  C      . ALA A 1 38  ? 13.38755  6.08980   6.47419   1.000 21.74471  ? 38  ALA A C      1 
ATOM   274 O  O      . ALA A 1 38  ? 12.34453  6.41554   7.04163   1.000 22.33952  ? 38  ALA A O      1 
ATOM   275 C  CB     . ALA A 1 38  ? 14.95406  7.70108   5.36446   1.000 23.42123  ? 38  ALA A CB     1 
ATOM   276 N  N      . GLY A 1 39  ? 14.20008  5.16707   6.96110   1.000 22.45269  ? 39  GLY A N      1 
ATOM   277 C  CA     . GLY A 1 39  ? 13.82123  4.55765   8.21798   1.000 22.62903  ? 39  GLY A CA     1 
ATOM   278 C  C      . GLY A 1 39  ? 14.83743  3.55386   8.70308   1.000 23.57125  ? 39  GLY A C      1 
ATOM   279 O  O      . GLY A 1 39  ? 15.83044  3.24504   8.02944   1.000 25.83468  ? 39  GLY A O      1 
ATOM   280 N  N      . GLU A 1 40  ? 14.55875  3.05387   9.89995   1.000 23.66600  ? 40  GLU A N      1 
ATOM   281 C  CA     . GLU A 1 40  ? 15.26936  1.94335   10.49771  1.000 25.35041  ? 40  GLU A CA     1 
ATOM   282 C  C      . GLU A 1 40  ? 14.24210  0.94343   11.00333  1.000 25.05564  ? 40  GLU A C      1 
ATOM   283 O  O      . GLU A 1 40  ? 13.13661  1.31517   11.41641  1.000 24.40293  ? 40  GLU A O      1 
ATOM   284 C  CB     . GLU A 1 40  ? 16.14364  2.39767   11.67459  1.000 28.98505  ? 40  GLU A CB     1 
ATOM   285 C  CG     . GLU A 1 40  ? 17.20332  3.42252   11.30718  1.000 31.50641  ? 40  GLU A CG     1 
ATOM   286 C  CD     . GLU A 1 40  ? 18.16955  3.67455   12.44827  1.000 35.22528  ? 40  GLU A CD     1 
ATOM   287 O  OE1    . GLU A 1 40  ? 18.80849  2.70961   12.90676  1.000 39.63370  ? 40  GLU A OE1    1 
ATOM   288 O  OE2    . GLU A 1 40  ? 18.28046  4.83377   12.89498  1.000 36.22013  ? 40  GLU A OE2    1 
ATOM   289 N  N      . GLY A 1 41  ? 14.62137  -0.32874  10.97263  1.000 27.78491  ? 41  GLY A N      1 
ATOM   290 C  CA     . GLY A 1 41  ? 13.74258  -1.38152  11.42765  1.000 30.65631  ? 41  GLY A CA     1 
ATOM   291 C  C      . GLY A 1 41  ? 14.51730  -2.48313  12.10804  1.000 35.73586  ? 41  GLY A C      1 
ATOM   292 O  O      . GLY A 1 41  ? 15.54355  -2.22138  12.74413  1.000 36.48069  ? 41  GLY A O      1 
ATOM   293 N  N      . SER A 1 42  ? 14.04434  -3.71570  11.96299  1.000 40.91806  ? 42  SER A N      1 
ATOM   294 C  CA     . SER A 1 42  ? 14.63323  -4.86891  12.63783  1.000 46.72402  ? 42  SER A CA     1 
ATOM   295 C  C      . SER A 1 42  ? 16.08856  -5.11431  12.24571  1.000 53.45115  ? 42  SER A C      1 
ATOM   296 O  O      . SER A 1 42  ? 16.56095  -4.60902  11.22268  1.000 56.83050  ? 42  SER A O      1 
ATOM   297 C  CB     . SER A 1 42  ? 13.79182  -6.12448  12.37939  1.000 48.89007  ? 42  SER A CB     1 
ATOM   298 O  OG     . SER A 1 42  ? 13.72646  -6.42778  10.99407  1.000 50.39025  ? 42  SER A OG     1 
ATOM   299 N  N      . ALA A 1 56  ? 19.75946  4.73831   9.19733   1.000 42.52352  ? 56  ALA A N      1 
ATOM   300 C  CA     . ALA A 1 56  ? 18.50740  4.96586   8.46778   1.000 42.27875  ? 56  ALA A CA     1 
ATOM   301 C  C      . ALA A 1 56  ? 18.76122  5.11906   6.97314   1.000 40.85227  ? 56  ALA A C      1 
ATOM   302 O  O      . ALA A 1 56  ? 19.63447  5.87835   6.56388   1.000 45.60547  ? 56  ALA A O      1 
ATOM   303 C  CB     . ALA A 1 56  ? 17.78873  6.18738   9.01065   1.000 44.51060  ? 56  ALA A CB     1 
ATOM   304 N  N      . TYR A 1 57  ? 18.00190  4.39259   6.15674   1.000 35.98063  ? 57  TYR A N      1 
ATOM   305 C  CA     . TYR A 1 57  ? 18.23230  4.34871   4.71801   1.000 33.86985  ? 57  TYR A CA     1 
ATOM   306 C  C      . TYR A 1 57  ? 16.94775  4.68193   3.96879   1.000 26.17945  ? 57  TYR A C      1 
ATOM   307 O  O      . TYR A 1 57  ? 15.83884  4.50724   4.48377   1.000 25.46884  ? 57  TYR A O      1 
ATOM   308 C  CB     . TYR A 1 57  ? 18.71191  2.96121   4.28012   1.000 41.95766  ? 57  TYR A CB     1 
ATOM   309 C  CG     . TYR A 1 57  ? 17.68074  1.88896   4.53490   1.000 51.35353  ? 57  TYR A CG     1 
ATOM   310 C  CD1    . TYR A 1 57  ? 17.61439  1.24024   5.76154   1.000 55.74879  ? 57  TYR A CD1    1 
ATOM   311 C  CD2    . TYR A 1 57  ? 16.75707  1.54135   3.55719   1.000 56.31991  ? 57  TYR A CD2    1 
ATOM   312 C  CE1    . TYR A 1 57  ? 16.66502  0.26753   6.00117   1.000 59.52029  ? 57  TYR A CE1    1 
ATOM   313 C  CE2    . TYR A 1 57  ? 15.80557  0.57335   3.78743   1.000 59.24921  ? 57  TYR A CE2    1 
ATOM   314 C  CZ     . TYR A 1 57  ? 15.76480  -0.06243  5.00837   1.000 61.29156  ? 57  TYR A CZ     1 
ATOM   315 O  OH     . TYR A 1 57  ? 14.81916  -1.03007  5.23980   1.000 62.90228  ? 57  TYR A OH     1 
ATOM   316 N  N      . SER A 1 58  ? 17.11255  5.15777   2.73422   1.000 25.50832  ? 58  SER A N      1 
ATOM   317 C  CA     . SER A 1 58  ? 15.97753  5.55326   1.91099   1.000 23.42649  ? 58  SER A CA     1 
ATOM   318 C  C      . SER A 1 58  ? 15.12084  4.34712   1.54839   1.000 23.11330  ? 58  SER A C      1 
ATOM   319 O  O      . SER A 1 58  ? 15.63332  3.27746   1.20639   1.000 27.25853  ? 58  SER A O      1 
ATOM   320 C  CB     . SER A 1 58  ? 16.46026  6.23311   0.62969   1.000 26.87954  ? 58  SER A CB     1 
ATOM   321 O  OG     . SER A 1 58  ? 17.05447  7.48269   0.92427   1.000 28.17706  ? 58  SER A OG     1 
ATOM   322 N  N      . ASN A 1 59  ? 13.80727  4.53503   1.61213   1.000 22.83695  ? 59  ASN A N      1 
ATOM   323 C  CA     . ASN A 1 59  ? 12.83842  3.50582   1.25323   1.000 23.35543  ? 59  ASN A CA     1 
ATOM   324 C  C      . ASN A 1 59  ? 11.61321  4.20227   0.67052   1.000 22.36584  ? 59  ASN A C      1 
ATOM   325 O  O      . ASN A 1 59  ? 11.66929  5.38568   0.32598   1.000 22.31847  ? 59  ASN A O      1 
ATOM   326 C  CB     . ASN A 1 59  ? 12.56929  2.56114   2.43211   1.000 24.37134  ? 59  ASN A CB     1 
ATOM   327 C  CG     . ASN A 1 59  ? 12.07275  3.28532   3.66466   1.000 26.40580  ? 59  ASN A CG     1 
ATOM   328 O  OD1    . ASN A 1 59  ? 11.59926  4.42292   3.59099   1.000 27.85071  ? 59  ASN A OD1    1 
ATOM   329 N  ND2    . ASN A 1 59  ? 12.18689  2.62647   4.82111   1.000 29.68777  ? 59  ASN A ND2    1 
ATOM   330 N  N      . ILE A 1 60  ? 10.50994  3.46855   0.52494   1.000 19.93397  ? 60  ILE A N      1 
ATOM   331 C  CA     . ILE A 1 60  ? 9.30030   4.03477   -0.05967  1.000 19.86028  ? 60  ILE A CA     1 
ATOM   332 C  C      . ILE A 1 60  ? 8.09356   3.67309   0.79075   1.000 19.37601  ? 60  ILE A C      1 
ATOM   333 O  O      . ILE A 1 60  ? 8.03541   2.59596   1.39357   1.000 21.06305  ? 60  ILE A O      1 
ATOM   334 C  CB     . ILE A 1 60  ? 9.07813   3.59856   -1.52187  1.000 21.88420  ? 60  ILE A CB     1 
ATOM   335 C  CG1    . ILE A 1 60  ? 9.05346   2.07293   -1.62438  1.000 23.39228  ? 60  ILE A CG1    1 
ATOM   336 C  CG2    . ILE A 1 60  ? 10.15479  4.19319   -2.41988  1.000 23.45808  ? 60  ILE A CG2    1 
ATOM   337 C  CD1    . ILE A 1 60  ? 8.81708   1.54741   -3.04320  1.000 25.02142  ? 60  ILE A CD1    1 
ATOM   338 N  N      . LYS A 1 61  ? 7.12145   4.58168   0.81718   1.000 19.76290  ? 61  LYS A N      1 
ATOM   339 C  CA     . LYS A 1 61  ? 5.87637   4.39258   1.55073   1.000 18.24692  ? 61  LYS A CA     1 
ATOM   340 C  C      . LYS A 1 61  ? 4.72084   4.49879   0.56714   1.000 18.87068  ? 61  LYS A C      1 
ATOM   341 O  O      . LYS A 1 61  ? 4.51970   5.55733   -0.04196  1.000 21.34993  ? 61  LYS A O      1 
ATOM   342 C  CB     . LYS A 1 61  ? 5.71572   5.45568   2.63908   1.000 19.67604  ? 61  LYS A CB     1 
ATOM   343 C  CG     . LYS A 1 61  ? 4.38021   5.39469   3.36799   1.000 20.92093  ? 61  LYS A CG     1 
ATOM   344 C  CD     . LYS A 1 61  ? 4.28785   6.48831   4.42624   1.000 24.75297  ? 61  LYS A CD     1 
ATOM   345 C  CE     . LYS A 1 61  ? 2.92382   6.48968   5.08709   1.000 28.65870  ? 61  LYS A CE     1 
ATOM   346 N  NZ     . LYS A 1 61  ? 2.78861   7.65966   6.01603   1.000 31.53536  ? 61  LYS A NZ     1 
ATOM   347 N  N      . PHE A 1 62  ? 3.97130   3.40567   0.41118   1.000 18.20481  ? 62  PHE A N      1 
ATOM   348 C  CA     . PHE A 1 62  ? 2.74494   3.39830   -0.37881  1.000 18.22850  ? 62  PHE A CA     1 
ATOM   349 C  C      . PHE A 1 62  ? 1.54731   3.64883   0.52650   1.000 18.69435  ? 62  PHE A C      1 
ATOM   350 O  O      . PHE A 1 62  ? 1.48664   3.14251   1.65179   1.000 19.67868  ? 62  PHE A O      1 
ATOM   351 C  CB     . PHE A 1 62  ? 2.51114   2.02912   -1.02262  1.000 19.58130  ? 62  PHE A CB     1 
ATOM   352 C  CG     . PHE A 1 62  ? 3.43879   1.69650   -2.14589  1.000 20.91567  ? 62  PHE A CG     1 
ATOM   353 C  CD1    . PHE A 1 62  ? 4.62450   1.01542   -1.91206  1.000 21.39204  ? 62  PHE A CD1    1 
ATOM   354 C  CD2    . PHE A 1 62  ? 3.09737   2.01621   -3.45125  1.000 21.09463  ? 62  PHE A CD2    1 
ATOM   355 C  CE1    . PHE A 1 62  ? 5.46371   0.67086   -2.97378  1.000 23.22647  ? 62  PHE A CE1    1 
ATOM   356 C  CE2    . PHE A 1 62  ? 3.93274   1.68777   -4.50731  1.000 23.47650  ? 62  PHE A CE2    1 
ATOM   357 C  CZ     . PHE A 1 62  ? 5.11823   1.01587   -4.26851  1.000 23.44228  ? 62  PHE A CZ     1 
ATOM   358 N  N      . GLU A 1 63  ? 0.57321   4.38590   0.00216   1.000 18.63908  ? 63  GLU A N      1 
ATOM   359 C  CA     . GLU A 1 63  ? -0.74744  4.51223   0.60110   1.000 19.43917  ? 63  GLU A CA     1 
ATOM   360 C  C      . GLU A 1 63  ? -1.77407  4.16033   -0.46398  1.000 18.61539  ? 63  GLU A C      1 
ATOM   361 O  O      . GLU A 1 63  ? -1.73071  4.69450   -1.58128  1.000 19.48392  ? 63  GLU A O      1 
ATOM   362 C  CB     . GLU A 1 63  ? -0.96193  5.93881   1.09256   1.000 22.70272  ? 63  GLU A CB     1 
ATOM   363 C  CG     . GLU A 1 63  ? -0.00193  6.33623   2.19005   1.000 28.19022  ? 63  GLU A CG     1 
ATOM   364 C  CD     . GLU A 1 63  ? -0.32631  7.69317   2.79072   1.000 38.21774  ? 63  GLU A CD     1 
ATOM   365 O  OE1    . GLU A 1 63  ? -0.53114  8.65303   2.02331   1.000 41.73921  ? 63  GLU A OE1    1 
ATOM   366 O  OE2    . GLU A 1 63  ? -0.38598  7.79515   4.03550   1.000 44.35795  ? 63  GLU A OE2    1 
ATOM   367 N  N      . VAL A 1 64  ? -2.67054  3.23394   -0.14147  1.000 19.50497  ? 64  VAL A N      1 
ATOM   368 C  CA     . VAL A 1 64  ? -3.67792  2.76104   -1.08512  1.000 18.49959  ? 64  VAL A CA     1 
ATOM   369 C  C      . VAL A 1 64  ? -5.02738  2.82814   -0.39514  1.000 18.88911  ? 64  VAL A C      1 
ATOM   370 O  O      . VAL A 1 64  ? -5.27056  2.09800   0.57583   1.000 20.41561  ? 64  VAL A O      1 
ATOM   371 C  CB     . VAL A 1 64  ? -3.40362  1.32571   -1.56472  1.000 20.86829  ? 64  VAL A CB     1 
ATOM   372 C  CG1    . VAL A 1 64  ? -4.38924  0.94435   -2.66176  1.000 22.03685  ? 64  VAL A CG1    1 
ATOM   373 C  CG2    . VAL A 1 64  ? -1.97135  1.18829   -2.06564  1.000 21.69207  ? 64  VAL A CG2    1 
ATOM   374 N  N      . LEU A 1 65  ? -5.91337  3.67536   -0.90688  1.000 19.29705  ? 65  LEU A N      1 
ATOM   375 C  CA     . LEU A 1 65  ? -7.26626  3.76746   -0.38209  1.000 20.18926  ? 65  LEU A CA     1 
ATOM   376 C  C      . LEU A 1 65  ? -8.13747  2.77201   -1.12644  1.000 20.02082  ? 65  LEU A C      1 
ATOM   377 O  O      . LEU A 1 65  ? -8.05986  2.67122   -2.35255  1.000 20.68932  ? 65  LEU A O      1 
ATOM   378 C  CB     . LEU A 1 65  ? -7.80994  5.17383   -0.60775  1.000 22.38689  ? 65  LEU A CB     1 
ATOM   379 C  CG     . LEU A 1 65  ? -7.03937  6.28624   0.09663   1.000 26.02944  ? 65  LEU A CG     1 
ATOM   380 C  CD1    . LEU A 1 65  ? -7.30604  7.61887   -0.59664  1.000 29.77462  ? 65  LEU A CD1    1 
ATOM   381 C  CD2    . LEU A 1 65  ? -7.45486  6.35179   1.54926   1.000 27.56909  ? 65  LEU A CD2    1 
ATOM   382 N  N      . THR A 1 66  ? -8.97414  2.03514   -0.38892  1.000 20.43403  ? 66  THR A N      1 
ATOM   383 C  CA     . THR A 1 66  ? -9.82619  1.01622   -0.99056  1.000 21.41309  ? 66  THR A CA     1 
ATOM   384 C  C      . THR A 1 66  ? -11.24139 1.10790   -0.43907  1.000 24.10026  ? 66  THR A C      1 
ATOM   385 O  O      . THR A 1 66  ? -11.45725 1.49332   0.71209   1.000 23.14225  ? 66  THR A O      1 
ATOM   386 C  CB     . THR A 1 66  ? -9.29463  -0.41396  -0.77015  1.000 22.49743  ? 66  THR A CB     1 
ATOM   387 O  OG1    . THR A 1 66  ? -9.36535  -0.74711  0.62238   1.000 24.96352  ? 66  THR A OG1    1 
ATOM   388 C  CG2    . THR A 1 66  ? -7.85160  -0.54179  -1.26316  1.000 24.70296  ? 66  THR A CG2    1 
ATOM   389 N  N      . ALA A 1 67  ? -12.20713 0.74178   -1.28282  1.000 24.59242  ? 67  ALA A N      1 
ATOM   390 C  CA     . ALA A 1 67  ? -13.60646 0.81033   -0.88971  1.000 28.26128  ? 67  ALA A CA     1 
ATOM   391 C  C      . ALA A 1 67  ? -14.02307 -0.34910  -0.00353  1.000 30.19309  ? 67  ALA A C      1 
ATOM   392 O  O      . ALA A 1 67  ? -15.07203 -0.26884  0.64576   1.000 35.60164  ? 67  ALA A O      1 
ATOM   393 C  CB     . ALA A 1 67  ? -14.51155 0.84985   -2.12494  1.000 29.99833  ? 67  ALA A CB     1 
ATOM   394 N  N      . SER A 1 68  ? -13.23805 -1.41950  0.03595   1.000 26.61109  ? 68  SER A N      1 
ATOM   395 C  CA     . SER A 1 68  ? -13.56394 -2.58221  0.84051   1.000 26.38211  ? 68  SER A CA     1 
ATOM   396 C  C      . SER A 1 68  ? -12.33939 -3.03007  1.61960   1.000 24.47662  ? 68  SER A C      1 
ATOM   397 O  O      . SER A 1 68  ? -11.19650 -2.87961  1.16950   1.000 24.64769  ? 68  SER A O      1 
ATOM   398 C  CB     . SER A 1 68  ? -14.06577 -3.75165  -0.02232  1.000 29.04559  ? 68  SER A CB     1 
ATOM   399 O  OG     . SER A 1 68  ? -13.02815 -4.29181  -0.81872  1.000 29.32457  ? 68  SER A OG     1 
ATOM   400 N  N      . ARG A 1 69  ? -12.59017 -3.59371  2.79738   1.000 25.65571  ? 69  ARG A N      1 
ATOM   401 C  CA     . ARG A 1 69  ? -11.50759 -4.22651  3.53794   1.000 25.24513  ? 69  ARG A CA     1 
ATOM   402 C  C      . ARG A 1 69  ? -10.91885 -5.38629  2.74020   1.000 26.47159  ? 69  ARG A C      1 
ATOM   403 O  O      . ARG A 1 69  ? -9.70074  -5.59627  2.74050   1.000 25.02668  ? 69  ARG A O      1 
ATOM   404 C  CB     . ARG A 1 69  ? -12.01851 -4.69323  4.90190   1.000 26.62161  ? 69  ARG A CB     1 
ATOM   405 C  CG     . ARG A 1 69  ? -11.00330 -5.46060  5.71967   1.000 26.13471  ? 69  ARG A CG     1 
ATOM   406 C  CD     . ARG A 1 69  ? -9.74947  -4.64584  6.00545   1.000 27.42434  ? 69  ARG A CD     1 
ATOM   407 N  NE     . ARG A 1 69  ? -8.80546  -5.41821  6.81293   1.000 28.91662  ? 69  ARG A NE     1 
ATOM   408 C  CZ     . ARG A 1 69  ? -8.71071  -5.33482  8.13523   1.000 29.56670  ? 69  ARG A CZ     1 
ATOM   409 N  NH1    . ARG A 1 69  ? -9.49324  -4.50060  8.80627   1.000 30.86686  ? 69  ARG A NH1    1 
ATOM   410 N  NH2    . ARG A 1 69  ? -7.83326  -6.08493  8.78715   1.000 29.04822  ? 69  ARG A NH2    1 
ATOM   411 N  N      . GLU A 1 70  ? -11.77056 -6.12723  2.02746   1.000 26.44791  ? 70  GLU A N      1 
ATOM   412 C  CA     . GLU A 1 70  ? -11.30753 -7.26767  1.24218   1.000 28.65080  ? 70  GLU A CA     1 
ATOM   413 C  C      . GLU A 1 70  ? -10.21737 -6.87206  0.25075   1.000 26.47686  ? 70  GLU A C      1 
ATOM   414 O  O      . GLU A 1 70  ? -9.21357  -7.57978  0.11309   1.000 25.87152  ? 70  GLU A O      1 
ATOM   415 C  CB     . GLU A 1 70  ? -12.48849 -7.90388  0.50817   1.000 35.37793  ? 70  GLU A CB     1 
ATOM   416 C  CG     . GLU A 1 70  ? -12.09280 -9.04146  -0.42124  1.000 44.97908  ? 70  GLU A CG     1 
ATOM   417 C  CD     . GLU A 1 70  ? -13.29443 -9.72619  -1.05388  1.000 55.29084  ? 70  GLU A CD     1 
ATOM   418 O  OE1    . GLU A 1 70  ? -14.40862 -9.60907  -0.49894  1.000 59.38344  ? 70  GLU A OE1    1 
ATOM   419 O  OE2    . GLU A 1 70  ? -13.12391 -10.38276 -2.10425  1.000 59.16499  ? 70  GLU A OE2    1 
ATOM   420 N  N      . LEU A 1 71  ? -10.39536 -5.74966  -0.45473  1.000 25.29514  ? 71  LEU A N      1 
ATOM   421 C  CA     . LEU A 1 71  ? -9.39659  -5.34266  -1.44091  1.000 23.53966  ? 71  LEU A CA     1 
ATOM   422 C  C      . LEU A 1 71  ? -8.08940  -4.95073  -0.76950  1.000 22.94222  ? 71  LEU A C      1 
ATOM   423 O  O      . LEU A 1 71  ? -7.00660  -5.32908  -1.23833  1.000 23.91603  ? 71  LEU A O      1 
ATOM   424 C  CB     . LEU A 1 71  ? -9.92987  -4.19839  -2.30465  1.000 24.65296  ? 71  LEU A CB     1 
ATOM   425 C  CG     . LEU A 1 71  ? -8.93181  -3.65117  -3.33146  1.000 26.93218  ? 71  LEU A CG     1 
ATOM   426 C  CD1    . LEU A 1 71  ? -8.45155  -4.75572  -4.26114  1.000 28.74818  ? 71  LEU A CD1    1 
ATOM   427 C  CD2    . LEU A 1 71  ? -9.53926  -2.51289  -4.13018  1.000 28.12706  ? 71  LEU A CD2    1 
ATOM   428 N  N      . ALA A 1 72  ? -8.17059  -4.19218  0.32689   1.000 21.58680  ? 72  ALA A N      1 
ATOM   429 C  CA     . ALA A 1 72  ? -6.96857  -3.85444  1.08120   1.000 21.03147  ? 72  ALA A CA     1 
ATOM   430 C  C      . ALA A 1 72  ? -6.25038  -5.11405  1.54581   1.000 22.25004  ? 72  ALA A C      1 
ATOM   431 O  O      . ALA A 1 72  ? -5.02249  -5.21651  1.42505   1.000 21.82893  ? 72  ALA A O      1 
ATOM   432 C  CB     . ALA A 1 72  ? -7.32298  -2.94613  2.26285   1.000 23.24489  ? 72  ALA A CB     1 
ATOM   433 N  N      . ASP A 1 73  ? -7.00613  -6.09263  2.06378   1.000 22.24477  ? 73  ASP A N      1 
ATOM   434 C  CA     . ASP A 1 73  ? -6.40476  -7.34981  2.50725   1.000 23.30806  ? 73  ASP A CA     1 
ATOM   435 C  C      . ASP A 1 73  ? -5.74384  -8.08212  1.34862   1.000 23.59230  ? 73  ASP A C      1 
ATOM   436 O  O      . ASP A 1 73  ? -4.64751  -8.63958  1.49847   1.000 23.75548  ? 73  ASP A O      1 
ATOM   437 C  CB     . ASP A 1 73  ? -7.46530  -8.26785  3.11674   1.000 24.72402  ? 73  ASP A CB     1 
ATOM   438 C  CG     . ASP A 1 73  ? -7.92163  -7.83152  4.49361   1.000 28.75608  ? 73  ASP A CG     1 
ATOM   439 O  OD1    . ASP A 1 73  ? -7.22393  -7.03154  5.13806   1.000 30.26942  ? 73  ASP A OD1    1 
ATOM   440 O  OD2    . ASP A 1 73  ? -8.98240  -8.32978  4.94340   1.000 29.42721  ? 73  ASP A OD2    1 
ATOM   441 N  N      . GLN A 1 74  ? -6.41316  -8.12323  0.19340   1.000 23.96340  ? 74  GLN A N      1 
ATOM   442 C  CA     . GLN A 1 74  ? -5.87064  -8.84655  -0.95207  1.000 25.37673  ? 74  GLN A CA     1 
ATOM   443 C  C      . GLN A 1 74  ? -4.53710  -8.26001  -1.38752  1.000 23.49229  ? 74  GLN A C      1 
ATOM   444 O  O      . GLN A 1 74  ? -3.58990  -8.99908  -1.68837  1.000 25.40831  ? 74  GLN A O      1 
ATOM   445 C  CB     . GLN A 1 74  ? -6.86690  -8.83428  -2.10929  1.000 30.61157  ? 74  GLN A CB     1 
ATOM   446 C  CG     . GLN A 1 74  ? -8.08928  -9.69576  -1.88627  1.000 37.10971  ? 74  GLN A CG     1 
ATOM   447 C  CD     . GLN A 1 74  ? -9.06811  -9.60476  -3.03743  1.000 42.68670  ? 74  GLN A CD     1 
ATOM   448 O  OE1    . GLN A 1 74  ? -8.93444  -8.74448  -3.90954  1.000 45.46861  ? 74  GLN A OE1    1 
ATOM   449 N  NE2    . GLN A 1 74  ? -10.05858 -10.49076 -3.04793  1.000 45.13436  ? 74  GLN A NE2    1 
ATOM   450 N  N      . ILE A 1 75  ? -4.44007  -6.93351  -1.42665  1.000 22.43164  ? 75  ILE A N      1 
ATOM   451 C  CA     . ILE A 1 75  ? -3.17970  -6.31037  -1.81490  1.000 22.27372  ? 75  ILE A CA     1 
ATOM   452 C  C      . ILE A 1 75  ? -2.11673  -6.58548  -0.76559  1.000 21.29466  ? 75  ILE A C      1 
ATOM   453 O  O      . ILE A 1 75  ? -0.99486  -7.00383  -1.08410  1.000 21.73945  ? 75  ILE A O      1 
ATOM   454 C  CB     . ILE A 1 75  ? -3.38032  -4.80532  -2.04322  1.000 22.37110  ? 75  ILE A CB     1 
ATOM   455 C  CG1    . ILE A 1 75  ? -4.33251  -4.57280  -3.21577  1.000 23.75548  ? 75  ILE A CG1    1 
ATOM   456 C  CG2    . ILE A 1 75  ? -2.02341  -4.11976  -2.27973  1.000 24.31081  ? 75  ILE A CG2    1 
ATOM   457 C  CD1    . ILE A 1 75  ? -4.75098  -3.12577  -3.36555  1.000 25.46095  ? 75  ILE A CD1    1 
ATOM   458 N  N      . GLN A 1 76  ? -2.45310  -6.36271  0.50472   1.000 20.41824  ? 76  GLN A N      1 
ATOM   459 C  CA     . GLN A 1 76  ? -1.48607  -6.58936  1.57051   1.000 21.40783  ? 76  GLN A CA     1 
ATOM   460 C  C      . GLN A 1 76  ? -1.00828  -8.03394  1.56500   1.000 22.17108  ? 76  GLN A C      1 
ATOM   461 O  O      . GLN A 1 76  ? 0.19367   -8.30749  1.68258   1.000 23.38175  ? 76  GLN A O      1 
ATOM   462 C  CB     . GLN A 1 76  ? -2.10192  -6.24044  2.92374   1.000 21.16833  ? 76  GLN A CB     1 
ATOM   463 C  CG     . GLN A 1 76  ? -1.08726  -6.19204  4.03069   1.000 22.43164  ? 76  GLN A CG     1 
ATOM   464 C  CD     . GLN A 1 76  ? -1.70983  -6.07905  5.40463   1.000 22.80800  ? 76  GLN A CD     1 
ATOM   465 O  OE1    . GLN A 1 76  ? -2.55919  -6.88626  5.79636   1.000 25.82152  ? 76  GLN A OE1    1 
ATOM   466 N  NE2    . GLN A 1 76  ? -1.27377  -5.08520  6.15960   1.000 22.27109  ? 76  GLN A NE2    1 
ATOM   467 N  N      . ASP A 1 77  ? -1.94135  -8.97544  1.41783   1.000 24.97142  ? 77  ASP A N      1 
ATOM   468 C  CA     . ASP A 1 77  ? -1.57833  -10.38099 1.48242   1.000 27.67437  ? 77  ASP A CA     1 
ATOM   469 C  C      . ASP A 1 77  ? -0.64285  -10.76283 0.34556   1.000 27.65332  ? 77  ASP A C      1 
ATOM   470 O  O      . ASP A 1 77  ? 0.29087   -11.54866 0.54484   1.000 28.16127  ? 77  ASP A O      1 
ATOM   471 C  CB     . ASP A 1 77  ? -2.83591  -11.24879 1.46117   1.000 34.60941  ? 77  ASP A CB     1 
ATOM   472 C  CG     . ASP A 1 77  ? -3.71390  -11.04940 2.69071   1.000 40.75489  ? 77  ASP A CG     1 
ATOM   473 O  OD1    . ASP A 1 77  ? -3.24132  -10.50661 3.71133   1.000 42.54984  ? 77  ASP A OD1    1 
ATOM   474 O  OD2    . ASP A 1 77  ? -4.89507  -11.44471 2.63154   1.000 46.64243  ? 77  ASP A OD2    1 
ATOM   475 N  N      . LYS A 1 78  ? -0.87060  -10.21248 -0.85115  1.000 26.87164  ? 78  LYS A N      1 
ATOM   476 C  CA     . LYS A 1 78  ? -0.01722  -10.54661 -1.99250  1.000 29.01401  ? 78  LYS A CA     1 
ATOM   477 C  C      . LYS A 1 78  ? 1.38568   -9.98380  -1.81072  1.000 26.35316  ? 78  LYS A C      1 
ATOM   478 O  O      . LYS A 1 78  ? 2.37929   -10.66695 -2.08692  1.000 27.23748  ? 78  LYS A O      1 
ATOM   479 C  CB     . LYS A 1 78  ? -0.63900  -10.01906 -3.28573  1.000 33.09871  ? 78  LYS A CB     1 
ATOM   480 C  CG     . LYS A 1 78  ? 0.11997   -10.40772 -4.55310  1.000 38.35460  ? 78  LYS A CG     1 
ATOM   481 C  CD     . LYS A 1 78  ? 0.04092   -11.89892 -4.79429  1.000 44.78432  ? 78  LYS A CD     1 
ATOM   482 C  CE     . LYS A 1 78  ? 0.79905   -12.29687 -6.04633  1.000 48.37948  ? 78  LYS A CE     1 
ATOM   483 N  NZ     . LYS A 1 78  ? 0.27813   -11.59983 -7.25496  1.000 50.57712  ? 78  LYS A NZ     1 
ATOM   484 N  N      . VAL A 1 79  ? 1.48863   -8.74000  -1.35213  1.000 24.51347  ? 79  VAL A N      1 
ATOM   485 C  CA     . VAL A 1 79  ? 2.80116   -8.14691  -1.12551  1.000 22.95538  ? 79  VAL A CA     1 
ATOM   486 C  C      . VAL A 1 79  ? 3.56215   -8.93341  -0.06518  1.000 23.31332  ? 79  VAL A C      1 
ATOM   487 O  O      . VAL A 1 79  ? 4.74623   -9.24883  -0.22790  1.000 24.34766  ? 79  VAL A O      1 
ATOM   488 C  CB     . VAL A 1 79  ? 2.65863   -6.66325  -0.74565  1.000 22.30004  ? 79  VAL A CB     1 
ATOM   489 C  CG1    . VAL A 1 79  ? 4.01277   -6.09590  -0.31506  1.000 24.35818  ? 79  VAL A CG1    1 
ATOM   490 C  CG2    . VAL A 1 79  ? 2.05648   -5.87002  -1.90058  1.000 23.70811  ? 79  VAL A CG2    1 
ATOM   491 N  N      . VAL A 1 80  ? 2.89234   -9.25273  1.04142   1.000 25.21618  ? 80  VAL A N      1 
ATOM   492 C  CA     . VAL A 1 80  ? 3.54618   -9.99935  2.11391   1.000 26.51634  ? 80  VAL A CA     1 
ATOM   493 C  C      . VAL A 1 80  ? 3.97011   -11.37518 1.62616   1.000 28.42446  ? 80  VAL A C      1 
ATOM   494 O  O      . VAL A 1 80  ? 5.08349   -11.83657 1.90795   1.000 28.92189  ? 80  VAL A O      1 
ATOM   495 C  CB     . VAL A 1 80  ? 2.62637   -10.07204 3.34493   1.000 26.97955  ? 80  VAL A CB     1 
ATOM   496 C  CG1    . VAL A 1 80  ? 3.17641   -11.06040 4.37091   1.000 29.44300  ? 80  VAL A CG1    1 
ATOM   497 C  CG2    . VAL A 1 80  ? 2.46556   -8.68469  3.95313   1.000 27.21642  ? 80  VAL A CG2    1 
ATOM   498 N  N      . ALA A 1 81  ? 3.09783   -12.04956 0.87536   1.000 28.53763  ? 81  ALA A N      1 
ATOM   499 C  CA     . ALA A 1 81  ? 3.42519   -13.39557 0.41618   1.000 30.52998  ? 81  ALA A CA     1 
ATOM   500 C  C      . ALA A 1 81  ? 4.63269   -13.38697 -0.51393  1.000 30.44576  ? 81  ALA A C      1 
ATOM   501 O  O      . ALA A 1 81  ? 5.46240   -14.30367 -0.47433  1.000 33.57245  ? 81  ALA A O      1 
ATOM   502 C  CB     . ALA A 1 81  ? 2.21567   -14.02425 -0.27182  1.000 32.11701  ? 81  ALA A CB     1 
ATOM   503 N  N      . LYS A 1 82  ? 4.75016   -12.35615 -1.35461  1.000 29.22982  ? 82  LYS A N      1 
ATOM   504 C  CA     . LYS A 1 82  ? 5.81920   -12.30883 -2.34459  1.000 31.04846  ? 82  LYS A CA     1 
ATOM   505 C  C      . LYS A 1 82  ? 7.13309   -11.83330 -1.74497  1.000 29.59302  ? 82  LYS A C      1 
ATOM   506 O  O      . LYS A 1 82  ? 8.19588   -12.35502 -2.09862  1.000 32.26703  ? 82  LYS A O      1 
ATOM   507 C  CB     . LYS A 1 82  ? 5.42725   -11.38546 -3.50014  1.000 34.23832  ? 82  LYS A CB     1 
ATOM   508 C  CG     . LYS A 1 82  ? 4.32827   -11.92281 -4.40775  1.000 39.25471  ? 82  LYS A CG     1 
ATOM   509 C  CD     . LYS A 1 82  ? 4.82034   -13.08084 -5.25687  1.000 46.15553  ? 82  LYS A CD     1 
ATOM   510 C  CE     . LYS A 1 82  ? 5.88893   -12.63602 -6.23587  1.000 51.50881  ? 82  LYS A CE     1 
ATOM   511 N  NZ     . LYS A 1 82  ? 5.36442   -11.62139 -7.19080  1.000 54.55654  ? 82  LYS A NZ     1 
ATOM   512 N  N      . TYR A 1 83  ? 7.09116   -10.84114 -0.85230  1.000 27.46908  ? 83  TYR A N      1 
ATOM   513 C  CA     . TYR A 1 83  ? 8.30128   -10.10121 -0.51995  1.000 26.32158  ? 83  TYR A CA     1 
ATOM   514 C  C      . TYR A 1 83  ? 8.65276   -10.03442 0.95774   1.000 25.82415  ? 83  TYR A C      1 
ATOM   515 O  O      . TYR A 1 83  ? 9.78718   -9.66883  1.27799   1.000 26.09787  ? 83  TYR A O      1 
ATOM   516 C  CB     . TYR A 1 83  ? 8.23950   -8.67922  -1.10820  1.000 26.04786  ? 83  TYR A CB     1 
ATOM   517 C  CG     . TYR A 1 83  ? 7.97093   -8.69172  -2.59450  1.000 26.09260  ? 83  TYR A CG     1 
ATOM   518 C  CD1    . TYR A 1 83  ? 8.84652   -9.32981  -3.46779  1.000 28.08495  ? 83  TYR A CD1    1 
ATOM   519 C  CD2    . TYR A 1 83  ? 6.84124   -8.08482  -3.12873  1.000 26.22946  ? 83  TYR A CD2    1 
ATOM   520 C  CE1    . TYR A 1 83  ? 8.60752   -9.35528  -4.82892  1.000 30.62209  ? 83  TYR A CE1    1 
ATOM   521 C  CE2    . TYR A 1 83  ? 6.59127   -8.11086  -4.49106  1.000 28.76924  ? 83  TYR A CE2    1 
ATOM   522 C  CZ     . TYR A 1 83  ? 7.48049   -8.74886  -5.33418  1.000 30.99845  ? 83  TYR A CZ     1 
ATOM   523 O  OH     . TYR A 1 83  ? 7.24151   -8.78917  -6.68924  1.000 32.69076  ? 83  TYR A OH     1 
ATOM   524 N  N      . PHE A 1 84  ? 7.74952   -10.41021 1.86339   1.000 25.51885  ? 84  PHE A N      1 
ATOM   525 C  CA     . PHE A 1 84  ? 8.00493   -10.19845 3.28359   1.000 26.98218  ? 84  PHE A CA     1 
ATOM   526 C  C      . PHE A 1 84  ? 9.21831   -10.98300 3.76997   1.000 28.26392  ? 84  PHE A C      1 
ATOM   527 O  O      . PHE A 1 84  ? 9.95513   -10.50229 4.63744   1.000 30.28784  ? 84  PHE A O      1 
ATOM   528 C  CB     . PHE A 1 84  ? 6.74929   -10.56391 4.07392   1.000 27.37960  ? 84  PHE A CB     1 
ATOM   529 C  CG     . PHE A 1 84  ? 6.74946   -10.08301 5.49489   1.000 27.59541  ? 84  PHE A CG     1 
ATOM   530 C  CD1    . PHE A 1 84  ? 6.52477   -8.75146  5.79185   1.000 28.99821  ? 84  PHE A CD1    1 
ATOM   531 C  CD2    . PHE A 1 84  ? 6.91756   -10.98172 6.54049   1.000 28.56132  ? 84  PHE A CD2    1 
ATOM   532 C  CE1    . PHE A 1 84  ? 6.49317   -8.31400  7.11222   1.000 29.88516  ? 84  PHE A CE1    1 
ATOM   533 C  CE2    . PHE A 1 84  ? 6.88463   -10.55423 7.85872   1.000 29.06138  ? 84  PHE A CE2    1 
ATOM   534 C  CZ     . PHE A 1 84  ? 6.67337   -9.21957  8.14727   1.000 30.33785  ? 84  PHE A CZ     1 
ATOM   535 N  N      . ASP A 1 85  ? 9.46338   -12.17282 3.21726   1.000 26.36895  ? 85  ASP A N      1 
ATOM   536 C  CA     . ASP A 1 85  ? 10.57462  -12.98742 3.69726   1.000 28.09021  ? 85  ASP A CA     1 
ATOM   537 C  C      . ASP A 1 85  ? 11.93141  -12.53494 3.18120   1.000 31.20637  ? 85  ASP A C      1 
ATOM   538 O  O      . ASP A 1 85  ? 12.95164  -12.90338 3.77280   1.000 35.32002  ? 85  ASP A O      1 
ATOM   539 C  CB     . ASP A 1 85  ? 10.37241  -14.45648 3.32085   1.000 27.29801  ? 85  ASP A CB     1 
ATOM   540 C  CG     . ASP A 1 85  ? 9.26338   -15.10709 4.10658   1.000 29.91938  ? 85  ASP A CG     1 
ATOM   541 O  OD1    . ASP A 1 85  ? 8.88436   -14.56615 5.16828   1.000 29.79305  ? 85  ASP A OD1    1 
ATOM   542 O  OD2    . ASP A 1 85  ? 8.78490   -16.17215 3.66775   1.000 31.97225  ? 85  ASP A OD2    1 
ATOM   543 N  N      . ASP A 1 86  ? 11.97872  -11.77280 2.09114   1.000 27.90861  ? 86  ASP A N      1 
ATOM   544 C  CA     . ASP A 1 86  ? 13.24196  -11.44563 1.44786   1.000 30.32995  ? 86  ASP A CA     1 
ATOM   545 C  C      . ASP A 1 86  ? 13.57588  -9.96506  1.45399   1.000 26.51107  ? 86  ASP A C      1 
ATOM   546 O  O      . ASP A 1 86  ? 14.70301  -9.60668  1.07556   1.000 29.29035  ? 86  ASP A O      1 
ATOM   547 C  CB     . ASP A 1 86  ? 13.26081  -11.96562 0.00211   1.000 36.10170  ? 86  ASP A CB     1 
ATOM   548 C  CG     . ASP A 1 86  ? 13.14974  -13.47888 -0.07299  1.000 42.91041  ? 86  ASP A CG     1 
ATOM   549 O  OD1    . ASP A 1 86  ? 13.92396  -14.17308 0.62401   1.000 45.62916  ? 86  ASP A OD1    1 
ATOM   550 O  OD2    . ASP A 1 86  ? 12.28134  -13.97687 -0.82081  1.000 45.06330  ? 86  ASP A OD2    1 
ATOM   551 N  N      . TYR A 1 87  ? 12.65153  -9.10414  1.88062   1.000 25.32409  ? 87  TYR A N      1 
ATOM   552 C  CA     . TYR A 1 87  ? 12.82906  -7.66425  1.80335   1.000 25.13722  ? 87  TYR A CA     1 
ATOM   553 C  C      . TYR A 1 87  ? 12.33720  -7.00754  3.08200   1.000 25.61097  ? 87  TYR A C      1 
ATOM   554 O  O      . TYR A 1 87  ? 11.45052  -7.52897  3.76724   1.000 27.89019  ? 87  TYR A O      1 
ATOM   555 C  CB     . TYR A 1 87  ? 12.04506  -7.09765  0.62261   1.000 24.99247  ? 87  TYR A CB     1 
ATOM   556 C  CG     . TYR A 1 87  ? 12.54746  -7.59657  -0.70712  1.000 26.67951  ? 87  TYR A CG     1 
ATOM   557 C  CD1    . TYR A 1 87  ? 12.06012  -8.77649  -1.25713  1.000 29.36142  ? 87  TYR A CD1    1 
ATOM   558 C  CD2    . TYR A 1 87  ? 13.52453  -6.90115  -1.40361  1.000 29.69830  ? 87  TYR A CD2    1 
ATOM   559 C  CE1    . TYR A 1 87  ? 12.52465  -9.23857  -2.47526  1.000 30.43786  ? 87  TYR A CE1    1 
ATOM   560 C  CE2    . TYR A 1 87  ? 13.99688  -7.35348  -2.61788  1.000 31.60642  ? 87  TYR A CE2    1 
ATOM   561 C  CZ     . TYR A 1 87  ? 13.49454  -8.52385  -3.14894  1.000 33.03291  ? 87  TYR A CZ     1 
ATOM   562 O  OH     . TYR A 1 87  ? 13.96102  -8.97722  -4.35751  1.000 36.71756  ? 87  TYR A OH     1 
ATOM   563 N  N      . SER A 1 88  ? 12.92558  -5.85360  3.39902   1.000 25.89258  ? 88  SER A N      1 
ATOM   564 C  CA     . SER A 1 88  ? 12.39671  -5.03071  4.47892   1.000 26.53739  ? 88  SER A CA     1 
ATOM   565 C  C      . SER A 1 88  ? 10.98285  -4.59326  4.13524   1.000 25.34514  ? 88  SER A C      1 
ATOM   566 O  O      . SER A 1 88  ? 10.68364  -4.24519  2.98931   1.000 27.72438  ? 88  SER A O      1 
ATOM   567 C  CB     . SER A 1 88  ? 13.27270  -3.79420  4.67685   1.000 29.63513  ? 88  SER A CB     1 
ATOM   568 O  OG     . SER A 1 88  ? 14.57107  -4.17116  5.09102   1.000 35.98853  ? 88  SER A OG     1 
ATOM   569 N  N      . CYS A 1 89  ? 10.10737  -4.60473  5.13443   1.000 24.32923  ? 89  CYS A N      1 
ATOM   570 C  CA     . CYS A 1 89  ? 8.71130   -4.31931  4.86501   1.000 25.17933  ? 89  CYS A CA     1 
ATOM   571 C  C      . CYS A 1 89  ? 7.97997   -4.17881  6.18897   1.000 24.41082  ? 89  CYS A C      1 
ATOM   572 O  O      . CYS A 1 89  ? 8.19979   -4.97284  7.11089   1.000 28.12969  ? 89  CYS A O      1 
ATOM   573 C  CB     . CYS A 1 89  ? 8.09370   -5.47118  4.05854   1.000 28.80082  ? 89  CYS A CB     1 
ATOM   574 S  SG     . CYS A 1 89  ? 6.36028   -5.25879  3.64348   1.000 34.55414  ? 89  CYS A SG     1 
ATOM   575 N  N      . ILE A 1 90  ? 7.12206   -3.16791  6.27477   1.000 23.25016  ? 90  ILE A N      1 
ATOM   576 C  CA     . ILE A 1 90  ? 6.11143   -3.08925  7.32651   1.000 22.51849  ? 90  ILE A CA     1 
ATOM   577 C  C      . ILE A 1 90  ? 4.82820   -2.61874  6.66343   1.000 22.64482  ? 90  ILE A C      1 
ATOM   578 O  O      . ILE A 1 90  ? 4.86196   -1.83132  5.71803   1.000 24.12395  ? 90  ILE A O      1 
ATOM   579 C  CB     . ILE A 1 90  ? 6.54152   -2.16340  8.48899   1.000 23.56862  ? 90  ILE A CB     1 
ATOM   580 C  CG1    . ILE A 1 90  ? 5.66203   -2.39014  9.71748   1.000 25.42673  ? 90  ILE A CG1    1 
ATOM   581 C  CG2    . ILE A 1 90  ? 6.52004   -0.70763  8.08971   1.000 23.73706  ? 90  ILE A CG2    1 
ATOM   582 C  CD1    . ILE A 1 90  ? 6.25610   -1.80867  11.00233  1.000 26.94270  ? 90  ILE A CD1    1 
ATOM   583 N  N      . THR A 1 91  ? 3.69368   -3.12038  7.13847   1.000 22.06844  ? 91  THR A N      1 
ATOM   584 C  CA     . THR A 1 91  ? 2.43498   -2.78052  6.49316   1.000 21.45257  ? 91  THR A CA     1 
ATOM   585 C  C      . THR A 1 91  ? 1.32371   -2.79907  7.53302   1.000 21.14727  ? 91  THR A C      1 
ATOM   586 O  O      . THR A 1 91  ? 1.39303   -3.53083  8.52447   1.000 21.63154  ? 91  THR A O      1 
ATOM   587 C  CB     . THR A 1 91  ? 2.15201   -3.72964  5.30970   1.000 22.29215  ? 91  THR A CB     1 
ATOM   588 O  OG1    . THR A 1 91  ? 0.87279   -3.43535  4.74401   1.000 22.30004  ? 91  THR A OG1    1 
ATOM   589 C  CG2    . THR A 1 91  ? 2.20066   -5.20289  5.72811   1.000 23.78969  ? 91  THR A CG2    1 
ATOM   590 N  N      . TYR A 1 92  ? 0.31859   -1.95744  7.31438   1.000 19.90502  ? 92  TYR A N      1 
ATOM   591 C  CA     . TYR A 1 92  ? -0.80758  -1.85153  8.23547   1.000 19.11545  ? 92  TYR A CA     1 
ATOM   592 C  C      . TYR A 1 92  ? -1.96238  -1.17496  7.51845   1.000 17.80477  ? 92  TYR A C      1 
ATOM   593 O  O      . TYR A 1 92  ? -1.80343  -0.62807  6.42380   1.000 19.57603  ? 92  TYR A O      1 
ATOM   594 C  CB     . TYR A 1 92  ? -0.43229  -1.07136  9.49378   1.000 20.53930  ? 92  TYR A CB     1 
ATOM   595 C  CG     . TYR A 1 92  ? 0.19253   0.27085   9.21677   1.000 21.98948  ? 92  TYR A CG     1 
ATOM   596 C  CD1    . TYR A 1 92  ? -0.58837  1.41845   9.07819   1.000 23.44228  ? 92  TYR A CD1    1 
ATOM   597 C  CD2    . TYR A 1 92  ? 1.57516   0.40070   9.11602   1.000 23.87392  ? 92  TYR A CD2    1 
ATOM   598 C  CE1    . TYR A 1 92  ? -0.00229  2.65837   8.83168   1.000 26.79269  ? 92  TYR A CE1    1 
ATOM   599 C  CE2    . TYR A 1 92  ? 2.16292   1.62531   8.85581   1.000 27.77438  ? 92  TYR A CE2    1 
ATOM   600 C  CZ     . TYR A 1 92  ? 1.37655   2.74842   8.72641   1.000 28.22180  ? 92  TYR A CZ     1 
ATOM   601 O  OH     . TYR A 1 92  ? 1.99581   3.95443   8.49623   1.000 32.78025  ? 92  TYR A OH     1 
ATOM   602 N  N      . ILE A 1 93  ? -3.12956  -1.20834  8.16352   1.000 18.95754  ? 93  ILE A N      1 
ATOM   603 C  CA     . ILE A 1 93  ? -4.35665  -0.66342  7.60582   1.000 19.05755  ? 93  ILE A CA     1 
ATOM   604 C  C      . ILE A 1 93  ? -5.02770  0.22446   8.64296   1.000 20.26032  ? 93  ILE A C      1 
ATOM   605 O  O      . ILE A 1 93  ? -4.97822  -0.04434  9.84858   1.000 22.26056  ? 93  ILE A O      1 
ATOM   606 C  CB     . ILE A 1 93  ? -5.31321  -1.79574  7.17229   1.000 21.49995  ? 93  ILE A CB     1 
ATOM   607 C  CG1    . ILE A 1 93  ? -4.68077  -2.64274  6.06787   1.000 21.88683  ? 93  ILE A CG1    1 
ATOM   608 C  CG2    . ILE A 1 93  ? -6.64782  -1.23163  6.70535   1.000 25.84257  ? 93  ILE A CG2    1 
ATOM   609 C  CD1    . ILE A 1 93  ? -5.46325  -3.88907  5.74300   1.000 24.40819  ? 93  ILE A CD1    1 
ATOM   610 N  N      . SER A 1 94  ? -5.68090  1.28141   8.16808   1.000 21.21833  ? 94  SER A N      1 
ATOM   611 C  CA     . SER A 1 94  ? -6.50963  2.10563   9.03948   1.000 21.90526  ? 94  SER A CA     1 
ATOM   612 C  C      . SER A 1 94  ? -7.71833  2.58322   8.24882   1.000 21.14727  ? 94  SER A C      1 
ATOM   613 O  O      . SER A 1 94  ? -7.85633  2.29659   7.06014   1.000 21.92105  ? 94  SER A O      1 
ATOM   614 C  CB     . SER A 1 94  ? -5.70874  3.28388   9.59140   1.000 27.66384  ? 94  SER A CB     1 
ATOM   615 O  OG     . SER A 1 94  ? -5.30036  4.13324   8.53930   1.000 30.05887  ? 94  SER A OG     1 
ATOM   616 N  N      . THR A 1 95  ? -8.62349  3.29680   8.91089   1.000 22.99223  ? 95  THR A N      1 
ATOM   617 C  CA     . THR A 1 95  ? -9.80858  3.78736   8.22825   1.000 23.15804  ? 95  THR A CA     1 
ATOM   618 C  C      . THR A 1 95  ? -9.79589  5.30676   8.12650   1.000 22.21056  ? 95  THR A C      1 
ATOM   619 O  O      . THR A 1 95  ? -9.20869  6.00824   8.95737   1.000 23.65284  ? 95  THR A O      1 
ATOM   620 C  CB     . THR A 1 95  ? -11.10302 3.32354   8.90384   1.000 29.22719  ? 95  THR A CB     1 
ATOM   621 O  OG1    . THR A 1 95  ? -11.14215 3.80679   10.25081  1.000 32.98290  ? 95  THR A OG1    1 
ATOM   622 C  CG2    . THR A 1 95  ? -11.19001 1.79651   8.90568   1.000 31.58273  ? 95  THR A CG2    1 
ATOM   623 N  N      . VAL A 1 96  ? -10.47289 5.80501   7.09902   1.000 20.35244  ? 96  VAL A N      1 
ATOM   624 C  CA     . VAL A 1 96  ? -10.67484 7.23328   6.89210   1.000 19.91555  ? 96  VAL A CA     1 
ATOM   625 C  C      . VAL A 1 96  ? -12.12516 7.43990   6.47740   1.000 19.38917  ? 96  VAL A C      1 
ATOM   626 O  O      . VAL A 1 96  ? -12.87197 6.48237   6.24844   1.000 21.28150  ? 96  VAL A O      1 
ATOM   627 C  CB     . VAL A 1 96  ? -9.70944  7.80756   5.83666   1.000 20.33139  ? 96  VAL A CB     1 
ATOM   628 C  CG1    . VAL A 1 96  ? -8.25440  7.53156   6.24912   1.000 22.65272  ? 96  VAL A CG1    1 
ATOM   629 C  CG2    . VAL A 1 96  ? -10.02939 7.21577   4.47689   1.000 22.85011  ? 96  VAL A CG2    1 
ATOM   630 N  N      . GLU A 1 97  ? -12.53432 8.70278   6.40972   1.000 19.01807  ? 97  GLU A N      1 
ATOM   631 C  CA     . GLU A 1 97  ? -13.89726 9.03591   6.02143   1.000 19.66025  ? 97  GLU A CA     1 
ATOM   632 C  C      . GLU A 1 97  ? -13.89289 10.30718  5.18320   1.000 20.35507  ? 97  GLU A C      1 
ATOM   633 O  O      . GLU A 1 97  ? -12.83805 10.85712  4.84936   1.000 19.99450  ? 97  GLU A O      1 
ATOM   634 C  CB     . GLU A 1 97  ? -14.80433 9.14829   7.25107   1.000 23.10014  ? 97  GLU A CB     1 
ATOM   635 C  CG     . GLU A 1 97  ? -14.41207 10.27070  8.19287   1.000 25.08459  ? 97  GLU A CG     1 
ATOM   636 C  CD     . GLU A 1 97  ? -15.20217 10.24406  9.49102   1.000 31.90119  ? 97  GLU A CD     1 
ATOM   637 O  OE1    . GLU A 1 97  ? -16.34116 10.74781  9.51051   1.000 33.89354  ? 97  GLU A OE1    1 
ATOM   638 O  OE2    . GLU A 1 97  ? -14.67978 9.71873   10.49272  1.000 35.81745  ? 97  GLU A OE2    1 
ATOM   639 N  N      . ALA A 1 98  ? -15.08860 10.75918  4.81469   1.000 20.37876  ? 98  ALA A N      1 
ATOM   640 C  CA     . ALA A 1 98  ? -15.24766 11.99912  4.05413   1.000 20.74196  ? 98  ALA A CA     1 
ATOM   641 C  C      . ALA A 1 98  ? -14.45212 11.96729  2.75192   1.000 20.61037  ? 98  ALA A C      1 
ATOM   642 O  O      . ALA A 1 98  ? -13.89207 12.97609  2.31426   1.000 22.59745  ? 98  ALA A O      1 
ATOM   643 C  CB     . ALA A 1 98  ? -14.89252 13.22698  4.89502   1.000 23.18699  ? 98  ALA A CB     1 
ATOM   644 N  N      . LEU A 1 99  ? -14.42340 10.80885  2.10733   1.000 19.94976  ? 99  LEU A N      1 
ATOM   645 C  CA     . LEU A 1 99  ? -13.65056 10.66718  0.88302   1.000 21.27360  ? 99  LEU A CA     1 
ATOM   646 C  C      . LEU A 1 99  ? -14.29046 11.44707  -0.25813  1.000 21.42625  ? 99  LEU A C      1 
ATOM   647 O  O      . LEU A 1 99  ? -15.50909 11.39956  -0.45974  1.000 23.23173  ? 99  LEU A O      1 
ATOM   648 C  CB     . LEU A 1 99  ? -13.58818 9.19547   0.48816   1.000 22.99223  ? 99  LEU A CB     1 
ATOM   649 C  CG     . LEU A 1 99  ? -12.81991 8.89424   -0.79781  1.000 24.45293  ? 99  LEU A CG     1 
ATOM   650 C  CD1    . LEU A 1 99  ? -11.31028 9.09561   -0.58407  1.000 26.75847  ? 99  LEU A CD1    1 
ATOM   651 C  CD2    . LEU A 1 99  ? -13.12704 7.47847   -1.28953  1.000 25.83204  ? 99  LEU A CD2    1 
ATOM   652 N  N      A ARG A 1 100 ? -13.45054 12.14215  -1.02416  0.450 22.23951  ? 100 ARG A N      1 
ATOM   653 N  N      B ARG A 1 100 ? -13.47472 12.20407  -0.98261  0.550 20.84460  ? 100 ARG A N      1 
ATOM   654 C  CA     A ARG A 1 100 ? -13.82027 12.69311  -2.32398  0.450 22.58955  ? 100 ARG A CA     1 
ATOM   655 C  CA     B ARG A 1 100 ? -13.82226 12.64763  -2.32558  0.550 20.95251  ? 100 ARG A CA     1 
ATOM   656 C  C      A ARG A 1 100 ? -12.79012 12.18347  -3.32447  0.450 22.55007  ? 100 ARG A C      1 
ATOM   657 C  C      B ARG A 1 100 ? -12.77115 12.09280  -3.26792  0.550 22.24477  ? 100 ARG A C      1 
ATOM   658 O  O      A ARG A 1 100 ? -11.61528 12.56017  -3.25032  0.450 22.08949  ? 100 ARG A O      1 
ATOM   659 O  O      B ARG A 1 100 ? -11.57295 12.34564  -3.09002  0.550 23.08171  ? 100 ARG A O      1 
ATOM   660 C  CB     A ARG A 1 100 ? -13.82932 14.22386  -2.29694  0.450 24.46872  ? 100 ARG A CB     1 
ATOM   661 C  CB     B ARG A 1 100 ? -13.90835 14.17008  -2.45364  0.550 22.13160  ? 100 ARG A CB     1 
ATOM   662 C  CG     A ARG A 1 100 ? -14.67204 14.83582  -1.18491  0.450 24.16606  ? 100 ARG A CG     1 
ATOM   663 C  CG     B ARG A 1 100 ? -15.16452 14.75606  -1.85675  0.550 22.09212  ? 100 ARG A CG     1 
ATOM   664 C  CD     A ARG A 1 100 ? -16.14969 14.55555  -1.38620  0.450 24.23185  ? 100 ARG A CD     1 
ATOM   665 C  CD     B ARG A 1 100 ? -14.92793 15.17392  -0.42481  0.550 21.74734  ? 100 ARG A CD     1 
ATOM   666 N  NE     A ARG A 1 100 ? -16.99080 15.43570  -0.57654  0.450 24.00814  ? 100 ARG A NE     1 
ATOM   667 N  NE     B ARG A 1 100 ? -16.08009 15.87965  0.12702   0.550 23.51335  ? 100 ARG A NE     1 
ATOM   668 C  CZ     A ARG A 1 100 ? -17.25412 15.24560  0.71428   0.450 25.64781  ? 100 ARG A CZ     1 
ATOM   669 C  CZ     B ARG A 1 100 ? -16.95495 15.33967  0.97112   0.550 25.38989  ? 100 ARG A CZ     1 
ATOM   670 N  NH1    A ARG A 1 100 ? -16.73504 14.20398  1.35672   0.450 28.13758  ? 100 ARG A NH1    1 
ATOM   671 N  NH1    B ARG A 1 100 ? -16.80503 14.08076  1.37125   0.550 27.62963  ? 100 ARG A NH1    1 
ATOM   672 N  NH2    A ARG A 1 100 ? -18.03494 16.10130  1.36366   0.450 25.85836  ? 100 ARG A NH2    1 
ATOM   673 N  NH2    B ARG A 1 100 ? -17.97910 16.05765  1.41905   0.550 26.24525  ? 100 ARG A NH2    1 
ATOM   674 N  N      . ALA A 1 101 ? -13.21702 11.32005  -4.24463  1.000 22.41848  ? 101 ALA A N      1 
ATOM   675 C  CA     . ALA A 1 101 ? -12.32338 10.73263  -5.22720  1.000 24.79508  ? 101 ALA A CA     1 
ATOM   676 C  C      . ALA A 1 101 ? -13.01990 10.72362  -6.57880  1.000 25.95574  ? 101 ALA A C      1 
ATOM   677 O  O      . ALA A 1 101 ? -14.25112 10.64381  -6.65655  1.000 28.77713  ? 101 ALA A O      1 
ATOM   678 C  CB     . ALA A 1 101 ? -11.94907 9.30281   -4.83491  1.000 27.90335  ? 101 ALA A CB     1 
ATOM   679 N  N      . HIS A 1 102 ? -12.22271 10.80469  -7.64646  1.000 26.41896  ? 102 HIS A N      1 
ATOM   680 C  CA     . HIS A 1 102 ? -12.80632 10.86752  -8.98348  1.000 27.77438  ? 102 HIS A CA     1 
ATOM   681 C  C      . HIS A 1 102 ? -13.36064 9.52227   -9.41696  1.000 30.86686  ? 102 HIS A C      1 
ATOM   682 O  O      . HIS A 1 102 ? -14.41658 9.44706   -10.06238 1.000 34.66205  ? 102 HIS A O      1 
ATOM   683 C  CB     . HIS A 1 102 ? -11.77581 11.38389  -9.98958  1.000 28.11127  ? 102 HIS A CB     1 
ATOM   684 C  CG     . HIS A 1 102 ? -11.46703 12.83847  -9.82994  1.000 27.47171  ? 102 HIS A CG     1 
ATOM   685 N  ND1    . HIS A 1 102 ? -10.21728 13.30080  -9.48105  1.000 28.02968  ? 102 HIS A ND1    1 
ATOM   686 C  CD2    . HIS A 1 102 ? -12.25380 13.93376  -9.95224  1.000 26.89007  ? 102 HIS A CD2    1 
ATOM   687 C  CE1    . HIS A 1 102 ? -10.24358 14.61998  -9.41232  1.000 28.72713  ? 102 HIS A CE1    1 
ATOM   688 N  NE2    . HIS A 1 102 ? -11.46857 15.02806  -9.68711  1.000 28.52447  ? 102 HIS A NE2    1 
ATOM   689 N  N      A LYS A 1 103 ? -12.67435 8.43161   -9.07134  0.400 32.53022  ? 103 LYS A N      1 
ATOM   690 N  N      B LYS A 1 103 ? -12.65139 8.44670   -9.08495  0.600 33.11186  ? 103 LYS A N      1 
ATOM   691 C  CA     A LYS A 1 103 ? -13.13668 7.08991   -9.41693  0.400 36.49911  ? 103 LYS A CA     1 
ATOM   692 C  CA     B LYS A 1 103 ? -13.05568 7.08589   -9.40347  0.600 38.79149  ? 103 LYS A CA     1 
ATOM   693 C  C      A LYS A 1 103 ? -12.59012 6.13533   -8.36556  0.400 41.54445  ? 103 LYS A C      1 
ATOM   694 C  C      B LYS A 1 103 ? -12.56501 6.22358   -8.25588  0.600 42.82882  ? 103 LYS A C      1 
ATOM   695 O  O      A LYS A 1 103 ? -11.37698 5.92506   -8.28871  0.400 45.30806  ? 103 LYS A O      1 
ATOM   696 O  O      B LYS A 1 103 ? -11.36278 6.18928   -7.98055  0.600 46.05552  ? 103 LYS A O      1 
ATOM   697 C  CB     A LYS A 1 103 ? -12.66639 6.69639   -10.81510 0.400 36.52806  ? 103 LYS A CB     1 
ATOM   698 C  CB     B LYS A 1 103 ? -12.40260 6.63791   -10.71202 0.600 41.11019  ? 103 LYS A CB     1 
ATOM   699 C  CG     A LYS A 1 103 ? -13.21661 7.58500   -11.92406 0.400 36.52543  ? 103 LYS A CG     1 
ATOM   700 C  CG     B LYS A 1 103 ? -11.86869 5.21526   -10.69509 0.600 43.38678  ? 103 LYS A CG     1 
ATOM   701 C  CD     A LYS A 1 103 ? -12.70546 7.15072   -13.28627 0.400 36.96496  ? 103 LYS A CD     1 
ATOM   702 C  CD     B LYS A 1 103 ? -12.98227 4.19732   -10.83635 0.600 44.15003  ? 103 LYS A CD     1 
ATOM   703 C  CE     A LYS A 1 103 ? -13.17675 8.09315   -14.38242 0.400 37.38080  ? 103 LYS A CE     1 
ATOM   704 C  CE     B LYS A 1 103 ? -12.43490 2.77963   -10.91409 0.600 45.68179  ? 103 LYS A CE     1 
ATOM   705 N  NZ     A LYS A 1 103 ? -12.75871 7.61778   -15.73006 0.400 37.69136  ? 103 LYS A NZ     1 
ATOM   706 N  NZ     B LYS A 1 103 ? -13.52659 1.78094   -11.09175 0.600 46.07658  ? 103 LYS A NZ     1 
ATOM   707 N  N      . PHE A 1 104 ? -13.48024 5.55651   -7.56707  1.000 43.84999  ? 104 PHE A N      1 
ATOM   708 C  CA     . PHE A 1 104 ? -13.07676 4.78566   -6.39874  1.000 45.85550  ? 104 PHE A CA     1 
ATOM   709 C  C      . PHE A 1 104 ? -13.58082 3.34602   -6.41345  1.000 52.47734  ? 104 PHE A C      1 
ATOM   710 O  O      . PHE A 1 104 ? -12.80670 2.40146   -6.24429  1.000 54.60128  ? 104 PHE A O      1 
ATOM   711 C  CB     . PHE A 1 104 ? -13.55004 5.50036   -5.13525  1.000 41.66552  ? 104 PHE A CB     1 
ATOM   712 C  CG     . PHE A 1 104 ? -12.85864 5.04790   -3.89380  1.000 36.85968  ? 104 PHE A CG     1 
ATOM   713 C  CD1    . PHE A 1 104 ? -11.49235 5.24554   -3.73659  1.000 34.39886  ? 104 PHE A CD1    1 
ATOM   714 C  CD2    . PHE A 1 104 ? -13.56910 4.44936   -2.86823  1.000 35.67007  ? 104 PHE A CD2    1 
ATOM   715 C  CE1    . PHE A 1 104 ? -10.85043 4.83366   -2.59609  1.000 34.53835  ? 104 PHE A CE1    1 
ATOM   716 C  CE2    . PHE A 1 104 ? -12.92195 4.03386   -1.71881  1.000 34.83312  ? 104 PHE A CE2    1 
ATOM   717 C  CZ     . PHE A 1 104 ? -11.56744 4.22876   -1.58159  1.000 34.75417  ? 104 PHE A CZ     1 
ATOM   718 O  OXT    . PHE A 1 104 ? -14.76965 3.09077   -6.60319  1.000 56.85419  ? 104 PHE A OXT    1 
HETATM 719 CL CL     . CL  B 2 .   ? 2.95108   10.35349  4.57551   0.280 31.79329  ? 201 CL  A CL     1 
HETATM 720 S  S      . SO4 C 3 .   ? -3.20965  8.15208   9.30398   0.333 207.55000 ? 202 SO4 A S      1 
HETATM 721 O  O1     . SO4 C 3 .   ? -3.44242  9.09719   10.39229  0.350 89.99000  ? 202 SO4 A O1     1 
HETATM 722 O  O2     . SO4 C 3 .   ? -2.08369  8.60966   8.49677   0.333 99.08000  ? 202 SO4 A O2     1 
HETATM 723 O  O3     . SO4 C 3 .   ? -4.40305  8.06597   8.46786   0.350 84.73000  ? 202 SO4 A O3     1 
HETATM 724 O  O4     . SO4 C 3 .   ? -2.90726  6.83555   9.85841   0.350 84.39000  ? 202 SO4 A O4     1 
HETATM 725 P  PB     . ADP D 4 .   ? 14.74676  -2.65360  8.06392   1.000 121.84000 ? 203 ADP A PB     1 
HETATM 726 O  O1B    . ADP D 4 .   ? 15.60634  -3.19564  6.94663   1.000 180.27000 ? 203 ADP A O1B    1 
HETATM 727 O  O2B    . ADP D 4 .   ? 15.44541  -2.64130  9.38220   1.000 67.46000  ? 203 ADP A O2B    1 
HETATM 728 O  O3B    . ADP D 4 .   ? 14.09628  -1.31446  7.76032   1.000 66.86000  ? 203 ADP A O3B    1 
HETATM 729 P  PA     . ADP D 4 .   ? 12.08760  -3.86546  8.65074   1.000 27.19000  ? 203 ADP A PA     1 
HETATM 730 O  O1A    . ADP D 4 .   ? 11.38496  -4.71459  7.65447   1.000 27.29000  ? 203 ADP A O1A    1 
HETATM 731 O  O2A    . ADP D 4 .   ? 11.97321  -4.21075  10.10766  1.000 28.25000  ? 203 ADP A O2A    1 
HETATM 732 O  O3A    . ADP D 4 .   ? 13.65670  -3.83548  8.24928   1.000 35.17000  ? 203 ADP A O3A    1 
HETATM 733 O  "O5'"  . ADP D 4 .   ? 11.58656  -2.35471  8.49225   1.000 25.16000  ? 203 ADP A "O5'"  1 
HETATM 734 C  "C5'"  . ADP D 4 .   ? 11.44911  -1.81434  7.18947   1.000 25.92000  ? 203 ADP A "C5'"  1 
HETATM 735 C  "C4'"  . ADP D 4 .   ? 11.10411  -0.34866  7.30488   1.000 24.96000  ? 203 ADP A "C4'"  1 
HETATM 736 O  "O4'"  . ADP D 4 .   ? 9.79698   -0.23203  7.91910   1.000 22.95000  ? 203 ADP A "O4'"  1 
HETATM 737 C  "C3'"  . ADP D 4 .   ? 12.06669  0.49009   8.13341   1.000 25.48000  ? 203 ADP A "C3'"  1 
HETATM 738 O  "O3'"  . ADP D 4 .   ? 13.16254  0.94315   7.34493   1.000 29.00000  ? 203 ADP A "O3'"  1 
HETATM 739 C  "C2'"  . ADP D 4 .   ? 11.17285  1.60745   8.61735   1.000 21.56000  ? 203 ADP A "C2'"  1 
HETATM 740 O  "O2'"  . ADP D 4 .   ? 10.98574  2.56501   7.57876   1.000 22.72000  ? 203 ADP A "O2'"  1 
HETATM 741 C  "C1'"  . ADP D 4 .   ? 9.81467   0.91660   8.77444   1.000 21.27000  ? 203 ADP A "C1'"  1 
HETATM 742 N  N9     . ADP D 4 .   ? 9.55731   0.48145   10.16048  1.000 20.98000  ? 203 ADP A N9     1 
HETATM 743 C  C8     . ADP D 4 .   ? 9.92992   -0.66599  10.75251  1.000 22.76000  ? 203 ADP A C8     1 
HETATM 744 N  N7     . ADP D 4 .   ? 9.50924   -0.69129  12.03832  1.000 22.81000  ? 203 ADP A N7     1 
HETATM 745 C  C5     . ADP D 4 .   ? 8.85602   0.46246   12.25591  1.000 22.09000  ? 203 ADP A C5     1 
HETATM 746 C  C6     . ADP D 4 .   ? 8.15594   1.06004   13.39309  1.000 22.13000  ? 203 ADP A C6     1 
HETATM 747 N  N6     . ADP D 4 .   ? 8.08037   0.40544   14.57970  1.000 22.91000  ? 203 ADP A N6     1 
HETATM 748 N  N1     . ADP D 4 .   ? 7.61337   2.27107   13.20608  1.000 20.44000  ? 203 ADP A N1     1 
HETATM 749 C  C2     . ADP D 4 .   ? 7.67379   2.93448   12.03776  1.000 22.11000  ? 203 ADP A C2     1 
HETATM 750 N  N3     . ADP D 4 .   ? 8.29893   2.44661   10.95271  1.000 21.14000  ? 203 ADP A N3     1 
HETATM 751 C  C4     . ADP D 4 .   ? 8.88883   1.23563   11.02075  1.000 20.93000  ? 203 ADP A C4     1 
HETATM 752 H  "H5'1" . ADP D 4 .   ? 10.66333  -2.34229  6.64631   1.000 31.12000  ? 203 ADP A "H5'1" 1 
HETATM 753 H  "H5'2" . ADP D 4 .   ? 12.38210  -1.93549  6.63369   1.000 31.12000  ? 203 ADP A "H5'2" 1 
HETATM 754 H  "H4'"  . ADP D 4 .   ? 11.14501  0.04223   6.27839   1.000 29.97000  ? 203 ADP A "H4'"  1 
HETATM 755 H  "H3'"  . ADP D 4 .   ? 12.55392  -0.04822  8.95806   1.000 30.59000  ? 203 ADP A "H3'"  1 
HETATM 756 H  "HO3'" . ADP D 4 .   ? 13.31159  1.88383   7.51060   1.000 34.81000  ? 203 ADP A "HO3'" 1 
HETATM 757 H  "H2'"  . ADP D 4 .   ? 11.57684  2.10217   9.51200   1.000 25.89000  ? 203 ADP A "H2'"  1 
HETATM 758 H  "HO2'" . ADP D 4 .   ? 11.56982  3.32113   7.72870   1.000 27.28000  ? 203 ADP A "HO2'" 1 
HETATM 759 H  "H1'"  . ADP D 4 .   ? 9.04109   1.64897   8.50243   1.000 25.54000  ? 203 ADP A "H1'"  1 
HETATM 760 H  H8     . ADP D 4 .   ? 10.48897  -1.45786  10.26976  1.000 27.33000  ? 203 ADP A H8     1 
HETATM 761 H  HN61   . ADP D 4 .   ? 7.60393   0.83187   15.36207  1.000 27.51000  ? 203 ADP A HN61   1 
HETATM 762 H  HN62   . ADP D 4 .   ? 8.49945   -0.50735  14.68034  1.000 27.51000  ? 203 ADP A HN62   1 
HETATM 763 H  H2     . ADP D 4 .   ? 7.19776   3.90516   11.96843  1.000 26.55000  ? 203 ADP A H2     1 
HETATM 764 O  O      . HOH E 5 .   ? 4.06954   4.93179   9.05974   1.000 53.92000  ? 301 HOH A O      1 
HETATM 765 O  O      . HOH E 5 .   ? 0.92892   6.02365   7.80525   1.000 44.40000  ? 302 HOH A O      1 
HETATM 766 O  O      . HOH E 5 .   ? -3.33816  3.50145   7.15582   1.000 39.72000  ? 303 HOH A O      1 
HETATM 767 O  O      . HOH E 5 .   ? -10.94574 -9.49572  3.95208   1.000 30.00000  ? 304 HOH A O      1 
HETATM 768 O  O      . HOH E 5 .   ? -9.33706  6.92695   -6.70684  1.000 41.17862  ? 305 HOH A O      1 
HETATM 769 O  O      . HOH E 5 .   ? -1.05297  9.84776   10.71144  1.000 59.00000  ? 306 HOH A O      1 
HETATM 770 O  O      . HOH E 5 .   ? -6.33961  6.48433   9.04994   1.000 44.77116  ? 307 HOH A O      1 
HETATM 771 O  O      . HOH E 5 .   ? 17.31797  -0.88638  9.90866   1.000 49.85000  ? 308 HOH A O      1 
HETATM 772 O  O      . HOH E 5 .   ? -10.03617 8.56980   -8.72258  1.000 43.14000  ? 309 HOH A O      1 
HETATM 773 O  O      . HOH E 5 .   ? -17.00855 7.11267   0.59701   1.000 29.13770  ? 310 HOH A O      1 
HETATM 774 O  O      . HOH E 5 .   ? 6.47008   -17.46623 3.94968   1.000 31.29323  ? 311 HOH A O      1 
HETATM 775 O  O      . HOH E 5 .   ? 15.09164  0.87643   0.16463   1.000 30.07466  ? 312 HOH A O      1 
HETATM 776 O  O      . HOH E 5 .   ? 10.25478  -3.39417  -8.48899  1.000 34.02776  ? 313 HOH A O      1 
HETATM 777 O  O      . HOH E 5 .   ? 8.80217   -4.78000  9.75486   1.000 29.30088  ? 314 HOH A O      1 
HETATM 778 O  O      . HOH E 5 .   ? -6.50119  -1.09603  -11.08128 1.000 40.87859  ? 315 HOH A O      1 
HETATM 779 O  O      . HOH E 5 .   ? 4.51899   -7.52026  -9.15881  1.000 45.89000  ? 316 HOH A O      1 
HETATM 780 O  O      . HOH E 5 .   ? 9.90261   -12.97545 0.15927   1.000 37.70452  ? 317 HOH A O      1 
HETATM 781 O  O      . HOH E 5 .   ? 13.70389  -16.40795 2.23597   1.000 55.31716  ? 318 HOH A O      1 
HETATM 782 O  O      . HOH E 5 .   ? 13.31605  6.50510   -1.59551  1.000 34.64363  ? 319 HOH A O      1 
HETATM 783 O  O      . HOH E 5 .   ? -0.20393  -9.38491  -8.85327  1.000 47.85574  ? 320 HOH A O      1 
HETATM 784 O  O      . HOH E 5 .   ? -9.06378  1.58029   -4.70524  1.000 27.76912  ? 321 HOH A O      1 
HETATM 785 O  O      . HOH E 5 .   ? -3.95273  -11.66851 -2.38673  1.000 37.56240  ? 322 HOH A O      1 
HETATM 786 O  O      . HOH E 5 .   ? -2.38682  -8.10751  -7.44449  1.000 32.19333  ? 323 HOH A O      1 
HETATM 787 O  O      . HOH E 5 .   ? -17.55046 9.84965   0.63903   1.000 34.94893  ? 324 HOH A O      1 
HETATM 788 O  O      . HOH E 5 .   ? 7.08028   -13.75229 2.28563   1.000 32.92763  ? 325 HOH A O      1 
HETATM 789 O  O      . HOH E 5 .   ? 17.44280  -6.08165  -0.98887  1.000 58.42000  ? 326 HOH A O      1 
HETATM 790 O  O      . HOH E 5 .   ? 8.35325   11.85891  -1.68052  1.000 55.80932  ? 327 HOH A O      1 
HETATM 791 O  O      . HOH E 5 .   ? 10.90540  -12.43305 -2.92186  1.000 56.49000  ? 328 HOH A O      1 
HETATM 792 O  O      . HOH E 5 .   ? 18.21325  2.72284   0.12366   1.000 53.99068  ? 329 HOH A O      1 
HETATM 793 O  O      . HOH E 5 .   ? -17.21201 18.43699  -0.47723  1.000 32.67760  ? 330 HOH A O      1 
HETATM 794 O  O      . HOH E 5 .   ? -9.09347  -10.36422 0.82208   1.000 42.22000  ? 331 HOH A O      1 
HETATM 795 O  O      . HOH E 5 .   ? -7.84521  -6.20885  11.67462  1.000 32.51179  ? 332 HOH A O      1 
HETATM 796 O  O      . HOH E 5 .   ? -8.41295  -9.35709  7.59581   1.000 48.74532  ? 333 HOH A O      1 
HETATM 797 O  O      . HOH E 5 .   ? -11.62102 0.69305   -4.20351  1.000 31.74854  ? 334 HOH A O      1 
HETATM 798 O  O      . HOH E 5 .   ? -15.72054 8.18930   2.94110   1.000 29.25877  ? 335 HOH A O      1 
HETATM 799 O  O      . HOH E 5 .   ? -17.82883 9.83728   5.35373   1.000 27.94282  ? 336 HOH A O      1 
HETATM 800 O  O      . HOH E 5 .   ? 14.17947  8.85860   0.25413   1.000 48.86000  ? 337 HOH A O      1 
HETATM 801 O  O      . HOH E 5 .   ? -15.44256 -4.09770  3.50210   1.000 38.92309  ? 338 HOH A O      1 
HETATM 802 O  O      . HOH E 5 .   ? 11.14410  -0.33497  -9.36066  1.000 41.67079  ? 339 HOH A O      1 
HETATM 803 O  O      . HOH E 5 .   ? -15.78673 10.00057  -3.44808  1.000 36.22013  ? 340 HOH A O      1 
HETATM 804 O  O      . HOH E 5 .   ? -14.71839 -6.30900  2.58260   1.000 33.63298  ? 341 HOH A O      1 
HETATM 805 O  O      . HOH E 5 .   ? 5.10248   -16.47723 1.66018   1.000 40.47854  ? 342 HOH A O      1 
HETATM 806 O  O      . HOH E 5 .   ? -15.80074 8.01766   -6.28943  0.50  42.39000  ? 343 HOH A O      1 
HETATM 807 O  O      . HOH E 5 .   ? 8.69328   -10.84775 -8.44934  1.000 53.99858  ? 344 HOH A O      1 
HETATM 808 O  O      . HOH E 5 .   ? -16.49832 11.97311  -5.00096  0.50  54.74000  ? 345 HOH A O      1 
HETATM 809 O  O      . HOH E 5 .   ? 13.07112  -9.64176  5.34928   1.000 46.19501  ? 346 HOH A O      1 
HETATM 810 O  O      . HOH E 5 .   ? 16.07709  -0.94066  -2.31902  1.000 40.99702  ? 347 HOH A O      1 
HETATM 811 O  O      . HOH E 5 .   ? 17.06534  -1.17932  0.02543   1.000 63.17073  ? 348 HOH A O      1 
HETATM 812 O  O      . HOH E 5 .   ? -17.29529 -2.26828  1.51793   1.000 66.24215  ? 349 HOH A O      1 
HETATM 813 O  O      . HOH E 5 .   ? -8.12560  3.22637   12.03186  1.000 49.61000  ? 350 HOH A O      1 
HETATM 814 O  O      . HOH E 5 .   ? 15.65182  0.27167   14.81357  1.000 53.02000  ? 351 HOH A O      1 
HETATM 815 O  O      . HOH E 5 .   ? 12.36233  -10.60192 -10.71660 1.000 59.44000  ? 352 HOH A O      1 
HETATM 816 O  O      . HOH E 5 .   ? 6.24240   -11.65635 -10.50430 1.000 62.91000  ? 353 HOH A O      1 
HETATM 817 O  O      . HOH E 5 .   ? -15.51308 0.14137   -13.36116 1.000 53.57000  ? 354 HOH A O      1 
HETATM 818 O  O      . HOH E 5 .   ? -5.61158  -13.06412 -0.55527  1.000 40.42590  ? 355 HOH A O      1 
HETATM 819 O  O      . HOH E 5 .   ? -1.77055  -13.63423 -2.04605  1.000 42.87000  ? 356 HOH A O      1 
HETATM 820 O  O      . HOH E 5 .   ? 8.34168   10.15396  -4.62456  1.000 58.03064  ? 357 HOH A O      1 
HETATM 821 O  O      . HOH E 5 .   ? 0.12735   -13.30619 3.89532   0.50  44.04000  ? 358 HOH A O      1 
HETATM 822 O  O      . HOH E 5 .   ? -20.75134 8.94896   3.35331   1.000 46.76613  ? 359 HOH A O      1 
HETATM 823 O  O      . HOH E 5 .   ? -8.09250  -4.30626  -12.77510 1.000 67.48000  ? 360 HOH A O      1 
HETATM 824 O  O      . HOH E 5 .   ? 2.72569   -13.53280 -9.70655  1.000 58.89000  ? 361 HOH A O      1 
HETATM 825 O  O      . HOH E 5 .   ? -18.59188 10.71990  2.73876   1.000 36.03327  ? 362 HOH A O      1 
HETATM 826 O  O      . HOH E 5 .   ? -1.95158  -14.90108 0.05281   0.50  43.79000  ? 363 HOH A O      1 
HETATM 827 O  O      . HOH E 5 .   ? -12.14637 1.25759   -14.90660 1.000 55.94000  ? 364 HOH A O      1 
HETATM 828 O  O      . HOH E 5 .   ? 12.91431  6.94349   -5.60373  1.000 48.32685  ? 365 HOH A O      1 
HETATM 829 O  O      . HOH E 5 .   ? -9.12422  -12.20956 6.93875   1.000 65.36573  ? 366 HOH A O      1 
HETATM 830 O  O      . HOH E 5 .   ? 11.30476  -3.94470  -11.09196 1.000 53.88541  ? 367 HOH A O      1 
HETATM 831 O  O      . HOH E 5 .   ? 10.42709  7.18357   -5.09878  1.000 47.79000  ? 368 HOH A O      1 
# 
loop_
_atom_site_anisotrop.id 
_atom_site_anisotrop.type_symbol 
_atom_site_anisotrop.pdbx_label_atom_id 
_atom_site_anisotrop.pdbx_label_alt_id 
_atom_site_anisotrop.pdbx_label_comp_id 
_atom_site_anisotrop.pdbx_label_asym_id 
_atom_site_anisotrop.pdbx_label_seq_id 
_atom_site_anisotrop.pdbx_PDB_ins_code 
_atom_site_anisotrop.U[1][1] 
_atom_site_anisotrop.U[2][2] 
_atom_site_anisotrop.U[3][3] 
_atom_site_anisotrop.U[1][2] 
_atom_site_anisotrop.U[1][3] 
_atom_site_anisotrop.U[2][3] 
_atom_site_anisotrop.pdbx_auth_seq_id 
_atom_site_anisotrop.pdbx_auth_comp_id 
_atom_site_anisotrop.pdbx_auth_asym_id 
_atom_site_anisotrop.pdbx_auth_atom_id 
1   N  N   . GLN A 3   ? 0.95195 1.41340 0.85255 -0.10643 -0.16900 0.00374  3   GLN A N   
2   C  CA  . GLN A 3   ? 0.82036 1.30412 0.72822 -0.10169 -0.15926 0.02122  3   GLN A CA  
3   C  C   . GLN A 3   ? 0.61852 1.16983 0.65905 -0.07867 -0.14267 0.01161  3   GLN A C   
4   O  O   . GLN A 3   ? 0.59589 1.19491 0.55790 -0.06566 -0.16576 -0.00428 3   GLN A O   
5   C  CB  . GLN A 3   ? 0.88392 1.31907 0.69441 -0.11055 -0.15019 0.04656  3   GLN A CB  
6   C  CG  . GLN A 3   ? 0.95605 1.32876 0.66648 -0.10959 -0.12623 0.06818  3   GLN A CG  
7   C  CD  . GLN A 3   ? 1.02693 1.33211 0.65816 -0.10280 -0.09132 0.09437  3   GLN A CD  
8   O  OE1 . GLN A 3   ? 1.05490 1.32783 0.66867 -0.10045 -0.07569 0.11096  3   GLN A OE1 
9   N  NE2 . GLN A 3   ? 1.04859 1.33070 0.65642 -0.10263 -0.07962 0.09935  3   GLN A NE2 
10  N  N   . GLN A 4   ? 0.46426 1.00409 0.66775 -0.07168 -0.10779 0.01004  4   GLN A N   
11  C  CA  . GLN A 4   ? 0.37328 0.86951 0.64761 -0.02804 -0.06823 0.00784  4   GLN A CA  
12  C  C   . GLN A 4   ? 0.26682 0.67708 0.55100 -0.05301 -0.05938 0.02500  4   GLN A C   
13  O  O   . GLN A 4   ? 0.25317 0.61629 0.68403 -0.06173 -0.06666 0.02639  4   GLN A O   
14  C  CB  . GLN A 4   ? 0.46471 0.89072 0.77958 0.02320  -0.00439 -0.00078 4   GLN A CB  
15  C  CG  . GLN A 4   ? 0.52886 0.92037 0.89417 0.05201  0.03276  0.00103  4   GLN A CG  
16  C  CD  . GLN A 4   ? 0.57275 0.94744 0.97331 0.08253  0.06207  -0.00725 4   GLN A CD  
17  O  OE1 . GLN A 4   ? 0.57761 0.95645 1.01743 0.09846  0.08189  -0.00450 4   GLN A OE1 
18  N  NE2 . GLN A 4   ? 0.60388 0.94923 0.99659 0.09482  0.08349  -0.00948 4   GLN A NE2 
19  N  N   . VAL A 5   ? 0.20655 0.53881 0.39665 0.02204  0.05712  0.05219  5   VAL A N   
20  C  CA  . VAL A 5   ? 0.23286 0.42312 0.37022 0.01590  0.05219  0.06187  5   VAL A CA  
21  C  C   . VAL A 5   ? 0.21524 0.28678 0.31918 -0.03814 0.06044  0.03272  5   VAL A C   
22  O  O   . VAL A 5   ? 0.23692 0.31024 0.32873 -0.01123 0.03021  0.01002  5   VAL A O   
23  C  CB  . VAL A 5   ? 0.28913 0.48376 0.44751 0.01329  0.01537  0.10195  5   VAL A CB  
24  C  CG1 . VAL A 5   ? 0.23558 0.53922 0.46059 0.02849  -0.01198 0.09643  5   VAL A CG1 
25  C  CG2 . VAL A 5   ? 0.37217 0.38569 0.47044 -0.06275 -0.01864 0.13935  5   VAL A CG2 
26  N  N   . TRP A 6   ? 0.17291 0.32258 0.27131 -0.02531 0.05911  0.02597  6   TRP A N   
27  C  CA  . TRP A 6   ? 0.16332 0.32909 0.31519 -0.03133 0.07262  0.03212  6   TRP A CA  
28  C  C   . TRP A 6   ? 0.16793 0.32125 0.28062 -0.02362 0.08278  0.03606  6   TRP A C   
29  O  O   . TRP A 6   ? 0.17877 0.37935 0.27148 -0.04121 0.07714  0.04101  6   TRP A O   
30  C  CB  . TRP A 6   ? 0.23171 0.30858 0.35721 -0.04148 0.09937  0.05429  6   TRP A CB  
31  C  CG  . TRP A 6   ? 0.26848 0.36252 0.39150 -0.06537 0.12537  0.05390  6   TRP A CG  
32  C  CD1 . TRP A 6   ? 0.33252 0.36552 0.47457 -0.05587 0.17038  0.06131  6   TRP A CD1 
33  C  CD2 . TRP A 6   ? 0.35984 0.37099 0.47407 -0.03630 0.19308  0.06449  6   TRP A CD2 
34  N  NE1 . TRP A 6   ? 0.31469 0.39335 0.56206 -0.05708 0.15247  0.07042  6   TRP A NE1 
35  C  CE2 . TRP A 6   ? 0.38148 0.38852 0.52690 -0.04234 0.21897  0.07023  6   TRP A CE2 
36  C  CE3 . TRP A 6   ? 0.40804 0.40719 0.55096 -0.00284 0.25097  0.09819  6   TRP A CE3 
37  C  CZ2 . TRP A 6   ? 0.44275 0.42264 0.63270 -0.01340 0.27143  0.07898  6   TRP A CZ2 
38  C  CZ3 . TRP A 6   ? 0.45233 0.42632 0.59866 -0.01364 0.27672  0.11562  6   TRP A CZ3 
39  C  CH2 . TRP A 6   ? 0.44501 0.43681 0.63248 -0.01010 0.26990  0.09142  6   TRP A CH2 
40  N  N   . LYS A 7   ? 0.15169 0.33324 0.26587 -0.01887 0.09446  0.04791  7   LYS A N   
41  C  CA  . LYS A 7   ? 0.14613 0.35316 0.27582 -0.03228 0.04419  0.05641  7   LYS A CA  
42  C  C   . LYS A 7   ? 0.18109 0.31622 0.24919 -0.01886 0.04519  0.06252  7   LYS A C   
43  O  O   . LYS A 7   ? 0.21683 0.34906 0.26091 0.02047  0.05284  0.04028  7   LYS A O   
44  C  CB  . LYS A 7   ? 0.21096 0.36090 0.35004 -0.02852 0.07291  0.07345  7   LYS A CB  
45  C  CG  . LYS A 7   ? 0.25119 0.31321 0.42200 -0.05313 0.09081  0.03951  7   LYS A CG  
46  C  CD  . LYS A 7   ? 0.33088 0.34796 0.45695 -0.02810 0.10764  0.04445  7   LYS A CD  
47  C  CE  . LYS A 7   ? 0.33687 0.38913 0.48110 -0.01263 0.09728  0.01455  7   LYS A CE  
48  N  NZ  . LYS A 7   ? 0.36683 0.42046 0.54111 -0.01040 0.11038  0.00393  7   LYS A NZ  
49  N  N   . LEU A 8   ? 0.20199 0.27127 0.27094 -0.01963 0.08330  0.04960  8   LEU A N   
50  C  CA  . LEU A 8   ? 0.15301 0.25754 0.28055 -0.03428 0.06597  0.02683  8   LEU A CA  
51  C  C   . LEU A 8   ? 0.17583 0.27336 0.23662 -0.05542 0.06458  0.04421  8   LEU A C   
52  O  O   . LEU A 8   ? 0.19695 0.28653 0.26082 -0.04905 0.07605  0.06360  8   LEU A O   
53  C  CB  . LEU A 8   ? 0.20180 0.27355 0.27865 -0.05044 0.06455  0.00733  8   LEU A CB  
54  C  CG  . LEU A 8   ? 0.22041 0.27510 0.26269 -0.04526 0.06730  0.01183  8   LEU A CG  
55  C  CD1 . LEU A 8   ? 0.24098 0.26474 0.32238 -0.02944 0.06464  0.05478  8   LEU A CD1 
56  C  CD2 . LEU A 8   ? 0.23090 0.28865 0.31765 -0.06539 0.07981  -0.02260 8   LEU A CD2 
57  N  N   . VAL A 9   ? 0.13978 0.27420 0.24612 -0.04400 0.07490  0.02857  9   VAL A N   
58  C  CA  . VAL A 9   ? 0.14626 0.26166 0.26728 -0.04282 0.07022  0.03195  9   VAL A CA  
59  C  C   . VAL A 9   ? 0.15774 0.28737 0.24959 -0.01715 0.08786  0.03461  9   VAL A C   
60  O  O   . VAL A 9   ? 0.17799 0.27667 0.28604 -0.01181 0.09025  0.08550  9   VAL A O   
61  C  CB  . VAL A 9   ? 0.16864 0.25593 0.29014 -0.04306 0.08397  0.03518  9   VAL A CB  
62  C  CG1 . VAL A 9   ? 0.21371 0.30806 0.28263 -0.07830 0.07837  0.01632  9   VAL A CG1 
63  C  CG2 . VAL A 9   ? 0.22416 0.27851 0.29903 -0.00421 0.09447  0.04586  9   VAL A CG2 
64  N  N   . ILE A 10  ? 0.15323 0.28608 0.27369 -0.01017 0.09326  0.01403  10  ILE A N   
65  C  CA  . ILE A 10  ? 0.15349 0.29116 0.29365 -0.04233 0.07407  0.04809  10  ILE A CA  
66  C  C   . ILE A 10  ? 0.12225 0.27639 0.28606 -0.04468 0.07441  0.02876  10  ILE A C   
67  O  O   . ILE A 10  ? 0.19354 0.27964 0.31002 -0.05613 0.08707  0.07945  10  ILE A O   
68  C  CB  . ILE A 10  ? 0.21355 0.28878 0.31287 -0.03621 0.09882  0.00470  10  ILE A CB  
69  C  CG1 . ILE A 10  ? 0.25076 0.30522 0.31872 -0.07863 0.08689  -0.03074 10  ILE A CG1 
70  C  CG2 . ILE A 10  ? 0.21187 0.28801 0.39441 -0.04951 0.10043  0.02023  10  ILE A CG2 
71  C  CD1 . ILE A 10  ? 0.21366 0.37522 0.33232 -0.07548 0.09897  -0.04939 10  ILE A CD1 
72  N  N   . ILE A 11  ? 0.12684 0.29334 0.29832 -0.03131 0.07041  0.02723  11  ILE A N   
73  C  CA  . ILE A 11  ? 0.15236 0.31031 0.30034 -0.01238 0.07797  0.04765  11  ILE A CA  
74  C  C   . ILE A 11  ? 0.16879 0.33238 0.30053 -0.00161 0.10880  0.06708  11  ILE A C   
75  O  O   . ILE A 11  ? 0.20338 0.34344 0.34897 -0.00732 0.11343  0.11557  11  ILE A O   
76  C  CB  . ILE A 11  ? 0.15941 0.35482 0.30576 -0.03341 0.07505  0.03816  11  ILE A CB  
77  C  CG1 . ILE A 11  ? 0.20921 0.36721 0.27899 -0.03389 0.09460  0.01219  11  ILE A CG1 
78  C  CG2 . ILE A 11  ? 0.16774 0.37857 0.39809 -0.02518 0.09378  0.03995  11  ILE A CG2 
79  C  CD1 . ILE A 11  ? 0.24389 0.36172 0.38219 -0.04947 0.11653  0.03042  11  ILE A CD1 
80  N  N   . THR A 12  ? 0.17848 0.32647 0.30814 -0.01152 0.12482  0.03810  12  THR A N   
81  C  CA  . THR A 12  ? 0.18671 0.31069 0.34170 -0.02910 0.13270  0.02024  12  THR A CA  
82  C  C   . THR A 12  ? 0.19020 0.30952 0.36238 -0.02847 0.13337  0.03279  12  THR A C   
83  O  O   . THR A 12  ? 0.19330 0.30821 0.34730 -0.05452 0.10759  0.02897  12  THR A O   
84  C  CB  . THR A 12  ? 0.23966 0.35516 0.38098 -0.03744 0.12828  0.01120  12  THR A CB  
85  O  OG1 . THR A 12  ? 0.25225 0.34949 0.44406 -0.05095 0.11469  0.01490  12  THR A OG1 
86  C  CG2 . THR A 12  ? 0.27426 0.35378 0.38365 -0.05128 0.11511  0.05252  12  THR A CG2 
87  N  N   . GLU A 13  ? 0.16604 0.31542 0.37504 -0.02264 0.11989  0.01941  13  GLU A N   
88  C  CA  . GLU A 13  ? 0.20097 0.33611 0.39792 -0.02540 0.14413  0.02925  13  GLU A CA  
89  C  C   . GLU A 13  ? 0.21157 0.34715 0.39988 -0.04425 0.14826  0.01663  13  GLU A C   
90  O  O   . GLU A 13  ? 0.23670 0.34650 0.40230 -0.04776 0.13349  0.01563  13  GLU A O   
91  C  CB  . GLU A 13  ? 0.23248 0.41441 0.41990 -0.01241 0.16359  0.03786  13  GLU A CB  
92  C  CG  . GLU A 13  ? 0.23935 0.43068 0.46017 -0.00417 0.16214  0.05500  13  GLU A CG  
93  C  CD  . GLU A 13  ? 0.27027 0.43303 0.53580 0.00116  0.19902  0.04382  13  GLU A CD  
94  O  OE1 . GLU A 13  ? 0.32098 0.48011 0.56191 0.01626  0.23094  0.06417  13  GLU A OE1 
95  O  OE2 . GLU A 13  ? 0.23645 0.42751 0.55004 -0.05340 0.16120  0.02632  13  GLU A OE2 
96  N  N   . GLU A 14  ? 0.23670 0.35511 0.38309 -0.07370 0.15113  0.01303  14  GLU A N   
97  C  CA  . GLU A 14  ? 0.27061 0.41314 0.41975 -0.12014 0.14528  0.02932  14  GLU A CA  
98  C  C   . GLU A 14  ? 0.26275 0.43070 0.41175 -0.10321 0.15254  0.03657  14  GLU A C   
99  O  O   . GLU A 14  ? 0.26147 0.45238 0.42156 -0.10069 0.13944  0.04151  14  GLU A O   
100 C  CB  . GLU A 14  ? 0.32212 0.48789 0.50609 -0.13054 0.16041  0.04692  14  GLU A CB  
101 C  CG  . GLU A 14  ? 0.37771 0.50315 0.56534 -0.16602 0.18011  0.07522  14  GLU A CG  
102 C  CD  . GLU A 14  ? 0.40875 0.52970 0.57155 -0.19792 0.17497  0.06743  14  GLU A CD  
103 O  OE1 . GLU A 14  ? 0.39353 0.55710 0.48787 -0.21646 0.11782  0.08383  14  GLU A OE1 
104 O  OE2 . GLU A 14  ? 0.44613 0.50932 0.61926 -0.16361 0.23738  0.03636  14  GLU A OE2 
105 N  N   . ILE A 15  ? 0.28481 0.41857 0.41412 -0.09661 0.17043  0.02482  15  ILE A N   
106 C  CA  . ILE A 15  ? 0.26221 0.41884 0.48425 -0.07782 0.17782  -0.01396 15  ILE A CA  
107 C  C   . ILE A 15  ? 0.26425 0.41450 0.46876 -0.07322 0.18126  -0.02742 15  ILE A C   
108 O  O   . ILE A 15  ? 0.30754 0.44318 0.53119 -0.07822 0.21226  -0.03141 15  ILE A O   
109 C  CB  . ILE A 15  ? 0.28235 0.45948 0.59967 -0.01489 0.19363  -0.04906 15  ILE A CB  
110 C  CG1 . ILE A 15  ? 0.37232 0.49892 0.69866 0.00268  0.20842  -0.04313 15  ILE A CG1 
111 C  CG2 . ILE A 15  ? 0.32861 0.43286 0.63733 -0.02433 0.16299  -0.01632 15  ILE A CG2 
112 C  CD1 . ILE A 15  ? 0.43618 0.53388 0.75413 0.00381  0.21518  -0.03370 15  ILE A CD1 
113 N  N   . LEU A 16  ? 0.20195 0.40201 0.40575 -0.08614 0.12447  -0.02303 16  LEU A N   
114 C  CA  . LEU A 16  ? 0.22325 0.37481 0.35874 -0.07692 0.10836  -0.00473 16  LEU A CA  
115 C  C   . LEU A 16  ? 0.27239 0.35733 0.34578 -0.05442 0.13925  0.01195  16  LEU A C   
116 O  O   . LEU A 16  ? 0.26940 0.35479 0.34780 -0.06967 0.11462  0.02168  16  LEU A O   
117 C  CB  . LEU A 16  ? 0.28041 0.31345 0.37804 -0.05119 0.13070  0.00568  16  LEU A CB  
118 C  CG  . LEU A 16  ? 0.31501 0.34798 0.40121 -0.05310 0.14081  -0.00381 16  LEU A CG  
119 C  CD1 . LEU A 16  ? 0.32257 0.35553 0.39839 -0.07302 0.14670  0.00396  16  LEU A CD1 
120 C  CD2 . LEU A 16  ? 0.35146 0.35773 0.42171 -0.04733 0.13991  -0.02269 16  LEU A CD2 
121 N  N   . LEU A 17  ? 0.31460 0.35563 0.31277 -0.04479 0.13958  0.01497  17  LEU A N   
122 C  CA  . LEU A 17  ? 0.31598 0.36614 0.31788 -0.08045 0.10978  0.01626  17  LEU A CA  
123 C  C   . LEU A 17  ? 0.31347 0.39744 0.29239 -0.08454 0.09696  -0.00098 17  LEU A C   
124 O  O   . LEU A 17  ? 0.31121 0.38333 0.31227 -0.09568 0.11189  0.00481  17  LEU A O   
125 C  CB  . LEU A 17  ? 0.32733 0.37749 0.36218 -0.07928 0.12499  0.07232  17  LEU A CB  
126 C  CG  . LEU A 17  ? 0.34893 0.43179 0.43379 -0.07594 0.13791  0.06801  17  LEU A CG  
127 C  CD1 . LEU A 17  ? 0.35541 0.45395 0.43224 -0.07007 0.12342  0.04983  17  LEU A CD1 
128 C  CD2 . LEU A 17  ? 0.36893 0.46199 0.45299 -0.05003 0.17836  0.06174  17  LEU A CD2 
129 N  N   . LYS A 18  ? 0.39892 0.40410 0.26498 -0.08596 0.12965  -0.02914 18  LYS A N   
130 C  CA  . LYS A 18  ? 0.40803 0.46031 0.27756 -0.09626 0.14234  -0.07060 18  LYS A CA  
131 C  C   . LYS A 18  ? 0.36355 0.45559 0.32716 -0.09356 0.14126  -0.05294 18  LYS A C   
132 O  O   . LYS A 18  ? 0.35846 0.46749 0.35435 -0.11082 0.13301  -0.03408 18  LYS A O   
133 C  CB  . LYS A 18  ? 0.46225 0.55557 0.26258 -0.11169 0.13705  -0.11106 18  LYS A CB  
134 C  CG  . LYS A 18  ? 0.52428 0.61308 0.33194 -0.11800 0.16596  -0.09854 18  LYS A CG  
135 C  CD  . LYS A 18  ? 0.58534 0.64660 0.46666 -0.10930 0.19278  -0.07747 18  LYS A CD  
136 C  CE  . LYS A 18  ? 0.62858 0.66530 0.55082 -0.09917 0.20642  -0.06911 18  LYS A CE  
137 N  NZ  . LYS A 18  ? 0.67078 0.68109 0.59363 -0.09089 0.22351  -0.05364 18  LYS A NZ  
138 N  N   . LYS A 19  ? 0.32782 0.42114 0.37293 -0.07236 0.14230  -0.04754 19  LYS A N   
139 C  CA  . LYS A 19  ? 0.30322 0.40260 0.43099 -0.04575 0.14976  -0.06139 19  LYS A CA  
140 C  C   . LYS A 19  ? 0.27739 0.39775 0.37355 -0.06852 0.11349  -0.05463 19  LYS A C   
141 O  O   . LYS A 19  ? 0.27361 0.40373 0.43187 -0.06660 0.11247  -0.07585 19  LYS A O   
142 C  CB  . LYS A 19  ? 0.31449 0.43866 0.53315 0.00399  0.16645  -0.05541 19  LYS A CB  
143 C  CG  . LYS A 19  ? 0.35257 0.47861 0.65672 0.06266  0.21666  -0.05735 19  LYS A CG  
144 C  CD  . LYS A 19  ? 0.41872 0.51452 0.76846 0.09130  0.26105  -0.04886 19  LYS A CD  
145 C  CE  . LYS A 19  ? 0.46370 0.55556 0.85874 0.11706  0.28192  -0.04109 19  LYS A CE  
146 N  NZ  . LYS A 19  ? 0.50276 0.60100 0.89104 0.10901  0.27924  -0.03215 19  LYS A NZ  
147 N  N   . VAL A 20  ? 0.26507 0.37366 0.30108 -0.07334 0.10422  -0.02672 20  VAL A N   
148 C  CA  . VAL A 20  ? 0.23907 0.36319 0.32385 -0.07270 0.09860  -0.00836 20  VAL A CA  
149 C  C   . VAL A 20  ? 0.27438 0.35916 0.30796 -0.05987 0.09425  0.00260  20  VAL A C   
150 O  O   . VAL A 20  ? 0.28651 0.34371 0.30668 -0.07736 0.09021  -0.00192 20  VAL A O   
151 C  CB  . VAL A 20  ? 0.20282 0.35204 0.34174 -0.08076 0.08437  0.02297  20  VAL A CB  
152 C  CG1 . VAL A 20  ? 0.18195 0.37669 0.31326 -0.08969 0.09581  0.01019  20  VAL A CG1 
153 C  CG2 . VAL A 20  ? 0.25980 0.33864 0.35966 -0.06880 0.08858  0.03953  20  VAL A CG2 
154 N  N   . SER A 21  ? 0.28463 0.36777 0.30359 -0.05589 0.08988  -0.01173 21  SER A N   
155 C  CA  . SER A 21  ? 0.32940 0.32911 0.35079 -0.07724 0.09562  -0.01202 21  SER A CA  
156 C  C   . SER A 21  ? 0.32746 0.36408 0.33117 -0.07494 0.09833  -0.01691 21  SER A C   
157 O  O   . SER A 21  ? 0.32624 0.39805 0.29570 -0.08181 0.10369  -0.01017 21  SER A O   
158 C  CB  . SER A 21  ? 0.41125 0.29077 0.45298 -0.10758 0.08961  0.00624  21  SER A CB  
159 O  OG  . SER A 21  ? 0.48554 0.38447 0.47089 -0.05805 0.14213  0.00023  21  SER A OG  
160 N  N   . LYS A 22  ? 0.33604 0.38714 0.33712 -0.07185 0.10312  -0.05565 22  LYS A N   
161 C  CA  . LYS A 22  ? 0.37999 0.40443 0.41048 -0.06604 0.12336  -0.05134 22  LYS A CA  
162 C  C   . LYS A 22  ? 0.36543 0.38443 0.36774 -0.06129 0.09483  -0.03469 22  LYS A C   
163 O  O   . LYS A 22  ? 0.31946 0.44951 0.33063 -0.06469 0.06427  -0.04774 22  LYS A O   
164 C  CB  . LYS A 22  ? 0.48917 0.45441 0.59092 -0.01585 0.21381  -0.05218 22  LYS A CB  
165 C  CG  . LYS A 22  ? 0.63139 0.50672 0.77319 0.05745  0.29659  -0.02577 22  LYS A CG  
166 C  CD  . LYS A 22  ? 0.76696 0.52478 0.90065 0.10272  0.33857  0.00117  22  LYS A CD  
167 C  CE  . LYS A 22  ? 0.87180 0.53727 0.98332 0.10478  0.36111  0.01009  22  LYS A CE  
168 N  NZ  . LYS A 22  ? 0.92341 0.55801 1.01649 0.09441  0.35870  0.02236  22  LYS A NZ  
169 N  N   . ILE A 23  ? 0.35466 0.33506 0.34229 -0.04269 0.10168  -0.02660 23  ILE A N   
170 C  CA  . ILE A 23  ? 0.33735 0.32500 0.35985 -0.04546 0.08768  0.00196  23  ILE A CA  
171 C  C   . ILE A 23  ? 0.29239 0.30826 0.34585 -0.05172 0.07869  -0.01539 23  ILE A C   
172 O  O   . ILE A 23  ? 0.27421 0.33559 0.36410 -0.05416 0.04732  -0.01560 23  ILE A O   
173 C  CB  . ILE A 23  ? 0.31167 0.31224 0.35849 -0.03706 0.09161  -0.00178 23  ILE A CB  
174 C  CG1 . ILE A 23  ? 0.30024 0.34790 0.34085 -0.03495 0.05629  -0.00164 23  ILE A CG1 
175 C  CG2 . ILE A 23  ? 0.28763 0.32508 0.37089 -0.02998 0.11113  -0.01247 23  ILE A CG2 
176 C  CD1 . ILE A 23  ? 0.30626 0.34932 0.37612 -0.03705 0.04079  -0.02430 23  ILE A CD1 
177 N  N   . ILE A 24  ? 0.31811 0.29144 0.30845 -0.02445 0.09911  -0.00423 24  ILE A N   
178 C  CA  . ILE A 24  ? 0.26399 0.30233 0.32239 -0.05722 0.04530  -0.00118 24  ILE A CA  
179 C  C   . ILE A 24  ? 0.27890 0.35401 0.30479 -0.04956 0.05746  -0.00477 24  ILE A C   
180 O  O   . ILE A 24  ? 0.25766 0.37712 0.33082 -0.06092 0.04526  0.00179  24  ILE A O   
181 C  CB  . ILE A 24  ? 0.27646 0.27921 0.29873 -0.05245 0.07873  -0.01292 24  ILE A CB  
182 C  CG1 . ILE A 24  ? 0.24252 0.31038 0.28411 -0.09415 0.07147  0.00723  24  ILE A CG1 
183 C  CG2 . ILE A 24  ? 0.27137 0.28742 0.30942 -0.03851 0.06749  -0.02863 24  ILE A CG2 
184 C  CD1 . ILE A 24  ? 0.23698 0.30170 0.30282 -0.10236 0.08890  -0.00274 24  ILE A CD1 
185 N  N   . LYS A 25  ? 0.33522 0.42701 0.26897 -0.06227 0.05107  -0.00683 25  LYS A N   
186 C  CA  . LYS A 25  ? 0.38438 0.46594 0.25548 -0.10563 0.05057  -0.00599 25  LYS A CA  
187 C  C   . LYS A 25  ? 0.37021 0.48441 0.29028 -0.10661 0.03288  -0.03765 25  LYS A C   
188 O  O   . LYS A 25  ? 0.37823 0.48698 0.35529 -0.10172 0.01989  -0.00213 25  LYS A O   
189 C  CB  . LYS A 25  ? 0.41928 0.52508 0.28254 -0.12105 0.05591  0.01240  25  LYS A CB  
190 C  CG  . LYS A 25  ? 0.46869 0.52733 0.31668 -0.12495 0.09304  0.00095  25  LYS A CG  
191 C  CD  . LYS A 25  ? 0.55839 0.55257 0.39884 -0.11812 0.14814  0.00872  25  LYS A CD  
192 C  CE  . LYS A 25  ? 0.62009 0.55207 0.45315 -0.10483 0.20726  0.01939  25  LYS A CE  
193 N  NZ  . LYS A 25  ? 0.68164 0.54973 0.45662 -0.11118 0.23415  0.02226  25  LYS A NZ  
194 N  N   . GLU A 26  ? 0.38566 0.47743 0.32941 -0.09194 0.06341  -0.05505 26  GLU A N   
195 C  CA  . GLU A 26  ? 0.37891 0.46367 0.40732 -0.09859 0.07221  -0.08509 26  GLU A CA  
196 C  C   . GLU A 26  ? 0.33853 0.44121 0.38776 -0.10582 0.05641  -0.06750 26  GLU A C   
197 O  O   . GLU A 26  ? 0.34995 0.45172 0.39853 -0.10499 0.06689  -0.07896 26  GLU A O   
198 C  CB  . GLU A 26  ? 0.41352 0.49854 0.53034 -0.10376 0.10278  -0.10149 26  GLU A CB  
199 C  CG  . GLU A 26  ? 0.51467 0.55781 0.69102 -0.06615 0.18478  -0.09687 26  GLU A CG  
200 C  CD  . GLU A 26  ? 0.65710 0.61481 0.84209 -0.02278 0.28741  -0.06732 26  GLU A CD  
201 O  OE1 . GLU A 26  ? 0.71616 0.63750 0.88914 -0.00339 0.31374  -0.04600 26  GLU A OE1 
202 O  OE2 . GLU A 26  ? 0.69990 0.65856 0.88034 -0.00983 0.32468  -0.06515 26  GLU A OE2 
203 N  N   . ALA A 27  ? 0.35037 0.38278 0.35996 -0.08631 0.07581  -0.04816 27  ALA A N   
204 C  CA  . ALA A 27  ? 0.31615 0.40356 0.31920 -0.10668 0.05457  -0.03693 27  ALA A CA  
205 C  C   . ALA A 27  ? 0.31926 0.43714 0.38400 -0.10644 0.05248  -0.02028 27  ALA A C   
206 O  O   . ALA A 27  ? 0.31160 0.46617 0.44883 -0.12114 0.04966  -0.01481 27  ALA A O   
207 C  CB  . ALA A 27  ? 0.30197 0.44227 0.29946 -0.11292 0.04713  -0.00524 27  ALA A CB  
208 N  N   . GLY A 28  ? 0.30650 0.43858 0.37732 -0.05953 0.04319  -0.01428 28  GLY A N   
209 C  CA  . GLY A 28  ? 0.30324 0.43039 0.42507 -0.05165 0.05216  -0.02186 28  GLY A CA  
210 C  C   . GLY A 28  ? 0.29818 0.40686 0.40326 -0.05550 0.04338  -0.02207 28  GLY A C   
211 O  O   . GLY A 28  ? 0.29252 0.43746 0.40162 -0.05456 0.03056  -0.01077 28  GLY A O   
212 N  N   . ALA A 29  ? 0.30729 0.38956 0.32155 -0.05544 0.03612  -0.01728 29  ALA A N   
213 C  CA  . ALA A 29  ? 0.28235 0.39705 0.31000 -0.06900 0.02645  0.00560  29  ALA A CA  
214 C  C   . ALA A 29  ? 0.25672 0.38275 0.31233 -0.06948 0.03035  0.01770  29  ALA A C   
215 O  O   . ALA A 29  ? 0.28506 0.40983 0.29441 -0.04634 0.05530  0.00334  29  ALA A O   
216 C  CB  . ALA A 29  ? 0.28533 0.42669 0.31278 -0.06838 0.02288  0.00306  29  ALA A CB  
217 N  N   . SER A 30  ? 0.24329 0.40862 0.29300 -0.06175 0.02010  0.01593  30  SER A N   
218 C  CA  . SER A 30  ? 0.22973 0.39940 0.32317 -0.05054 0.03116  0.02242  30  SER A CA  
219 C  C   . SER A 30  ? 0.21302 0.40786 0.30221 -0.06272 0.03343  0.03464  30  SER A C   
220 O  O   . SER A 30  ? 0.27659 0.44336 0.33185 -0.07037 0.01912  0.07319  30  SER A O   
221 C  CB  . SER A 30  ? 0.25734 0.42441 0.32065 -0.02177 0.04492  -0.00270 30  SER A CB  
222 O  OG  . SER A 30  ? 0.28483 0.46062 0.33025 -0.00450 0.05746  -0.00150 30  SER A OG  
223 N  N   . GLY A 31  ? 0.17911 0.36777 0.30083 -0.08151 0.01399  0.02756  31  GLY A N   
224 C  CA  . GLY A 31  ? 0.19985 0.36330 0.27345 -0.08285 0.01693  0.01646  31  GLY A CA  
225 C  C   . GLY A 31  ? 0.20108 0.30154 0.25187 -0.07352 0.04141  0.02546  31  GLY A C   
226 O  O   . GLY A 31  ? 0.25396 0.30853 0.26131 -0.06667 0.06437  0.04453  31  GLY A O   
227 N  N   . TYR A 32  ? 0.18257 0.33351 0.25522 -0.06180 0.04183  0.02999  32  TYR A N   
228 C  CA  . TYR A 32  ? 0.16354 0.29549 0.25887 -0.03627 0.05714  0.02558  32  TYR A CA  
229 C  C   . TYR A 32  ? 0.19019 0.32412 0.23809 -0.05486 0.05951  0.03001  32  TYR A C   
230 O  O   . TYR A 32  ? 0.23114 0.31793 0.22553 -0.06705 0.07306  0.04627  32  TYR A O   
231 C  CB  . TYR A 32  ? 0.20531 0.34003 0.26516 -0.00847 0.08549  0.01114  32  TYR A CB  
232 C  CG  . TYR A 32  ? 0.23529 0.33533 0.26788 -0.02703 0.09922  0.04681  32  TYR A CG  
233 C  CD1 . TYR A 32  ? 0.25047 0.36681 0.31193 -0.02764 0.13207  0.03496  32  TYR A CD1 
234 C  CD2 . TYR A 32  ? 0.28977 0.33992 0.26331 -0.00092 0.10903  0.04592  32  TYR A CD2 
235 C  CE1 . TYR A 32  ? 0.28507 0.37139 0.33585 -0.01581 0.13347  0.02392  32  TYR A CE1 
236 C  CE2 . TYR A 32  ? 0.32117 0.34440 0.34383 0.00849  0.16800  0.04390  32  TYR A CE2 
237 C  CZ  . TYR A 32  ? 0.30551 0.38970 0.34629 0.01174  0.17342  -0.00063 32  TYR A CZ  
238 O  OH  . TYR A 32  ? 0.35611 0.44419 0.39070 0.02527  0.18081  0.02254  32  TYR A OH  
239 N  N   . THR A 33  ? 0.15700 0.30371 0.27820 -0.05356 0.06150  0.04200  33  THR A N   
240 C  CA  . THR A 33  ? 0.15007 0.32129 0.25065 -0.03660 0.06147  0.02291  33  THR A CA  
241 C  C   . THR A 33  ? 0.17677 0.32633 0.24990 -0.06417 0.06290  0.04048  33  THR A C   
242 O  O   . THR A 33  ? 0.18403 0.37579 0.27298 -0.05217 0.06392  0.09277  33  THR A O   
243 C  CB  . THR A 33  ? 0.16869 0.35326 0.24624 -0.03214 0.04435  0.01812  33  THR A CB  
244 O  OG1 . THR A 33  ? 0.19322 0.33398 0.26540 -0.03792 0.07566  0.03628  33  THR A OG1 
245 C  CG2 . THR A 33  ? 0.21377 0.33143 0.30250 -0.05296 0.07500  -0.01456 33  THR A CG2 
246 N  N   . VAL A 34  ? 0.16109 0.31893 0.23909 -0.04839 0.06006  0.02816  34  VAL A N   
247 C  CA  . VAL A 34  ? 0.18667 0.31385 0.25978 -0.05061 0.08823  0.02589  34  VAL A CA  
248 C  C   . VAL A 34  ? 0.21428 0.30660 0.27732 -0.04816 0.09542  0.04290  34  VAL A C   
249 O  O   . VAL A 34  ? 0.22180 0.31911 0.28360 -0.06681 0.07487  0.09251  34  VAL A O   
250 C  CB  . VAL A 34  ? 0.19859 0.38669 0.29622 -0.02120 0.09847  0.04935  34  VAL A CB  
251 C  CG1 . VAL A 34  ? 0.24544 0.38759 0.29627 -0.03305 0.13373  0.06519  34  VAL A CG1 
252 C  CG2 . VAL A 34  ? 0.23473 0.41764 0.31853 -0.01090 0.08815  0.06075  34  VAL A CG2 
253 N  N   . LEU A 35  ? 0.20784 0.30494 0.27822 -0.06665 0.07538  0.04248  35  LEU A N   
254 C  CA  . LEU A 35  ? 0.20792 0.31477 0.30641 -0.06678 0.07730  0.03049  35  LEU A CA  
255 C  C   . LEU A 35  ? 0.20423 0.28250 0.29926 -0.06597 0.09512  0.06444  35  LEU A C   
256 O  O   . LEU A 35  ? 0.19343 0.30097 0.36729 -0.05093 0.08482  0.09448  35  LEU A O   
257 C  CB  . LEU A 35  ? 0.23953 0.34339 0.35409 -0.01011 0.12020  0.01851  35  LEU A CB  
258 C  CG  . LEU A 35  ? 0.28837 0.34794 0.34948 -0.03438 0.15049  0.00121  35  LEU A CG  
259 C  CD1 . LEU A 35  ? 0.29920 0.40295 0.39605 -0.05268 0.14255  0.01803  35  LEU A CD1 
260 C  CD2 . LEU A 35  ? 0.37410 0.32353 0.38867 -0.03445 0.17179  0.00342  35  LEU A CD2 
261 N  N   . ALA A 36  ? 0.21334 0.34220 0.33325 -0.09837 0.07917  0.04860  36  ALA A N   
262 C  CA  . ALA A 36  ? 0.22850 0.34734 0.31085 -0.12166 0.08240  0.04950  36  ALA A CA  
263 C  C   . ALA A 36  ? 0.23458 0.37812 0.31731 -0.06421 0.08046  0.01613  36  ALA A C   
264 O  O   . ALA A 36  ? 0.31716 0.38461 0.36673 -0.04786 0.08081  0.00915  36  ALA A O   
265 C  CB  . ALA A 36  ? 0.25187 0.37220 0.38923 -0.12804 0.10730  0.06490  36  ALA A CB  
266 N  N   . ALA A 37  ? 0.20622 0.34308 0.26609 -0.06222 0.09534  0.04006  37  ALA A N   
267 C  CA  . ALA A 37  ? 0.21374 0.38633 0.25243 -0.04485 0.09457  0.06374  37  ALA A CA  
268 C  C   . ALA A 37  ? 0.20982 0.35494 0.27494 -0.03872 0.06785  0.03730  37  ALA A C   
269 O  O   . ALA A 37  ? 0.22569 0.37072 0.30729 -0.01406 0.08575  0.01123  37  ALA A O   
270 C  CB  . ALA A 37  ? 0.19714 0.43360 0.31926 -0.06489 0.09666  0.05736  37  ALA A CB  
271 N  N   . ALA A 38  ? 0.24143 0.33832 0.25005 -0.01340 0.06670  0.04997  38  ALA A N   
272 C  CA  . ALA A 38  ? 0.20010 0.35760 0.23930 -0.05623 0.05870  0.05611  38  ALA A CA  
273 C  C   . ALA A 38  ? 0.21944 0.33414 0.27262 -0.03910 0.07866  0.04455  38  ALA A C   
274 O  O   . ALA A 38  ? 0.23910 0.32732 0.28238 -0.01524 0.11742  0.03396  38  ALA A O   
275 C  CB  . ALA A 38  ? 0.20752 0.36021 0.32217 -0.07481 0.07377  0.04904  38  ALA A CB  
276 N  N   . GLY A 39  ? 0.21854 0.34234 0.29223 -0.02619 0.10257  0.06234  39  GLY A N   
277 C  CA  . GLY A 39  ? 0.22041 0.36455 0.27483 -0.02725 0.09335  0.07563  39  GLY A CA  
278 C  C   . GLY A 39  ? 0.22398 0.34968 0.32194 -0.00346 0.10804  0.07966  39  GLY A C   
279 O  O   . GLY A 39  ? 0.22893 0.40597 0.34670 -0.00456 0.11207  0.05796  39  GLY A O   
280 N  N   . GLU A 40  ? 0.23020 0.35716 0.31184 -0.00834 0.07512  0.07772  40  GLU A N   
281 C  CA  . GLU A 40  ? 0.25628 0.36136 0.34556 -0.00655 0.04960  0.10247  40  GLU A CA  
282 C  C   . GLU A 40  ? 0.26301 0.34778 0.34121 0.02750  0.06663  0.08776  40  GLU A C   
283 O  O   . GLU A 40  ? 0.26694 0.34565 0.31461 0.01466  0.09117  0.06002  40  GLU A O   
284 C  CB  . GLU A 40  ? 0.25395 0.45799 0.38936 -0.04712 0.02021  0.09795  40  GLU A CB  
285 C  CG  . GLU A 40  ? 0.27761 0.51444 0.40505 -0.06447 -0.02562 0.06310  40  GLU A CG  
286 C  CD  . GLU A 40  ? 0.31190 0.57600 0.45050 -0.03608 -0.00839 0.05321  40  GLU A CD  
287 O  OE1 . GLU A 40  ? 0.40097 0.59635 0.50858 -0.01128 0.00323  0.06418  40  GLU A OE1 
288 O  OE2 . GLU A 40  ? 0.29897 0.58654 0.49069 -0.04365 0.02110  0.03901  40  GLU A OE2 
289 N  N   . GLY A 41  ? 0.33534 0.32223 0.39813 0.03650  0.05879  0.08949  41  GLY A N   
290 C  CA  . GLY A 41  ? 0.37520 0.33667 0.45293 0.04927  0.04499  0.12356  41  GLY A CA  
291 C  C   . GLY A 41  ? 0.39596 0.40423 0.55761 0.02334  0.02941  0.14475  41  GLY A C   
292 O  O   . GLY A 41  ? 0.38951 0.42524 0.57136 -0.00724 -0.01011 0.13251  41  GLY A O   
293 N  N   . SER A 42  ? 0.43906 0.40231 0.71333 0.00911  0.08282  0.18533  42  SER A N   
294 C  CA  . SER A 42  ? 0.52523 0.42095 0.82912 0.00540  0.10608  0.22172  42  SER A CA  
295 C  C   . SER A 42  ? 0.61212 0.43651 0.98227 0.03356  0.20297  0.22592  42  SER A C   
296 O  O   . SER A 42  ? 0.62855 0.47202 1.05873 0.06669  0.23818  0.22444  42  SER A O   
297 C  CB  . SER A 42  ? 0.58268 0.42456 0.85036 -0.00790 0.11159  0.21993  42  SER A CB  
298 O  OG  . SER A 42  ? 0.59085 0.44047 0.88329 -0.00815 0.11016  0.20377  42  SER A OG  
299 N  N   . ALA A 56  ? 0.33737 0.86594 0.41239 -0.21049 0.06336  0.03550  56  ALA A N   
300 C  CA  . ALA A 56  ? 0.38281 0.80875 0.41484 -0.19516 0.09164  0.02910  56  ALA A CA  
301 C  C   . ALA A 56  ? 0.39487 0.75954 0.39779 -0.18082 0.11130  0.05150  56  ALA A C   
302 O  O   . ALA A 56  ? 0.47924 0.75389 0.49967 -0.19176 0.16219  0.08636  56  ALA A O   
303 C  CB  . ALA A 56  ? 0.45354 0.79806 0.43960 -0.14318 0.15440  0.02928  56  ALA A CB  
304 N  N   . TYR A 57  ? 0.33631 0.70830 0.32249 -0.15580 0.07938  0.05716  57  TYR A N   
305 C  CA  . TYR A 57  ? 0.31692 0.63873 0.33125 -0.10431 0.08347  0.07409  57  TYR A CA  
306 C  C   . TYR A 57  ? 0.20308 0.49810 0.29352 -0.07839 0.07734  0.05573  57  TYR A C   
307 O  O   . TYR A 57  ? 0.20799 0.43006 0.32966 -0.05595 0.12363  0.03836  57  TYR A O   
308 C  CB  . TYR A 57  ? 0.35558 0.67117 0.56745 -0.13980 0.05069  0.10536  57  TYR A CB  
309 C  CG  . TYR A 57  ? 0.43844 0.66030 0.85246 -0.15538 0.09224  0.16001  57  TYR A CG  
310 C  CD1 . TYR A 57  ? 0.46555 0.65775 0.99490 -0.16411 0.11451  0.17900  57  TYR A CD1 
311 C  CD2 . TYR A 57  ? 0.50165 0.66649 0.97176 -0.14528 0.13034  0.19406  57  TYR A CD2 
312 C  CE1 . TYR A 57  ? 0.49771 0.65407 1.10972 -0.15962 0.15405  0.19407  57  TYR A CE1 
313 C  CE2 . TYR A 57  ? 0.50505 0.67059 1.07556 -0.15908 0.14276  0.21045  57  TYR A CE2 
314 C  CZ  . TYR A 57  ? 0.51481 0.65341 1.16057 -0.15813 0.16292  0.20189  57  TYR A CZ  
315 O  OH  . TYR A 57  ? 0.53400 0.63210 1.22391 -0.15609 0.16346  0.20686  57  TYR A OH  
316 N  N   . SER A 58  ? 0.21789 0.43700 0.31431 -0.03123 0.09623  0.02032  58  SER A N   
317 C  CA  . SER A 58  ? 0.19970 0.37583 0.31456 -0.06069 0.07925  0.03491  58  SER A CA  
318 C  C   . SER A 58  ? 0.19488 0.37768 0.30564 -0.04921 0.08335  0.01938  58  SER A C   
319 O  O   . SER A 58  ? 0.25740 0.38204 0.39626 0.01848  0.12019  0.04720  58  SER A O   
320 C  CB  . SER A 58  ? 0.26529 0.41361 0.34241 -0.08343 0.08180  0.04315  58  SER A CB  
321 O  OG  . SER A 58  ? 0.27951 0.40312 0.38797 -0.08824 0.11454  0.03922  58  SER A OG  
322 N  N   . ASN A 59  ? 0.17450 0.36348 0.32973 -0.07202 0.10584  0.01796  59  ASN A N   
323 C  CA  . ASN A 59  ? 0.19545 0.36963 0.32231 -0.05990 0.09581  0.02103  59  ASN A CA  
324 C  C   . ASN A 59  ? 0.19146 0.35816 0.30018 -0.03244 0.10818  0.01720  59  ASN A C   
325 O  O   . ASN A 59  ? 0.20649 0.33795 0.30356 -0.07106 0.07788  0.01609  59  ASN A O   
326 C  CB  . ASN A 59  ? 0.22370 0.38337 0.31893 -0.08473 0.07720  0.03677  59  ASN A CB  
327 C  CG  . ASN A 59  ? 0.25570 0.41825 0.32935 -0.08275 0.09008  0.04684  59  ASN A CG  
328 O  OD1 . ASN A 59  ? 0.29097 0.34123 0.42600 -0.05645 0.15965  0.00794  59  ASN A OD1 
329 N  ND2 . ASN A 59  ? 0.28405 0.47805 0.36590 -0.08225 0.11068  0.08168  59  ASN A ND2 
330 N  N   . ILE A 60  ? 0.14703 0.34332 0.26705 -0.02861 0.08013  0.04645  60  ILE A N   
331 C  CA  . ILE A 60  ? 0.14914 0.32897 0.27649 -0.05886 0.07551  0.05123  60  ILE A CA  
332 C  C   . ILE A 60  ? 0.15249 0.30567 0.27804 -0.04540 0.08851  0.05288  60  ILE A C   
333 O  O   . ILE A 60  ? 0.19420 0.30409 0.30202 -0.05143 0.11054  0.06374  60  ILE A O   
334 C  CB  . ILE A 60  ? 0.20065 0.34031 0.29054 -0.07365 0.09834  0.05749  60  ILE A CB  
335 C  CG1 . ILE A 60  ? 0.26700 0.35255 0.26926 -0.07682 0.09995  0.01273  60  ILE A CG1 
336 C  CG2 . ILE A 60  ? 0.24819 0.34529 0.29781 -0.08303 0.10912  0.08634  60  ILE A CG2 
337 C  CD1 . ILE A 60  ? 0.25292 0.39698 0.30080 -0.05942 0.12845  0.01209  60  ILE A CD1 
338 N  N   . LYS A 61  ? 0.14950 0.29905 0.30235 -0.03452 0.08526  0.04728  61  LYS A N   
339 C  CA  . LYS A 61  ? 0.14019 0.32091 0.23220 -0.04987 0.07552  0.02078  61  LYS A CA  
340 C  C   . LYS A 61  ? 0.16295 0.31210 0.24195 -0.06828 0.04703  0.04711  61  LYS A C   
341 O  O   . LYS A 61  ? 0.19776 0.29013 0.32331 -0.05822 0.06041  0.06801  61  LYS A O   
342 C  CB  . LYS A 61  ? 0.17404 0.33145 0.24211 -0.03708 0.08744  0.03321  61  LYS A CB  
343 C  CG  . LYS A 61  ? 0.18929 0.34622 0.25939 -0.03461 0.12036  -0.01227 61  LYS A CG  
344 C  CD  . LYS A 61  ? 0.27404 0.38640 0.28005 -0.04228 0.15773  -0.04531 61  LYS A CD  
345 C  CE  . LYS A 61  ? 0.29876 0.43799 0.35215 -0.01474 0.17038  -0.06036 61  LYS A CE  
346 N  NZ  . LYS A 61  ? 0.36501 0.42638 0.40681 -0.03062 0.19579  -0.07146 61  LYS A NZ  
347 N  N   . PHE A 62  ? 0.15308 0.27916 0.25946 -0.08389 0.06468  0.03665  62  PHE A N   
348 C  CA  . PHE A 62  ? 0.15173 0.28302 0.25785 -0.05434 0.08450  0.02154  62  PHE A CA  
349 C  C   . PHE A 62  ? 0.17356 0.28989 0.24685 -0.03830 0.09256  0.02877  62  PHE A C   
350 O  O   . PHE A 62  ? 0.18102 0.31898 0.24770 -0.04984 0.08786  0.07112  62  PHE A O   
351 C  CB  . PHE A 62  ? 0.18934 0.27985 0.27481 -0.06653 0.08799  0.01086  62  PHE A CB  
352 C  CG  . PHE A 62  ? 0.19465 0.31287 0.28718 -0.06955 0.11504  0.02536  62  PHE A CG  
353 C  CD1 . PHE A 62  ? 0.19043 0.33021 0.29216 -0.06521 0.10071  0.01067  62  PHE A CD1 
354 C  CD2 . PHE A 62  ? 0.23717 0.34076 0.22357 -0.07887 0.10946  0.02713  62  PHE A CD2 
355 C  CE1 . PHE A 62  ? 0.24786 0.31931 0.31533 -0.06165 0.12701  0.01430  62  PHE A CE1 
356 C  CE2 . PHE A 62  ? 0.23346 0.36512 0.29342 -0.08423 0.12351  0.02234  62  PHE A CE2 
357 C  CZ  . PHE A 62  ? 0.23663 0.34242 0.31164 -0.05822 0.11307  0.02151  62  PHE A CZ  
358 N  N   . GLU A 63  ? 0.15109 0.27000 0.28711 -0.05392 0.07953  0.03737  63  GLU A N   
359 C  CA  . GLU A 63  ? 0.16892 0.27904 0.29063 -0.07069 0.09134  0.02413  63  GLU A CA  
360 C  C   . GLU A 63  ? 0.15707 0.32332 0.22691 -0.06059 0.07220  0.04684  63  GLU A C   
361 O  O   . GLU A 63  ? 0.18090 0.32364 0.23576 -0.05353 0.07741  0.07014  63  GLU A O   
362 C  CB  . GLU A 63  ? 0.20735 0.35513 0.30013 -0.07165 0.06598  -0.01473 63  GLU A CB  
363 C  CG  . GLU A 63  ? 0.30037 0.37695 0.39378 -0.08338 0.03909  -0.00990 63  GLU A CG  
364 C  CD  . GLU A 63  ? 0.51536 0.44212 0.49463 -0.03485 0.10632  0.02538  63  GLU A CD  
365 O  OE1 . GLU A 63  ? 0.57514 0.40109 0.60967 -0.05384 0.14903  0.04777  63  GLU A OE1 
366 O  OE2 . GLU A 63  ? 0.61849 0.51253 0.55438 0.00282  0.10723  0.04786  63  GLU A OE2 
367 N  N   . VAL A 64  ? 0.16789 0.31885 0.25436 -0.04221 0.05497  0.04061  64  VAL A N   
368 C  CA  . VAL A 64  ? 0.15303 0.29644 0.25343 -0.03641 0.06445  0.01860  64  VAL A CA  
369 C  C   . VAL A 64  ? 0.14655 0.31431 0.25683 -0.04308 0.07475  0.03740  64  VAL A C   
370 O  O   . VAL A 64  ? 0.20373 0.31698 0.25499 -0.06094 0.08993  0.06368  64  VAL A O   
371 C  CB  . VAL A 64  ? 0.17835 0.31425 0.30031 -0.03636 0.07202  -0.00141 64  VAL A CB  
372 C  CG1 . VAL A 64  ? 0.20649 0.35002 0.28079 -0.03909 0.08117  0.02254  64  VAL A CG1 
373 C  CG2 . VAL A 64  ? 0.18100 0.34361 0.29959 -0.03962 0.06744  0.00608  64  VAL A CG2 
374 N  N   . LEU A 65  ? 0.16642 0.33294 0.23384 -0.04261 0.07901  0.03770  65  LEU A N   
375 C  CA  . LEU A 65  ? 0.16722 0.31345 0.28643 -0.03997 0.09900  0.02994  65  LEU A CA  
376 C  C   . LEU A 65  ? 0.17175 0.31677 0.27217 -0.06159 0.06042  0.01260  65  LEU A C   
377 O  O   . LEU A 65  ? 0.19122 0.35175 0.24313 -0.06693 0.07781  0.04080  65  LEU A O   
378 C  CB  . LEU A 65  ? 0.23391 0.33892 0.27776 -0.04452 0.07476  0.00754  65  LEU A CB  
379 C  CG  . LEU A 65  ? 0.33870 0.34519 0.30510 -0.03095 0.09477  0.03757  65  LEU A CG  
380 C  CD1 . LEU A 65  ? 0.35355 0.38732 0.39043 -0.04619 0.04301  0.05518  65  LEU A CD1 
381 C  CD2 . LEU A 65  ? 0.31504 0.36135 0.37111 -0.07270 0.14160  0.04586  65  LEU A CD2 
382 N  N   . THR A 66  ? 0.16415 0.30468 0.30756 -0.07836 0.06750  0.03115  66  THR A N   
383 C  CA  . THR A 66  ? 0.17047 0.32326 0.31987 -0.08638 0.07390  0.05650  66  THR A CA  
384 C  C   . THR A 66  ? 0.18409 0.36393 0.36768 -0.06031 0.08479  0.05507  66  THR A C   
385 O  O   . THR A 66  ? 0.18538 0.34021 0.35370 -0.08006 0.07963  0.04653  66  THR A O   
386 C  CB  . THR A 66  ? 0.21265 0.36308 0.27907 -0.04901 0.09832  0.04198  66  THR A CB  
387 O  OG1 . THR A 66  ? 0.25378 0.37106 0.32366 -0.06660 0.09625  0.03896  66  THR A OG1 
388 C  CG2 . THR A 66  ? 0.22950 0.33990 0.36920 -0.05466 0.11988  0.03652  66  THR A CG2 
389 N  N   . ALA A 67  ? 0.15854 0.39517 0.38070 -0.06678 0.06901  0.05306  67  ALA A N   
390 C  CA  . ALA A 67  ? 0.15258 0.46899 0.45223 -0.05449 0.03098  0.08513  67  ALA A CA  
391 C  C   . ALA A 67  ? 0.19389 0.45397 0.49934 -0.03249 0.08421  0.08234  67  ALA A C   
392 O  O   . ALA A 67  ? 0.26658 0.46775 0.61836 -0.01129 0.15540  0.11765  67  ALA A O   
393 C  CB  . ALA A 67  ? 0.18868 0.52717 0.42395 -0.05593 -0.00624 0.09348  67  ALA A CB  
394 N  N   . SER A 68  ? 0.19687 0.45153 0.36271 -0.05159 0.02591  0.05933  68  SER A N   
395 C  CA  . SER A 68  ? 0.19096 0.39462 0.41682 -0.05481 0.07989  0.05091  68  SER A CA  
396 C  C   . SER A 68  ? 0.17706 0.36129 0.39166 -0.07662 0.07499  0.07277  68  SER A C   
397 O  O   . SER A 68  ? 0.19231 0.35064 0.39355 -0.05965 0.10414  0.07809  68  SER A O   
398 C  CB  . SER A 68  ? 0.22434 0.40555 0.47370 -0.06323 0.08558  0.03215  68  SER A CB  
399 O  OG  . SER A 68  ? 0.23096 0.42543 0.45781 -0.04880 0.03624  0.01234  68  SER A OG  
400 N  N   . ARG A 69  ? 0.20412 0.38281 0.38786 -0.04773 0.05687  0.08203  69  ARG A N   
401 C  CA  . ARG A 69  ? 0.22185 0.40216 0.33520 -0.03150 0.05027  0.11508  69  ARG A CA  
402 C  C   . ARG A 69  ? 0.25004 0.37810 0.37767 -0.04744 0.07648  0.07942  69  ARG A C   
403 O  O   . ARG A 69  ? 0.21541 0.38233 0.35315 -0.05120 0.06340  0.07015  69  ARG A O   
404 C  CB  . ARG A 69  ? 0.23058 0.40664 0.37428 -0.02564 0.08229  0.11655  69  ARG A CB  
405 C  CG  . ARG A 69  ? 0.20846 0.41907 0.36546 -0.05375 0.05201  0.10087  69  ARG A CG  
406 C  CD  . ARG A 69  ? 0.24284 0.41903 0.38013 -0.05649 0.05731  0.07912  69  ARG A CD  
407 N  NE  . ARG A 69  ? 0.29325 0.39970 0.40576 -0.06805 0.05596  0.07245  69  ARG A NE  
408 C  CZ  . ARG A 69  ? 0.27991 0.41601 0.42748 -0.06577 0.05582  0.05294  69  ARG A CZ  
409 N  NH1 . ARG A 69  ? 0.31862 0.45115 0.40304 -0.03960 0.07022  0.04864  69  ARG A NH1 
410 N  NH2 . ARG A 69  ? 0.27201 0.41755 0.41414 -0.07570 0.04347  0.04556  69  ARG A NH2 
411 N  N   . GLU A 70  ? 0.25117 0.35770 0.39603 -0.08086 0.06053  0.05158  70  GLU A N   
412 C  CA  . GLU A 70  ? 0.26348 0.37433 0.45079 -0.10603 0.06696  0.02187  70  GLU A CA  
413 C  C   . GLU A 70  ? 0.24590 0.35624 0.40386 -0.08032 0.04977  0.03880  70  GLU A C   
414 O  O   . GLU A 70  ? 0.22518 0.32449 0.43332 -0.07421 0.03632  0.03292  70  GLU A O   
415 C  CB  . GLU A 70  ? 0.31215 0.43430 0.59775 -0.15545 0.09280  -0.00412 70  GLU A CB  
416 C  CG  . GLU A 70  ? 0.41473 0.50783 0.78644 -0.15047 0.15837  -0.02212 70  GLU A CG  
417 C  CD  . GLU A 70  ? 0.54631 0.60671 0.94778 -0.10498 0.24253  -0.02080 70  GLU A CD  
418 O  OE1 . GLU A 70  ? 0.61046 0.63126 1.01458 -0.10021 0.27744  -0.01024 70  GLU A OE1 
419 O  OE2 . GLU A 70  ? 0.60448 0.66246 0.98106 -0.09069 0.26319  -0.02189 70  GLU A OE2 
420 N  N   . LEU A 71  ? 0.21797 0.37115 0.37198 -0.10450 0.02532  0.05361  71  LEU A N   
421 C  CA  . LEU A 71  ? 0.21961 0.33609 0.33870 -0.08234 0.01752  0.04435  71  LEU A CA  
422 C  C   . LEU A 71  ? 0.23415 0.31258 0.32497 -0.05387 0.03735  0.03470  71  LEU A C   
423 O  O   . LEU A 71  ? 0.21639 0.31832 0.37399 -0.05574 0.03477  0.02756  71  LEU A O   
424 C  CB  . LEU A 71  ? 0.25690 0.36623 0.31357 -0.08226 0.01521  0.07647  71  LEU A CB  
425 C  CG  . LEU A 71  ? 0.28376 0.41338 0.32616 -0.05220 0.04429  0.08344  71  LEU A CG  
426 C  CD1 . LEU A 71  ? 0.29628 0.43884 0.35718 -0.05759 0.06815  0.04270  71  LEU A CD1 
427 C  CD2 . LEU A 71  ? 0.28118 0.42888 0.35864 -0.06840 0.01620  0.10962  71  LEU A CD2 
428 N  N   . ALA A 72  ? 0.23214 0.32238 0.26568 -0.06515 0.03341  0.03444  72  ALA A N   
429 C  CA  . ALA A 72  ? 0.19426 0.30850 0.29633 -0.05836 0.03443  0.02621  72  ALA A CA  
430 C  C   . ALA A 72  ? 0.19314 0.28885 0.36341 -0.04294 0.05097  0.04466  72  ALA A C   
431 O  O   . ALA A 72  ? 0.19790 0.27904 0.35246 -0.04044 0.05030  0.05175  72  ALA A O   
432 C  CB  . ALA A 72  ? 0.22842 0.33372 0.32106 -0.04902 0.05280  0.01256  72  ALA A CB  
433 N  N   . ASP A 73  ? 0.19848 0.26399 0.38273 -0.05560 0.06890  0.04967  73  ASP A N   
434 C  CA  . ASP A 73  ? 0.21528 0.29353 0.37678 -0.06563 0.06513  0.06525  73  ASP A CA  
435 C  C   . ASP A 73  ? 0.22760 0.30824 0.36055 -0.06374 0.08001  0.04366  73  ASP A C   
436 O  O   . ASP A 73  ? 0.25912 0.31409 0.32938 -0.06279 0.07649  0.04190  73  ASP A O   
437 C  CB  . ASP A 73  ? 0.21249 0.32457 0.40234 -0.08009 0.07887  0.06034  73  ASP A CB  
438 C  CG  . ASP A 73  ? 0.28813 0.35943 0.44505 -0.08422 0.09656  0.06981  73  ASP A CG  
439 O  OD1 . ASP A 73  ? 0.30122 0.40176 0.44712 -0.05565 0.10330  0.05130  73  ASP A OD1 
440 O  OD2 . ASP A 73  ? 0.28094 0.41546 0.42169 -0.08313 0.09606  0.05445  73  ASP A OD2 
441 N  N   . GLN A 74  ? 0.23220 0.31052 0.36779 -0.07919 0.07689  0.01760  74  GLN A N   
442 C  CA  . GLN A 74  ? 0.28623 0.31563 0.36234 -0.08548 0.06678  0.00069  74  GLN A CA  
443 C  C   . GLN A 74  ? 0.26926 0.28895 0.33439 -0.06479 0.08124  0.00517  74  GLN A C   
444 O  O   . GLN A 74  ? 0.27407 0.26637 0.42496 -0.06980 0.09164  -0.00120 74  GLN A O   
445 C  CB  . GLN A 74  ? 0.34962 0.38415 0.42932 -0.11976 0.03321  0.02403  74  GLN A CB  
446 C  CG  . GLN A 74  ? 0.44680 0.43641 0.52679 -0.14596 0.00663  0.00820  74  GLN A CG  
447 C  CD  . GLN A 74  ? 0.53393 0.49967 0.58830 -0.17561 -0.01284 0.00242  74  GLN A CD  
448 O  OE1 . GLN A 74  ? 0.56025 0.54355 0.62380 -0.21341 -0.05064 0.00799  74  GLN A OE1 
449 N  NE2 . GLN A 74  ? 0.57348 0.51099 0.63044 -0.16185 0.00517  -0.01626 74  GLN A NE2 
450 N  N   . ILE A 75  ? 0.26157 0.29106 0.29967 -0.07922 0.07042  0.00510  75  ILE A N   
451 C  CA  . ILE A 75  ? 0.26819 0.28709 0.29102 -0.06931 0.07260  0.02108  75  ILE A CA  
452 C  C   . ILE A 75  ? 0.22824 0.28625 0.29461 -0.05265 0.09011  0.02839  75  ILE A C   
453 O  O   . ILE A 75  ? 0.24610 0.27068 0.30922 -0.03653 0.10904  0.03336  75  ILE A O   
454 C  CB  . ILE A 75  ? 0.25647 0.29994 0.29359 -0.05525 0.05648  0.03437  75  ILE A CB  
455 C  CG1 . ILE A 75  ? 0.29102 0.31685 0.29473 -0.02839 0.04623  0.00215  75  ILE A CG1 
456 C  CG2 . ILE A 75  ? 0.24169 0.31284 0.36917 -0.05681 0.09496  0.05163  75  ILE A CG2 
457 C  CD1 . ILE A 75  ? 0.31374 0.31168 0.34199 -0.01345 0.04852  0.01341  75  ILE A CD1 
458 N  N   . GLN A 76  ? 0.21889 0.26635 0.29056 -0.05333 0.06800  0.02395  76  GLN A N   
459 C  CA  . GLN A 76  ? 0.23292 0.28414 0.29634 -0.03329 0.08640  0.05036  76  GLN A CA  
460 C  C   . GLN A 76  ? 0.19384 0.26346 0.38510 -0.04271 0.07972  0.08103  76  GLN A C   
461 O  O   . GLN A 76  ? 0.18705 0.30193 0.39942 -0.01810 0.09148  0.06459  76  GLN A O   
462 C  CB  . GLN A 76  ? 0.22630 0.33432 0.24368 -0.05058 0.05947  0.06330  76  GLN A CB  
463 C  CG  . GLN A 76  ? 0.22258 0.38490 0.24482 -0.05283 0.04746  0.07588  76  GLN A CG  
464 C  CD  . GLN A 76  ? 0.22268 0.37407 0.26984 -0.06223 0.05787  0.09925  76  GLN A CD  
465 O  OE1 . GLN A 76  ? 0.24008 0.40270 0.33832 -0.08242 0.08762  0.11911  76  GLN A OE1 
466 N  NE2 . GLN A 76  ? 0.20766 0.30449 0.33404 -0.04334 0.08697  0.06737  76  GLN A NE2 
467 N  N   . ASP A 77  ? 0.24106 0.24739 0.46035 -0.05040 0.09343  0.07549  77  ASP A N   
468 C  CA  . ASP A 77  ? 0.22966 0.25562 0.56622 -0.04172 0.10790  0.06653  77  ASP A CA  
469 C  C   . ASP A 77  ? 0.25800 0.25160 0.54110 -0.04628 0.11533  0.04499  77  ASP A C   
470 O  O   . ASP A 77  ? 0.23404 0.28865 0.54731 0.00067  0.09121  0.06214  77  ASP A O   
471 C  CB  . ASP A 77  ? 0.28166 0.30296 0.73037 -0.04427 0.14208  0.08643  77  ASP A CB  
472 C  CG  . ASP A 77  ? 0.33739 0.39012 0.82099 -0.06526 0.14855  0.14394  77  ASP A CG  
473 O  OD1 . ASP A 77  ? 0.34932 0.48764 0.77974 -0.03943 0.18284  0.19599  77  ASP A OD1 
474 O  OD2 . ASP A 77  ? 0.41993 0.40695 0.94532 -0.04836 0.18431  0.19029  77  ASP A OD2 
475 N  N   . LYS A 78  ? 0.27523 0.26032 0.48546 -0.06595 0.13577  0.00517  78  LYS A N   
476 C  CA  . LYS A 78  ? 0.27166 0.31730 0.51345 -0.07029 0.14131  -0.00936 78  LYS A CA  
477 C  C   . LYS A 78  ? 0.24103 0.30793 0.45234 -0.05215 0.14580  -0.03296 78  LYS A C   
478 O  O   . LYS A 78  ? 0.22908 0.31413 0.49169 -0.05948 0.13033  -0.04240 78  LYS A O   
479 C  CB  . LYS A 78  ? 0.31317 0.41461 0.52982 -0.06611 0.15491  -0.01183 78  LYS A CB  
480 C  CG  . LYS A 78  ? 0.36767 0.49044 0.59919 -0.06930 0.15584  0.01432  78  LYS A CG  
481 C  CD  . LYS A 78  ? 0.48345 0.56772 0.65044 -0.02735 0.18801  0.04340  78  LYS A CD  
482 C  CE  . LYS A 78  ? 0.54798 0.59921 0.69101 -0.01468 0.20523  0.08165  78  LYS A CE  
483 N  NZ  . LYS A 78  ? 0.57606 0.60283 0.74281 0.00013  0.20355  0.10520  78  LYS A NZ  
484 N  N   . VAL A 79  ? 0.22378 0.30467 0.40295 -0.06440 0.13039  -0.03768 79  VAL A N   
485 C  CA  . VAL A 79  ? 0.21670 0.26906 0.38644 -0.07758 0.09424  -0.00585 79  VAL A CA  
486 C  C   . VAL A 79  ? 0.22055 0.26131 0.40394 -0.04590 0.11169  0.01965  79  VAL A C   
487 O  O   . VAL A 79  ? 0.20063 0.32293 0.40154 -0.01826 0.12682  0.01190  79  VAL A O   
488 C  CB  . VAL A 79  ? 0.22979 0.24877 0.36874 -0.07766 0.06316  0.02605  79  VAL A CB  
489 C  CG1 . VAL A 79  ? 0.22136 0.28737 0.41677 -0.08038 0.05199  0.01036  79  VAL A CG1 
490 C  CG2 . VAL A 79  ? 0.26345 0.26585 0.37150 -0.05409 0.08425  0.05301  79  VAL A CG2 
491 N  N   . VAL A 80  ? 0.24142 0.29404 0.42264 -0.04454 0.09938  0.06443  80  VAL A N   
492 C  CA  . VAL A 80  ? 0.26070 0.30412 0.44269 -0.00851 0.13074  0.07488  80  VAL A CA  
493 C  C   . VAL A 80  ? 0.26294 0.28605 0.53100 -0.02981 0.13305  0.06261  80  VAL A C   
494 O  O   . VAL A 80  ? 0.21603 0.31166 0.57121 -0.01727 0.12654  0.04982  80  VAL A O   
495 C  CB  . VAL A 80  ? 0.27223 0.36081 0.39206 0.02995  0.13372  0.11062  80  VAL A CB  
496 C  CG1 . VAL A 80  ? 0.27560 0.39916 0.44394 0.05549  0.12939  0.14393  80  VAL A CG1 
497 C  CG2 . VAL A 80  ? 0.25502 0.38720 0.39188 0.01530  0.11870  0.08953  80  VAL A CG2 
498 N  N   . ALA A 81  ? 0.28154 0.24535 0.55741 -0.04156 0.12943  0.03433  81  ALA A N   
499 C  CA  . ALA A 81  ? 0.27485 0.28370 0.60145 -0.04563 0.09771  0.01211  81  ALA A CA  
500 C  C   . ALA A 81  ? 0.24403 0.28431 0.62846 -0.03944 0.10381  -0.01152 81  ALA A C   
501 O  O   . ALA A 81  ? 0.26439 0.30579 0.70541 -0.03156 0.10946  0.01847  81  ALA A O   
502 C  CB  . ALA A 81  ? 0.27251 0.29587 0.65192 -0.05445 0.09512  0.00936  81  ALA A CB  
503 N  N   . LYS A 82  ? 0.22455 0.29288 0.59317 -0.05627 0.12082  -0.05548 82  LYS A N   
504 C  CA  . LYS A 82  ? 0.26483 0.32703 0.58783 -0.04333 0.13077  -0.08217 82  LYS A CA  
505 C  C   . LYS A 82  ? 0.23243 0.31962 0.57234 -0.03720 0.13511  -0.06776 82  LYS A C   
506 O  O   . LYS A 82  ? 0.24336 0.33860 0.64405 -0.01564 0.14265  -0.07558 82  LYS A O   
507 C  CB  . LYS A 82  ? 0.31686 0.37774 0.60630 -0.03581 0.17031  -0.07925 82  LYS A CB  
508 C  CG  . LYS A 82  ? 0.37076 0.40959 0.71115 -0.01501 0.18302  -0.07915 82  LYS A CG  
509 C  CD  . LYS A 82  ? 0.48879 0.48183 0.78308 -0.01115 0.18672  -0.04513 82  LYS A CD  
510 C  CE  . LYS A 82  ? 0.60044 0.50338 0.85327 -0.01490 0.19809  0.00816  82  LYS A CE  
511 N  NZ  . LYS A 82  ? 0.66221 0.49427 0.91642 -0.00595 0.20995  0.03157  82  LYS A NZ  
512 N  N   . TYR A 83  ? 0.22946 0.29528 0.51896 -0.05682 0.11669  -0.03121 83  TYR A N   
513 C  CA  . TYR A 83  ? 0.25069 0.27782 0.47159 -0.07524 0.12105  0.00647  83  TYR A CA  
514 C  C   . TYR A 83  ? 0.24255 0.33524 0.40342 -0.05203 0.14274  0.03860  83  TYR A C   
515 O  O   . TYR A 83  ? 0.21309 0.37363 0.40488 -0.04848 0.11869  0.03376  83  TYR A O   
516 C  CB  . TYR A 83  ? 0.26458 0.30554 0.41958 -0.06612 0.10782  0.01330  83  TYR A CB  
517 C  CG  . TYR A 83  ? 0.26502 0.34441 0.38197 -0.06865 0.10205  0.02699  83  TYR A CG  
518 C  CD1 . TYR A 83  ? 0.34194 0.36400 0.36116 -0.03555 0.15554  0.02204  83  TYR A CD1 
519 C  CD2 . TYR A 83  ? 0.28772 0.37379 0.33509 -0.07624 0.08721  0.02516  83  TYR A CD2 
520 C  CE1 . TYR A 83  ? 0.36350 0.38908 0.41092 -0.02492 0.15317  0.01720  83  TYR A CE1 
521 C  CE2 . TYR A 83  ? 0.34254 0.40992 0.34064 -0.05573 0.11193  0.03866  83  TYR A CE2 
522 C  CZ  . TYR A 83  ? 0.38416 0.42569 0.36795 -0.04159 0.12023  0.02702  83  TYR A CZ  
523 O  OH  . TYR A 83  ? 0.39713 0.42296 0.42201 -0.05512 0.10778  -0.01854 83  TYR A OH  
524 N  N   . PHE A 84  ? 0.25040 0.34359 0.37562 -0.03138 0.16509  0.04903  84  PHE A N   
525 C  CA  . PHE A 84  ? 0.24207 0.39019 0.39295 -0.03938 0.15232  0.05750  84  PHE A CA  
526 C  C   . PHE A 84  ? 0.29172 0.38832 0.39386 -0.03114 0.15169  0.03232  84  PHE A C   
527 O  O   . PHE A 84  ? 0.32654 0.38534 0.43892 -0.03686 0.12922  -0.00067 84  PHE A O   
528 C  CB  . PHE A 84  ? 0.24600 0.40947 0.38483 -0.04003 0.15750  0.06731  84  PHE A CB  
529 C  CG  . PHE A 84  ? 0.22452 0.43130 0.39268 -0.06469 0.13501  0.05250  84  PHE A CG  
530 C  CD1 . PHE A 84  ? 0.25831 0.43759 0.40590 -0.07914 0.14978  0.02606  84  PHE A CD1 
531 C  CD2 . PHE A 84  ? 0.27215 0.43386 0.37919 -0.07521 0.10496  0.05686  84  PHE A CD2 
532 C  CE1 . PHE A 84  ? 0.29729 0.43913 0.39907 -0.06011 0.15031  0.03057  84  PHE A CE1 
533 C  CE2 . PHE A 84  ? 0.27819 0.45205 0.37396 -0.08669 0.10069  0.07207  84  PHE A CE2 
534 C  CZ  . PHE A 84  ? 0.28764 0.43973 0.42532 -0.06118 0.15084  0.05434  84  PHE A CZ  
535 N  N   . ASP A 85  ? 0.24890 0.37247 0.38053 -0.03706 0.13188  0.04766  85  ASP A N   
536 C  CA  . ASP A 85  ? 0.27252 0.37404 0.42075 -0.03379 0.14448  0.05406  85  ASP A CA  
537 C  C   . ASP A 85  ? 0.28705 0.41597 0.48269 -0.04352 0.13219  0.06897  85  ASP A C   
538 O  O   . ASP A 85  ? 0.29188 0.49611 0.55401 -0.05942 0.10989  0.07650  85  ASP A O   
539 C  CB  . ASP A 85  ? 0.28813 0.35269 0.39638 -0.04565 0.14892  0.07597  85  ASP A CB  
540 C  CG  . ASP A 85  ? 0.33352 0.38377 0.41950 -0.05969 0.14766  0.10586  85  ASP A CG  
541 O  OD1 . ASP A 85  ? 0.30683 0.39475 0.43042 -0.01665 0.14541  0.12271  85  ASP A OD1 
542 O  OD2 . ASP A 85  ? 0.36192 0.40654 0.44635 -0.11813 0.13477  0.10414  85  ASP A OD2 
543 N  N   . ASP A 86  ? 0.27065 0.34243 0.44732 -0.02969 0.15510  0.04521  86  ASP A N   
544 C  CA  . ASP A 86  ? 0.32956 0.30002 0.52282 -0.03020 0.19649  0.01232  86  ASP A CA  
545 C  C   . ASP A 86  ? 0.25443 0.31678 0.43609 -0.00626 0.18485  0.01922  86  ASP A C   
546 O  O   . ASP A 86  ? 0.25075 0.34925 0.51291 -0.00193 0.18778  0.00493  86  ASP A O   
547 C  CB  . ASP A 86  ? 0.40449 0.31395 0.65326 -0.02198 0.23683  -0.01586 86  ASP A CB  
548 C  CG  . ASP A 86  ? 0.45717 0.36883 0.80440 -0.00956 0.22172  -0.03479 86  ASP A CG  
549 O  OD1 . ASP A 86  ? 0.51670 0.37938 0.83763 0.00520  0.20620  -0.02897 86  ASP A OD1 
550 O  OD2 . ASP A 86  ? 0.42790 0.39810 0.88620 -0.03419 0.21084  -0.06327 86  ASP A OD2 
551 N  N   . TYR A 87  ? 0.25162 0.28782 0.42276 -0.00152 0.13210  0.02808  87  TYR A N   
552 C  CA  . TYR A 87  ? 0.25544 0.30476 0.39490 -0.01369 0.11384  0.01984  87  TYR A CA  
553 C  C   . TYR A 87  ? 0.22434 0.34543 0.40333 -0.01353 0.11017  0.00797  87  TYR A C   
554 O  O   . TYR A 87  ? 0.27423 0.33440 0.45108 -0.02609 0.16884  -0.00830 87  TYR A O   
555 C  CB  . TYR A 87  ? 0.26139 0.30963 0.37859 -0.00991 0.09050  0.00028  87  TYR A CB  
556 C  CG  . TYR A 87  ? 0.24311 0.38388 0.38672 -0.01541 0.10096  -0.02506 87  TYR A CG  
557 C  CD1 . TYR A 87  ? 0.27846 0.41940 0.41775 0.01416  0.12671  -0.03487 87  TYR A CD1 
558 C  CD2 . TYR A 87  ? 0.31863 0.41753 0.39224 -0.02075 0.11006  0.00402  87  TYR A CD2 
559 C  CE1 . TYR A 87  ? 0.32154 0.45545 0.37952 0.00526  0.12833  -0.02300 87  TYR A CE1 
560 C  CE2 . TYR A 87  ? 0.34621 0.45113 0.40355 -0.02039 0.10466  0.01161  87  TYR A CE2 
561 C  CZ  . TYR A 87  ? 0.38237 0.48246 0.39027 -0.00010 0.12379  -0.01670 87  TYR A CZ  
562 O  OH  . TYR A 87  ? 0.45320 0.51127 0.43063 0.00875  0.18038  -0.01567 87  TYR A OH  
563 N  N   . SER A 88  ? 0.21304 0.37557 0.39519 -0.00698 0.09775  -0.00232 88  SER A N   
564 C  CA  . SER A 88  ? 0.23876 0.36013 0.40941 -0.00114 0.11482  -0.01592 88  SER A CA  
565 C  C   . SER A 88  ? 0.24433 0.35175 0.36692 0.00535  0.12384  0.02900  88  SER A C   
566 O  O   . SER A 88  ? 0.27158 0.35797 0.42385 0.01299  0.12655  0.05163  88  SER A O   
567 C  CB  . SER A 88  ? 0.22192 0.42119 0.48289 -0.02695 0.09416  -0.05412 88  SER A CB  
568 O  OG  . SER A 88  ? 0.28646 0.49960 0.58135 -0.04446 0.03401  -0.06955 88  SER A OG  
569 N  N   . CYS A 89  ? 0.21602 0.32256 0.38582 -0.00402 0.10476  0.04633  89  CYS A N   
570 C  CA  . CYS A 89  ? 0.19152 0.37070 0.39448 -0.00206 0.09271  0.04356  89  CYS A CA  
571 C  C   . CYS A 89  ? 0.20274 0.36650 0.35826 0.01937  0.11934  0.09484  89  CYS A C   
572 O  O   . CYS A 89  ? 0.28145 0.38395 0.40340 0.04813  0.12829  0.14938  89  CYS A O   
573 C  CB  . CYS A 89  ? 0.22144 0.44741 0.42545 -0.04370 0.05277  0.04134  89  CYS A CB  
574 S  SG  . CYS A 89  ? 0.30634 0.49614 0.51042 -0.04201 0.06364  0.09787  89  CYS A SG  
575 N  N   . ILE A 90  ? 0.17251 0.33758 0.37331 0.00166  0.11442  0.07672  90  ILE A N   
576 C  CA  . ILE A 90  ? 0.17331 0.35163 0.33066 -0.01759 0.10789  0.06908  90  ILE A CA  
577 C  C   . ILE A 90  ? 0.17571 0.30718 0.37751 -0.01398 0.10963  0.08450  90  ILE A C   
578 O  O   . ILE A 90  ? 0.19906 0.33279 0.38474 -0.01742 0.11374  0.10939  90  ILE A O   
579 C  CB  . ILE A 90  ? 0.21198 0.35121 0.33232 -0.03319 0.10169  0.07992  90  ILE A CB  
580 C  CG1 . ILE A 90  ? 0.22791 0.39146 0.34673 -0.05793 0.09420  0.06631  90  ILE A CG1 
581 C  CG2 . ILE A 90  ? 0.23739 0.33097 0.33354 -0.01364 0.10167  0.07999  90  ILE A CG2 
582 C  CD1 . ILE A 90  ? 0.23209 0.42091 0.37070 -0.07421 0.10624  0.05360  90  ILE A CD1 
583 N  N   . THR A 91  ? 0.16390 0.30760 0.36701 -0.00136 0.10232  0.08904  91  THR A N   
584 C  CA  . THR A 91  ? 0.15947 0.30950 0.34613 -0.02406 0.09676  0.07313  91  THR A CA  
585 C  C   . THR A 91  ? 0.16321 0.30556 0.33473 -0.03203 0.09595  0.07283  91  THR A C   
586 O  O   . THR A 91  ? 0.20203 0.31825 0.30161 -0.02297 0.11331  0.08888  91  THR A O   
587 C  CB  . THR A 91  ? 0.21062 0.29631 0.34008 -0.01406 0.10287  0.06117  91  THR A CB  
588 O  OG1 . THR A 91  ? 0.21078 0.31327 0.32325 -0.03500 0.09274  0.05195  91  THR A OG1 
589 C  CG2 . THR A 91  ? 0.23277 0.27830 0.39283 -0.00404 0.11118  0.08142  91  THR A CG2 
590 N  N   . TYR A 92  ? 0.15996 0.28953 0.30681 -0.03357 0.08811  0.06662  92  TYR A N   
591 C  CA  . TYR A 92  ? 0.14783 0.30723 0.27124 -0.03131 0.08008  0.07034  92  TYR A CA  
592 C  C   . TYR A 92  ? 0.14905 0.23802 0.28944 -0.02768 0.08308  0.07078  92  TYR A C   
593 O  O   . TYR A 92  ? 0.19261 0.28980 0.26139 -0.03554 0.09593  0.08462  92  TYR A O   
594 C  CB  . TYR A 92  ? 0.17138 0.33187 0.27715 -0.06182 0.08493  0.04528  92  TYR A CB  
595 C  CG  . TYR A 92  ? 0.20661 0.37128 0.25761 -0.09186 0.08287  0.05307  92  TYR A CG  
596 C  CD1 . TYR A 92  ? 0.34231 0.32670 0.22169 -0.07337 0.12195  0.06184  92  TYR A CD1 
597 C  CD2 . TYR A 92  ? 0.26634 0.35236 0.28841 -0.14207 0.07649  0.04753  92  TYR A CD2 
598 C  CE1 . TYR A 92  ? 0.40465 0.32110 0.29225 -0.10646 0.13993  0.06363  92  TYR A CE1 
599 C  CE2 . TYR A 92  ? 0.34753 0.37414 0.33363 -0.18255 0.07676  0.05024  92  TYR A CE2 
600 C  CZ  . TYR A 92  ? 0.42587 0.32691 0.31952 -0.17623 0.09872  0.04112  92  TYR A CZ  
601 O  OH  . TYR A 92  ? 0.53845 0.40183 0.30522 -0.21132 0.13027  0.01131  92  TYR A OH  
602 N  N   . ILE A 93  ? 0.13743 0.28651 0.29636 -0.02420 0.09110  0.04263  93  ILE A N   
603 C  CA  . ILE A 93  ? 0.14549 0.27742 0.30118 -0.02640 0.08568  0.02335  93  ILE A CA  
604 C  C   . ILE A 93  ? 0.18733 0.29006 0.29241 -0.00235 0.06659  0.03237  93  ILE A C   
605 O  O   . ILE A 93  ? 0.23122 0.34035 0.27423 0.00407  0.10602  0.05077  93  ILE A O   
606 C  CB  . ILE A 93  ? 0.16968 0.27309 0.37413 -0.03484 0.05810  -0.01558 93  ILE A CB  
607 C  CG1 . ILE A 93  ? 0.22190 0.28164 0.32807 -0.02754 0.06641  -0.01704 93  ILE A CG1 
608 C  CG2 . ILE A 93  ? 0.19638 0.32830 0.45722 -0.02083 0.06123  -0.00191 93  ILE A CG2 
609 C  CD1 . ILE A 93  ? 0.25677 0.31620 0.35443 -0.04628 0.08297  -0.01806 93  ILE A CD1 
610 N  N   . SER A 94  ? 0.22064 0.29762 0.28794 0.02185  0.07393  0.01737  94  SER A N   
611 C  CA  . SER A 94  ? 0.20927 0.32199 0.30104 0.02005  0.05610  0.02390  94  SER A CA  
612 C  C   . SER A 94  ? 0.18956 0.35058 0.26337 -0.00562 0.07973  0.04163  94  SER A C   
613 O  O   . SER A 94  ? 0.20404 0.37114 0.25772 0.00935  0.07692  0.02464  94  SER A O   
614 C  CB  . SER A 94  ? 0.24900 0.35882 0.44328 -0.01167 0.01923  -0.00854 94  SER A CB  
615 O  OG  . SER A 94  ? 0.29554 0.35180 0.49476 -0.02565 0.03279  0.00027  94  SER A OG  
616 N  N   . THR A 95  ? 0.22396 0.35368 0.29596 0.00940  0.07564  0.04467  95  THR A N   
617 C  CA  . THR A 95  ? 0.22553 0.34612 0.30825 -0.01619 0.07403  0.06365  95  THR A CA  
618 C  C   . THR A 95  ? 0.21997 0.34128 0.28266 -0.02579 0.07235  0.04604  95  THR A C   
619 O  O   . THR A 95  ? 0.24154 0.34724 0.30991 -0.00569 0.05354  0.02917  95  THR A O   
620 C  CB  . THR A 95  ? 0.32406 0.37085 0.41559 -0.02301 0.14666  0.10160  95  THR A CB  
621 O  OG1 . THR A 95  ? 0.38180 0.43116 0.44023 -0.00458 0.21674  0.11377  95  THR A OG1 
622 C  CG2 . THR A 95  ? 0.31171 0.32954 0.55874 -0.03626 0.16912  0.10410  95  THR A CG2 
623 N  N   . VAL A 96  ? 0.18838 0.32060 0.26432 -0.03737 0.07538  0.03270  96  VAL A N   
624 C  CA  . VAL A 96  ? 0.19024 0.29821 0.26825 -0.04153 0.09079  0.04981  96  VAL A CA  
625 C  C   . VAL A 96  ? 0.17200 0.30277 0.26193 -0.04032 0.07708  0.02726  96  VAL A C   
626 O  O   . VAL A 96  ? 0.19433 0.30343 0.31084 -0.06234 0.07673  0.01643  96  VAL A O   
627 C  CB  . VAL A 96  ? 0.18920 0.34160 0.24170 -0.06589 0.06877  0.03168  96  VAL A CB  
628 C  CG1 . VAL A 96  ? 0.17197 0.32858 0.36014 -0.03989 0.07903  0.04242  96  VAL A CG1 
629 C  CG2 . VAL A 96  ? 0.24301 0.38585 0.23934 -0.07483 0.09767  0.03561  96  VAL A CG2 
630 N  N   . GLU A 97  ? 0.16116 0.32133 0.24011 -0.00051 0.08051  0.04595  97  GLU A N   
631 C  CA  . GLU A 97  ? 0.14444 0.36013 0.24244 -0.03033 0.06878  0.06261  97  GLU A CA  
632 C  C   . GLU A 97  ? 0.17431 0.34746 0.25163 -0.01405 0.08479  0.04222  97  GLU A C   
633 O  O   . GLU A 97  ? 0.15504 0.34623 0.25843 -0.05221 0.06411  0.04899  97  GLU A O   
634 C  CB  . GLU A 97  ? 0.19411 0.39573 0.28786 0.00256  0.10960  0.07426  97  GLU A CB  
635 C  CG  . GLU A 97  ? 0.24788 0.46156 0.24367 0.01792  0.11185  0.05427  97  GLU A CG  
636 C  CD  . GLU A 97  ? 0.32532 0.54769 0.33909 0.03378  0.11480  0.07465  97  GLU A CD  
637 O  OE1 . GLU A 97  ? 0.32907 0.54639 0.41234 0.02016  0.14243  0.04955  97  GLU A OE1 
638 O  OE2 . GLU A 97  ? 0.35294 0.60052 0.40744 0.05867  0.10075  0.10675  97  GLU A OE2 
639 N  N   . ALA A 98  ? 0.15592 0.36996 0.24841 -0.03291 0.06696  0.07573  98  ALA A N   
640 C  CA  . ALA A 98  ? 0.19290 0.36918 0.22602 -0.02777 0.07593  0.07249  98  ALA A CA  
641 C  C   . ALA A 98  ? 0.19217 0.35864 0.23229 -0.05064 0.06756  0.04380  98  ALA A C   
642 O  O   . ALA A 98  ? 0.22506 0.34444 0.28909 -0.04719 0.07994  0.06397  98  ALA A O   
643 C  CB  . ALA A 98  ? 0.21048 0.35031 0.32021 -0.00932 0.06764  0.05672  98  ALA A CB  
644 N  N   . LEU A 99  ? 0.17094 0.36265 0.22441 -0.01587 0.06785  0.03326  99  LEU A N   
645 C  CA  . LEU A 99  ? 0.22150 0.35334 0.23345 -0.01282 0.08142  0.05320  99  LEU A CA  
646 C  C   . LEU A 99  ? 0.19767 0.38662 0.22981 -0.05579 0.05125  0.05935  99  LEU A C   
647 O  O   . LEU A 99  ? 0.18643 0.40183 0.29444 -0.05693 0.06235  0.07550  99  LEU A O   
648 C  CB  . LEU A 99  ? 0.25572 0.36626 0.25163 0.00071  0.10199  0.05109  99  LEU A CB  
649 C  CG  . LEU A 99  ? 0.26553 0.35078 0.31279 0.01596  0.11245  0.02325  99  LEU A CG  
650 C  CD1 . LEU A 99  ? 0.23249 0.43980 0.34442 0.02379  0.10317  0.02511  99  LEU A CD1 
651 C  CD2 . LEU A 99  ? 0.33187 0.32913 0.32050 0.02301  0.09446  0.03341  99  LEU A CD2 
652 N  N   A ARG A 100 ? 0.24300 0.36228 0.23972 -0.04432 0.07848  0.05110  100 ARG A N   
653 N  N   B ARG A 100 ? 0.22415 0.37576 0.19209 -0.07131 0.04173  0.04288  100 ARG A N   
654 C  CA  A ARG A 100 ? 0.23977 0.36020 0.25833 -0.03014 0.08448  0.04592  100 ARG A CA  
655 C  CA  B ARG A 100 ? 0.22213 0.37187 0.20210 -0.05282 0.04895  0.04177  100 ARG A CA  
656 C  C   A ARG A 100 ? 0.20788 0.40773 0.24120 -0.07853 0.07089  0.04043  100 ARG A C   
657 C  C   B ARG A 100 ? 0.21011 0.41129 0.22380 -0.06948 0.07681  0.04828  100 ARG A C   
658 O  O   A ARG A 100 ? 0.19204 0.40702 0.24024 -0.11871 0.04851  0.02711  100 ARG A O   
659 O  O   B ARG A 100 ? 0.22035 0.40961 0.24704 -0.07173 0.09511  0.05758  100 ARG A O   
660 C  CB  A ARG A 100 ? 0.26081 0.35143 0.31747 -0.00303 0.11328  0.07165  100 ARG A CB  
661 C  CB  B ARG A 100 ? 0.22892 0.37292 0.23906 -0.05032 0.04794  0.06659  100 ARG A CB  
662 C  CG  A ARG A 100 ? 0.25067 0.35423 0.31330 -0.00490 0.11177  0.08354  100 ARG A CG  
663 C  CG  B ARG A 100 ? 0.22704 0.34859 0.26377 -0.05881 0.04838  0.06862  100 ARG A CG  
664 C  CD  A ARG A 100 ? 0.25874 0.36096 0.30100 -0.00954 0.10966  0.07870  100 ARG A CD  
665 C  CD  B ARG A 100 ? 0.22268 0.36978 0.23383 -0.06025 0.05656  0.01843  100 ARG A CD  
666 N  NE  A ARG A 100 ? 0.26312 0.35599 0.29309 -0.01187 0.10831  0.06382  100 ARG A NE  
667 N  NE  B ARG A 100 ? 0.20803 0.39167 0.29370 -0.03474 0.06192  0.03540  100 ARG A NE  
668 C  CZ  A ARG A 100 ? 0.28193 0.37618 0.31640 0.01687  0.12466  0.06043  100 ARG A CZ  
669 C  CZ  B ARG A 100 ? 0.22161 0.37105 0.37204 -0.04156 0.08443  0.05230  100 ARG A CZ  
670 N  NH1 A ARG A 100 ? 0.28116 0.38150 0.40644 0.03751  0.14739  0.08412  100 ARG A NH1 
671 N  NH1 B ARG A 100 ? 0.21152 0.38462 0.45366 -0.02952 0.09707  0.08255  100 ARG A NH1 
672 N  NH2 A ARG A 100 ? 0.30157 0.38658 0.29434 0.01613  0.12170  0.02609  100 ARG A NH2 
673 N  NH2 B ARG A 100 ? 0.25650 0.37566 0.36504 -0.03465 0.08638  0.01635  100 ARG A NH2 
674 N  N   . ALA A 101 ? 0.21395 0.43348 0.20437 -0.06330 0.05770  0.03445  101 ALA A N   
675 C  CA  . ALA A 101 ? 0.22472 0.48792 0.22946 -0.02982 0.04299  0.02143  101 ALA A CA  
676 C  C   . ALA A 101 ? 0.21458 0.55007 0.22155 -0.06419 0.02608  0.03191  101 ALA A C   
677 O  O   . ALA A 101 ? 0.20520 0.62446 0.26374 -0.07737 0.02648  0.03176  101 ALA A O   
678 C  CB  . ALA A 101 ? 0.28701 0.49504 0.27815 -0.01749 0.03362  0.01791  101 ALA A CB  
679 N  N   . HIS A 102 ? 0.25788 0.52379 0.22214 -0.05468 0.06063  0.03144  102 HIS A N   
680 C  CA  . HIS A 102 ? 0.30011 0.55488 0.20031 -0.09679 0.06622  0.03686  102 HIS A CA  
681 C  C   . HIS A 102 ? 0.28651 0.58898 0.29731 -0.16012 0.07001  0.02044  102 HIS A C   
682 O  O   . HIS A 102 ? 0.31823 0.65388 0.34489 -0.19287 0.02525  0.05993  102 HIS A O   
683 C  CB  . HIS A 102 ? 0.30060 0.50060 0.26691 -0.07457 0.07557  0.04349  102 HIS A CB  
684 C  CG  . HIS A 102 ? 0.28253 0.48293 0.27835 -0.07012 0.05611  0.04838  102 HIS A CG  
685 N  ND1 . HIS A 102 ? 0.29057 0.45742 0.31701 -0.05507 0.07403  0.05345  102 HIS A ND1 
686 C  CD2 . HIS A 102 ? 0.24645 0.46016 0.31509 -0.03775 0.06456  0.06063  102 HIS A CD2 
687 C  CE1 . HIS A 102 ? 0.25754 0.48304 0.35091 -0.02163 0.05626  0.07294  102 HIS A CE1 
688 N  NE2 . HIS A 102 ? 0.26660 0.50607 0.31113 -0.02134 0.02678  0.08593  102 HIS A NE2 
689 N  N   A LYS A 103 ? 0.29441 0.56619 0.37540 -0.15266 0.08464  0.00038  103 LYS A N   
690 N  N   B LYS A 103 ? 0.30568 0.58180 0.37062 -0.12712 0.09718  0.00142  103 LYS A N   
691 C  CA  A LYS A 103 ? 0.32137 0.55809 0.50734 -0.13809 0.10278  0.00517  103 LYS A CA  
692 C  CA  B LYS A 103 ? 0.34047 0.58688 0.54655 -0.09595 0.12026  0.02057  103 LYS A CA  
693 C  C   A LYS A 103 ? 0.35847 0.59598 0.62405 -0.10842 0.10070  0.05930  103 LYS A C   
694 C  C   B LYS A 103 ? 0.36657 0.60837 0.65236 -0.07469 0.11606  0.07208  103 LYS A C   
695 O  O   A LYS A 103 ? 0.41644 0.59223 0.71283 -0.07721 0.13458  0.10475  103 LYS A O   
696 O  O   B LYS A 103 ? 0.41125 0.61107 0.72758 -0.03146 0.13629  0.11456  103 LYS A O   
697 C  CB  A LYS A 103 ? 0.34837 0.52960 0.50993 -0.13916 0.11684  -0.01177 103 LYS A CB  
698 C  CB  B LYS A 103 ? 0.38671 0.58156 0.59373 -0.08312 0.12633  0.02488  103 LYS A CB  
699 C  CG  A LYS A 103 ? 0.34949 0.52006 0.51825 -0.14498 0.11392  -0.02683 103 LYS A CG  
700 C  CG  B LYS A 103 ? 0.41492 0.60237 0.63121 -0.07558 0.10772  0.04384  103 LYS A CG  
701 C  CD  A LYS A 103 ? 0.36504 0.54024 0.49922 -0.13467 0.11648  -0.02387 103 LYS A CD  
702 C  CD  B LYS A 103 ? 0.43295 0.58392 0.66063 -0.07652 0.10133  0.04015  103 LYS A CD  
703 C  CE  A LYS A 103 ? 0.39143 0.53986 0.48900 -0.11414 0.13521  -0.02195 103 LYS A CE  
704 C  CE  B LYS A 103 ? 0.45038 0.57452 0.71080 -0.06815 0.10644  0.03980  103 LYS A CE  
705 N  NZ  A LYS A 103 ? 0.38650 0.54183 0.50377 -0.10914 0.14236  -0.01830 103 LYS A NZ  
706 N  NZ  B LYS A 103 ? 0.46205 0.56137 0.72728 -0.07087 0.10111  0.03766  103 LYS A NZ  
707 N  N   . PHE A 104 ? 0.36085 0.66988 0.63537 -0.08083 0.07822  0.06183  104 PHE A N   
708 C  CA  . PHE A 104 ? 0.37458 0.72355 0.64417 -0.02734 0.03323  0.05887  104 PHE A CA  
709 C  C   . PHE A 104 ? 0.44501 0.77440 0.77449 0.02392  0.05576  0.07915  104 PHE A C   
710 O  O   . PHE A 104 ? 0.49486 0.77798 0.80176 0.06715  0.07306  0.09045  104 PHE A O   
711 C  CB  . PHE A 104 ? 0.36161 0.69323 0.52826 -0.02080 0.01189  0.03047  104 PHE A CB  
712 C  CG  . PHE A 104 ? 0.33265 0.62379 0.44406 -0.01984 -0.00015 0.00635  104 PHE A CG  
713 C  CD1 . PHE A 104 ? 0.29637 0.57927 0.43137 -0.00590 0.01452  -0.01513 104 PHE A CD1 
714 C  CD2 . PHE A 104 ? 0.33985 0.58646 0.42899 -0.01794 0.01685  0.01419  104 PHE A CD2 
715 C  CE1 . PHE A 104 ? 0.31198 0.55805 0.44227 0.00441  0.03256  -0.01045 104 PHE A CE1 
716 C  CE2 . PHE A 104 ? 0.32335 0.57382 0.42633 -0.00499 0.02455  0.02872  104 PHE A CE2 
717 C  CZ  . PHE A 104 ? 0.32406 0.55638 0.44007 0.00463  0.03719  0.01946  104 PHE A CZ  
718 O  OXT . PHE A 104 ? 0.50084 0.78827 0.87108 0.04490  0.08972  0.09307  104 PHE A OXT 
719 CL CL  . CL  B .   ? 0.34697 0.51769 0.34334 0.02754  0.10791  0.11033  201 CL  A CL  
768 O  O   . HOH E .   ? 0.35411 0.56851 0.64199 -0.05402 -0.11136 -0.01879 305 HOH A O   
770 O  O   . HOH E .   ? 0.36362 0.42454 0.91294 -0.03143 -0.20209 0.01250  307 HOH A O   
773 O  O   . HOH E .   ? 0.29935 0.47216 0.33558 -0.06755 0.10003  0.04605  310 HOH A O   
774 O  O   . HOH E .   ? 0.53406 0.34100 0.31394 -0.04074 0.12942  0.06825  311 HOH A O   
775 O  O   . HOH E .   ? 0.23179 0.46800 0.44291 -0.07160 0.07674  -0.01401 312 HOH A O   
776 O  O   . HOH E .   ? 0.32068 0.56412 0.40811 -0.02249 0.14691  -0.05795 313 HOH A O   
777 O  O   . HOH E .   ? 0.26434 0.36835 0.48061 -0.01672 0.16750  0.10734  314 HOH A O   
778 O  O   . HOH E .   ? 0.53366 0.64117 0.37838 0.06898  0.00082  -0.04316 315 HOH A O   
780 O  O   . HOH E .   ? 0.54065 0.45935 0.43260 0.02729  0.17815  0.04783  317 HOH A O   
781 O  O   . HOH E .   ? 0.56535 1.00458 0.53187 0.20515  0.22788  0.23658  318 HOH A O   
782 O  O   . HOH E .   ? 0.29968 0.55930 0.45733 -0.09984 0.13321  0.13362  319 HOH A O   
783 O  O   . HOH E .   ? 0.75539 0.56610 0.49681 0.09329  -0.03912 -0.15903 320 HOH A O   
784 O  O   . HOH E .   ? 0.31732 0.44459 0.29319 -0.11907 0.08112  0.01242  321 HOH A O   
785 O  O   . HOH E .   ? 0.43811 0.31791 0.67118 -0.09398 0.15243  -0.02927 322 HOH A O   
786 O  O   . HOH E .   ? 0.38703 0.38061 0.45556 -0.05942 0.00695  -0.04219 323 HOH A O   
787 O  O   . HOH E .   ? 0.27893 0.44770 0.60127 -0.11617 -0.03438 0.14246  324 HOH A O   
788 O  O   . HOH E .   ? 0.42309 0.43045 0.39756 0.06024  0.01521  0.02678  325 HOH A O   
790 O  O   . HOH E .   ? 0.38463 0.46316 1.27271 -0.04631 -0.06522 0.30505  327 HOH A O   
792 O  O   . HOH E .   ? 0.41224 0.83165 0.80751 -0.02929 0.18606  -0.22289 329 HOH A O   
793 O  O   . HOH E .   ? 0.46097 0.41179 0.36884 -0.06438 -0.02574 0.07824  330 HOH A O   
795 O  O   . HOH E .   ? 0.36809 0.40754 0.45967 -0.04674 0.11085  0.05655  332 HOH A O   
796 O  O   . HOH E .   ? 0.63085 0.78754 0.43372 -0.31402 0.07755  0.13763  333 HOH A O   
797 O  O   . HOH E .   ? 0.27075 0.61053 0.32502 -0.11361 0.05115  0.01965  334 HOH A O   
798 O  O   . HOH E .   ? 0.32620 0.39858 0.38692 -0.12605 0.09946  0.04397  335 HOH A O   
799 O  O   . HOH E .   ? 0.23378 0.43744 0.39048 -0.11291 0.10320  0.07443  336 HOH A O   
801 O  O   . HOH E .   ? 0.22636 0.70366 0.54889 -0.01795 0.13360  0.02563  338 HOH A O   
802 O  O   . HOH E .   ? 0.45801 0.68519 0.44011 -0.03132 0.11219  -0.10202 339 HOH A O   
803 O  O   . HOH E .   ? 0.31270 0.72588 0.33763 -0.18290 0.06262  0.05429  340 HOH A O   
804 O  O   . HOH E .   ? 0.31540 0.45252 0.50998 -0.15489 0.03100  0.10281  341 HOH A O   
805 O  O   . HOH E .   ? 0.66299 0.38090 0.49410 0.08655  -0.07138 -0.02404 342 HOH A O   
807 O  O   . HOH E .   ? 0.82082 0.72894 0.50194 0.11515  0.24016  0.09576  344 HOH A O   
809 O  O   . HOH E .   ? 0.51827 0.70502 0.53190 -0.06082 0.13056  0.06686  346 HOH A O   
810 O  O   . HOH E .   ? 0.27974 0.57520 0.70276 -0.06190 0.13489  0.11932  347 HOH A O   
811 O  O   . HOH E .   ? 0.38085 0.99040 1.02895 0.03065  0.04589  0.41001  348 HOH A O   
812 O  O   . HOH E .   ? 0.38577 0.78742 1.34371 -0.10663 0.13012  -0.14219 349 HOH A O   
818 O  O   . HOH E .   ? 0.46119 0.61772 0.45708 -0.02713 0.03196  -0.08506 355 HOH A O   
820 O  O   . HOH E .   ? 0.49339 1.09731 0.61420 -0.34578 0.04121  0.09737  357 HOH A O   
822 O  O   . HOH E .   ? 0.65991 0.53844 0.57855 -0.05394 0.22423  0.12022  359 HOH A O   
825 O  O   . HOH E .   ? 0.33285 0.53778 0.49847 0.01175  0.13241  0.02625  362 HOH A O   
828 O  O   . HOH E .   ? 0.73187 0.62266 0.48168 -0.05016 0.03856  0.03861  365 HOH A O   
829 O  O   . HOH E .   ? 0.82490 0.86272 0.79598 0.37208  0.41035  0.37107  366 HOH A O   
830 O  O   . HOH E .   ? 0.51942 1.00124 0.52673 -0.00211 0.20236  -0.24006 367 HOH A O   
# 
loop_
_pdbx_poly_seq_scheme.asym_id 
_pdbx_poly_seq_scheme.entity_id 
_pdbx_poly_seq_scheme.seq_id 
_pdbx_poly_seq_scheme.mon_id 
_pdbx_poly_seq_scheme.ndb_seq_num 
_pdbx_poly_seq_scheme.pdb_seq_num 
_pdbx_poly_seq_scheme.auth_seq_num 
_pdbx_poly_seq_scheme.pdb_mon_id 
_pdbx_poly_seq_scheme.auth_mon_id 
_pdbx_poly_seq_scheme.pdb_strand_id 
_pdbx_poly_seq_scheme.pdb_ins_code 
_pdbx_poly_seq_scheme.hetero 
A 1 1   SER 1   1   ?   ?   ?   A . n 
A 1 2   SER 2   2   ?   ?   ?   A . n 
A 1 3   GLN 3   3   3   GLN GLN A . n 
A 1 4   GLN 4   4   4   GLN GLN A . n 
A 1 5   VAL 5   5   5   VAL VAL A . n 
A 1 6   TRP 6   6   6   TRP TRP A . n 
A 1 7   LYS 7   7   7   LYS LYS A . n 
A 1 8   LEU 8   8   8   LEU LEU A . n 
A 1 9   VAL 9   9   9   VAL VAL A . n 
A 1 10  ILE 10  10  10  ILE ILE A . n 
A 1 11  ILE 11  11  11  ILE ILE A . n 
A 1 12  THR 12  12  12  THR THR A . n 
A 1 13  GLU 13  13  13  GLU GLU A . n 
A 1 14  GLU 14  14  14  GLU GLU A . n 
A 1 15  ILE 15  15  15  ILE ILE A . n 
A 1 16  LEU 16  16  16  LEU LEU A . n 
A 1 17  LEU 17  17  17  LEU LEU A . n 
A 1 18  LYS 18  18  18  LYS LYS A . n 
A 1 19  LYS 19  19  19  LYS LYS A . n 
A 1 20  VAL 20  20  20  VAL VAL A . n 
A 1 21  SER 21  21  21  SER SER A . n 
A 1 22  LYS 22  22  22  LYS LYS A . n 
A 1 23  ILE 23  23  23  ILE ILE A . n 
A 1 24  ILE 24  24  24  ILE ILE A . n 
A 1 25  LYS 25  25  25  LYS LYS A . n 
A 1 26  GLU 26  26  26  GLU GLU A . n 
A 1 27  ALA 27  27  27  ALA ALA A . n 
A 1 28  GLY 28  28  28  GLY GLY A . n 
A 1 29  ALA 29  29  29  ALA ALA A . n 
A 1 30  SER 30  30  30  SER SER A . n 
A 1 31  GLY 31  31  31  GLY GLY A . n 
A 1 32  TYR 32  32  32  TYR TYR A . n 
A 1 33  THR 33  33  33  THR THR A . n 
A 1 34  VAL 34  34  34  VAL VAL A . n 
A 1 35  LEU 35  35  35  LEU LEU A . n 
A 1 36  ALA 36  36  36  ALA ALA A . n 
A 1 37  ALA 37  37  37  ALA ALA A . n 
A 1 38  ALA 38  38  38  ALA ALA A . n 
A 1 39  GLY 39  39  39  GLY GLY A . n 
A 1 40  GLU 40  40  40  GLU GLU A . n 
A 1 41  GLY 41  41  41  GLY GLY A . n 
A 1 42  SER 42  42  42  SER SER A . n 
A 1 43  ARG 43  43  ?   ?   ?   A . n 
A 1 44  ASN 44  44  ?   ?   ?   A . n 
A 1 45  VAL 45  45  ?   ?   ?   A . n 
A 1 46  ARG 46  46  ?   ?   ?   A . n 
A 1 47  SER 47  47  ?   ?   ?   A . n 
A 1 48  THR 48  48  ?   ?   ?   A . n 
A 1 49  GLY 49  49  ?   ?   ?   A . n 
A 1 50  GLU 50  50  ?   ?   ?   A . n 
A 1 51  PRO 51  51  ?   ?   ?   A . n 
A 1 52  SER 52  52  ?   ?   ?   A . n 
A 1 53  VAL 53  53  ?   ?   ?   A . n 
A 1 54  SER 54  54  ?   ?   ?   A . n 
A 1 55  HIS 55  55  ?   ?   ?   A . n 
A 1 56  ALA 56  56  56  ALA ALA A . n 
A 1 57  TYR 57  57  57  TYR TYR A . n 
A 1 58  SER 58  58  58  SER SER A . n 
A 1 59  ASN 59  59  59  ASN ASN A . n 
A 1 60  ILE 60  60  60  ILE ILE A . n 
A 1 61  LYS 61  61  61  LYS LYS A . n 
A 1 62  PHE 62  62  62  PHE PHE A . n 
A 1 63  GLU 63  63  63  GLU GLU A . n 
A 1 64  VAL 64  64  64  VAL VAL A . n 
A 1 65  LEU 65  65  65  LEU LEU A . n 
A 1 66  THR 66  66  66  THR THR A . n 
A 1 67  ALA 67  67  67  ALA ALA A . n 
A 1 68  SER 68  68  68  SER SER A . n 
A 1 69  ARG 69  69  69  ARG ARG A . n 
A 1 70  GLU 70  70  70  GLU GLU A . n 
A 1 71  LEU 71  71  71  LEU LEU A . n 
A 1 72  ALA 72  72  72  ALA ALA A . n 
A 1 73  ASP 73  73  73  ASP ASP A . n 
A 1 74  GLN 74  74  74  GLN GLN A . n 
A 1 75  ILE 75  75  75  ILE ILE A . n 
A 1 76  GLN 76  76  76  GLN GLN A . n 
A 1 77  ASP 77  77  77  ASP ASP A . n 
A 1 78  LYS 78  78  78  LYS LYS A . n 
A 1 79  VAL 79  79  79  VAL VAL A . n 
A 1 80  VAL 80  80  80  VAL VAL A . n 
A 1 81  ALA 81  81  81  ALA ALA A . n 
A 1 82  LYS 82  82  82  LYS LYS A . n 
A 1 83  TYR 83  83  83  TYR TYR A . n 
A 1 84  PHE 84  84  84  PHE PHE A . n 
A 1 85  ASP 85  85  85  ASP ASP A . n 
A 1 86  ASP 86  86  86  ASP ASP A . n 
A 1 87  TYR 87  87  87  TYR TYR A . n 
A 1 88  SER 88  88  88  SER SER A . n 
A 1 89  CYS 89  89  89  CYS CYS A . n 
A 1 90  ILE 90  90  90  ILE ILE A . n 
A 1 91  THR 91  91  91  THR THR A . n 
A 1 92  TYR 92  92  92  TYR TYR A . n 
A 1 93  ILE 93  93  93  ILE ILE A . n 
A 1 94  SER 94  94  94  SER SER A . n 
A 1 95  THR 95  95  95  THR THR A . n 
A 1 96  VAL 96  96  96  VAL VAL A . n 
A 1 97  GLU 97  97  97  GLU GLU A . n 
A 1 98  ALA 98  98  98  ALA ALA A . n 
A 1 99  LEU 99  99  99  LEU LEU A . n 
A 1 100 ARG 100 100 100 ARG ARG A . n 
A 1 101 ALA 101 101 101 ALA ALA A . n 
A 1 102 HIS 102 102 102 HIS HIS A . n 
A 1 103 LYS 103 103 103 LYS LYS A . n 
A 1 104 PHE 104 104 104 PHE PHE A . n 
# 
loop_
_pdbx_nonpoly_scheme.asym_id 
_pdbx_nonpoly_scheme.entity_id 
_pdbx_nonpoly_scheme.mon_id 
_pdbx_nonpoly_scheme.ndb_seq_num 
_pdbx_nonpoly_scheme.pdb_seq_num 
_pdbx_nonpoly_scheme.auth_seq_num 
_pdbx_nonpoly_scheme.pdb_mon_id 
_pdbx_nonpoly_scheme.auth_mon_id 
_pdbx_nonpoly_scheme.pdb_strand_id 
_pdbx_nonpoly_scheme.pdb_ins_code 
B 2 CL  1  201 1  CL  CL  A . 
C 3 SO4 1  202 1  SO4 SO4 A . 
D 4 ADP 1  203 1  ADP ADP A . 
E 5 HOH 1  301 53 HOH HOH A . 
E 5 HOH 2  302 57 HOH HOH A . 
E 5 HOH 3  303 45 HOH HOH A . 
E 5 HOH 4  304 77 HOH HOH A . 
E 5 HOH 5  305 33 HOH HOH A . 
E 5 HOH 6  306 63 HOH HOH A . 
E 5 HOH 7  307 16 HOH HOH A . 
E 5 HOH 8  308 56 HOH HOH A . 
E 5 HOH 9  309 47 HOH HOH A . 
E 5 HOH 10 310 20 HOH HOH A . 
E 5 HOH 11 311 3  HOH HOH A . 
E 5 HOH 12 312 8  HOH HOH A . 
E 5 HOH 13 313 9  HOH HOH A . 
E 5 HOH 14 314 6  HOH HOH A . 
E 5 HOH 15 315 23 HOH HOH A . 
E 5 HOH 16 316 69 HOH HOH A . 
E 5 HOH 17 317 17 HOH HOH A . 
E 5 HOH 18 318 22 HOH HOH A . 
E 5 HOH 19 319 11 HOH HOH A . 
E 5 HOH 20 320 24 HOH HOH A . 
E 5 HOH 21 321 2  HOH HOH A . 
E 5 HOH 22 322 37 HOH HOH A . 
E 5 HOH 23 323 12 HOH HOH A . 
E 5 HOH 24 324 13 HOH HOH A . 
E 5 HOH 25 325 14 HOH HOH A . 
E 5 HOH 26 326 74 HOH HOH A . 
E 5 HOH 27 327 18 HOH HOH A . 
E 5 HOH 28 328 64 HOH HOH A . 
E 5 HOH 29 329 30 HOH HOH A . 
E 5 HOH 30 330 29 HOH HOH A . 
E 5 HOH 31 331 48 HOH HOH A . 
E 5 HOH 32 332 10 HOH HOH A . 
E 5 HOH 33 333 25 HOH HOH A . 
E 5 HOH 34 334 1  HOH HOH A . 
E 5 HOH 35 335 4  HOH HOH A . 
E 5 HOH 36 336 5  HOH HOH A . 
E 5 HOH 37 337 49 HOH HOH A . 
E 5 HOH 38 338 42 HOH HOH A . 
E 5 HOH 39 339 27 HOH HOH A . 
E 5 HOH 40 340 7  HOH HOH A . 
E 5 HOH 41 341 41 HOH HOH A . 
E 5 HOH 42 342 15 HOH HOH A . 
E 5 HOH 43 343 60 HOH HOH A . 
E 5 HOH 44 344 35 HOH HOH A . 
E 5 HOH 45 345 61 HOH HOH A . 
E 5 HOH 46 346 36 HOH HOH A . 
E 5 HOH 47 347 21 HOH HOH A . 
E 5 HOH 48 348 31 HOH HOH A . 
E 5 HOH 49 349 39 HOH HOH A . 
E 5 HOH 50 350 50 HOH HOH A . 
E 5 HOH 51 351 51 HOH HOH A . 
E 5 HOH 52 352 59 HOH HOH A . 
E 5 HOH 53 353 55 HOH HOH A . 
E 5 HOH 54 354 71 HOH HOH A . 
E 5 HOH 55 355 40 HOH HOH A . 
E 5 HOH 56 356 46 HOH HOH A . 
E 5 HOH 57 357 43 HOH HOH A . 
E 5 HOH 58 358 66 HOH HOH A . 
E 5 HOH 59 359 34 HOH HOH A . 
E 5 HOH 60 360 76 HOH HOH A . 
E 5 HOH 61 361 65 HOH HOH A . 
E 5 HOH 62 362 28 HOH HOH A . 
E 5 HOH 63 363 44 HOH HOH A . 
E 5 HOH 64 364 75 HOH HOH A . 
E 5 HOH 65 365 26 HOH HOH A . 
E 5 HOH 66 366 32 HOH HOH A . 
E 5 HOH 67 367 19 HOH HOH A . 
E 5 HOH 68 368 58 HOH HOH A . 
# 
_pdbx_struct_assembly.id                   1 
_pdbx_struct_assembly.details              author_and_software_defined_assembly 
_pdbx_struct_assembly.method_details       PISA 
_pdbx_struct_assembly.oligomeric_details   trimeric 
_pdbx_struct_assembly.oligomeric_count     3 
# 
_pdbx_struct_assembly_gen.assembly_id       1 
_pdbx_struct_assembly_gen.oper_expression   1,2,3 
_pdbx_struct_assembly_gen.asym_id_list      A,B,C,D,E 
# 
loop_
_pdbx_struct_assembly_prop.biol_id 
_pdbx_struct_assembly_prop.type 
_pdbx_struct_assembly_prop.value 
_pdbx_struct_assembly_prop.details 
1 'ABSA (A^2)' 8480  ? 
1 MORE         -98   ? 
1 'SSA (A^2)'  11230 ? 
# 
loop_
_pdbx_struct_oper_list.id 
_pdbx_struct_oper_list.type 
_pdbx_struct_oper_list.name 
_pdbx_struct_oper_list.symmetry_operation 
_pdbx_struct_oper_list.matrix[1][1] 
_pdbx_struct_oper_list.matrix[1][2] 
_pdbx_struct_oper_list.matrix[1][3] 
_pdbx_struct_oper_list.vector[1] 
_pdbx_struct_oper_list.matrix[2][1] 
_pdbx_struct_oper_list.matrix[2][2] 
_pdbx_struct_oper_list.matrix[2][3] 
_pdbx_struct_oper_list.vector[2] 
_pdbx_struct_oper_list.matrix[3][1] 
_pdbx_struct_oper_list.matrix[3][2] 
_pdbx_struct_oper_list.matrix[3][3] 
_pdbx_struct_oper_list.vector[3] 
1 'identity operation'         1_555 x,y,z        1.0000000000 0.0000000000  0.0000000000  0.0000000000  0.0000000000  1.0000000000  0.0000000000  0.0000000000  0.0000000000  0.0000000000  1.0000000000  0.0000000000  
2 'crystal symmetry operation' 2_665 -y+1,x-y+1,z 0.3978196763 -0.1098208651 -0.9108671049 7.4423691623  0.8419443612  -0.3507481993 0.4100065771  9.8966651710  -0.3645122738 -0.9300081066 -0.0470714770 16.1594207910 
3 'crystal symmetry operation' 3_565 -x+y,-x+1,z  0.3978196763 0.8419443612  -0.3645122738 -5.4028551097 -0.1098208651 -0.3507481993 -0.9300081066 19.3169572405 -0.9108671049 0.4100065771  -0.0470714770 3.4819592448 
# 
loop_
_pdbx_struct_special_symmetry.id 
_pdbx_struct_special_symmetry.PDB_model_num 
_pdbx_struct_special_symmetry.auth_asym_id 
_pdbx_struct_special_symmetry.auth_comp_id 
_pdbx_struct_special_symmetry.auth_seq_id 
_pdbx_struct_special_symmetry.PDB_ins_code 
_pdbx_struct_special_symmetry.label_asym_id 
_pdbx_struct_special_symmetry.label_comp_id 
_pdbx_struct_special_symmetry.label_seq_id 
1 1 A SO4 202 ? C SO4 . 
2 1 A SO4 202 ? C SO4 . 
3 1 A HOH 343 ? E HOH . 
4 1 A HOH 345 ? E HOH . 
5 1 A HOH 358 ? E HOH . 
6 1 A HOH 363 ? E HOH . 
# 
loop_
_pdbx_audit_revision_history.ordinal 
_pdbx_audit_revision_history.data_content_type 
_pdbx_audit_revision_history.major_revision 
_pdbx_audit_revision_history.minor_revision 
_pdbx_audit_revision_history.revision_date 
1 'Structure model' 1 0 2019-09-18 
2 'Structure model' 1 1 2023-10-11 
# 
_pdbx_audit_revision_details.ordinal             1 
_pdbx_audit_revision_details.revision_ordinal    1 
_pdbx_audit_revision_details.data_content_type   'Structure model' 
_pdbx_audit_revision_details.provider            repository 
_pdbx_audit_revision_details.type                'Initial release' 
_pdbx_audit_revision_details.description         ? 
_pdbx_audit_revision_details.details             ? 
# 
loop_
_pdbx_audit_revision_group.ordinal 
_pdbx_audit_revision_group.revision_ordinal 
_pdbx_audit_revision_group.data_content_type 
_pdbx_audit_revision_group.group 
1 2 'Structure model' 'Data collection'        
2 2 'Structure model' 'Database references'    
3 2 'Structure model' 'Refinement description' 
# 
loop_
_pdbx_audit_revision_category.ordinal 
_pdbx_audit_revision_category.revision_ordinal 
_pdbx_audit_revision_category.data_content_type 
_pdbx_audit_revision_category.category 
1 2 'Structure model' chem_comp_atom                
2 2 'Structure model' chem_comp_bond                
3 2 'Structure model' citation                      
4 2 'Structure model' database_2                    
5 2 'Structure model' pdbx_initial_refinement_model 
# 
loop_
_pdbx_audit_revision_item.ordinal 
_pdbx_audit_revision_item.revision_ordinal 
_pdbx_audit_revision_item.data_content_type 
_pdbx_audit_revision_item.item 
1 2 'Structure model' '_citation.journal_id_ISSN'           
2 2 'Structure model' '_database_2.pdbx_DOI'                
3 2 'Structure model' '_database_2.pdbx_database_accession' 
# 
loop_
_space_group_symop.id 
_space_group_symop.operation_xyz 
1  x,y,z         
2  x-y,x,z+1/2   
3  y,-x+y,z+1/2  
4  -y,x-y,z      
5  -x+y,-x,z     
6  x-y,-y,-z     
7  -x,-x+y,-z    
8  -x,-y,z+1/2   
9  y,x,-z        
10 -y,-x,-z+1/2  
11 -x+y,y,-z+1/2 
12 x,x-y,-z+1/2  
# 
_pdbx_refine_tls.pdbx_refine_id   'X-RAY DIFFRACTION' 
_pdbx_refine_tls.id               1 
_pdbx_refine_tls.details          ? 
_pdbx_refine_tls.method           refined 
_pdbx_refine_tls.origin_x         0.0191 
_pdbx_refine_tls.origin_y         -0.1252 
_pdbx_refine_tls.origin_z         0.4676 
_pdbx_refine_tls.T[1][1]          0.1581 
_pdbx_refine_tls.T[2][2]          0.2560 
_pdbx_refine_tls.T[3][3]          0.2433 
_pdbx_refine_tls.T[1][2]          -0.0551 
_pdbx_refine_tls.T[1][3]          0.0882 
_pdbx_refine_tls.T[2][3]          0.0200 
_pdbx_refine_tls.L[1][1]          0.6844 
_pdbx_refine_tls.L[2][2]          1.8263 
_pdbx_refine_tls.L[3][3]          1.7774 
_pdbx_refine_tls.L[1][2]          -0.0656 
_pdbx_refine_tls.L[1][3]          0.0707 
_pdbx_refine_tls.L[2][3]          -0.5384 
_pdbx_refine_tls.S[1][1]          -0.0604 
_pdbx_refine_tls.S[2][2]          0.0566 
_pdbx_refine_tls.S[3][3]          0.0083 
_pdbx_refine_tls.S[1][2]          0.0460 
_pdbx_refine_tls.S[1][3]          -0.2500 
_pdbx_refine_tls.S[2][3]          -0.0225 
_pdbx_refine_tls.S[2][1]          -0.1194 
_pdbx_refine_tls.S[3][1]          0.0760 
_pdbx_refine_tls.S[3][2]          -0.0160 
# 
loop_
_pdbx_refine_tls_group.pdbx_refine_id 
_pdbx_refine_tls_group.id 
_pdbx_refine_tls_group.refine_tls_id 
_pdbx_refine_tls_group.beg_auth_asym_id 
_pdbx_refine_tls_group.beg_auth_seq_id 
_pdbx_refine_tls_group.end_auth_asym_id 
_pdbx_refine_tls_group.end_auth_seq_id 
_pdbx_refine_tls_group.selection_details 
_pdbx_refine_tls_group.beg_label_asym_id 
_pdbx_refine_tls_group.beg_label_seq_id 
_pdbx_refine_tls_group.end_label_asym_id 
_pdbx_refine_tls_group.end_label_seq_id 
_pdbx_refine_tls_group.selection 
'X-RAY DIFFRACTION' 1 1 A 3   A 104 all ? ? ? ? ? 
'X-RAY DIFFRACTION' 2 1 A 201 A 368 all ? ? ? ? ? 
# 
loop_
_software.citation_id 
_software.classification 
_software.compiler_name 
_software.compiler_version 
_software.contact_author 
_software.contact_author_email 
_software.date 
_software.description 
_software.dependencies 
_software.hardware 
_software.language 
_software.location 
_software.mods 
_software.name 
_software.os 
_software.os_version 
_software.type 
_software.version 
_software.pdbx_ordinal 
? refinement       ? ? ? ? ? ? ? ? ? ? ? PHENIX   ? ? ? . 1 
? 'data reduction' ? ? ? ? ? ? ? ? ? ? ? XDS      ? ? ? . 2 
? 'data scaling'   ? ? ? ? ? ? ? ? ? ? ? Aimless  ? ? ? . 3 
? phasing          ? ? ? ? ? ? ? ? ? ? ? PHASER   ? ? ? . 4 
? refinement       ? ? ? ? ? ? ? ? ? ? ? PDB-REDO ? ? ? . 5 
# 
_pdbx_validate_torsion.id              1 
_pdbx_validate_torsion.PDB_model_num   1 
_pdbx_validate_torsion.auth_comp_id    CYS 
_pdbx_validate_torsion.auth_asym_id    A 
_pdbx_validate_torsion.auth_seq_id     89 
_pdbx_validate_torsion.PDB_ins_code    ? 
_pdbx_validate_torsion.label_alt_id    ? 
_pdbx_validate_torsion.phi             -171.06 
_pdbx_validate_torsion.psi             136.64 
# 
loop_
_pdbx_unobs_or_zero_occ_residues.id 
_pdbx_unobs_or_zero_occ_residues.PDB_model_num 
_pdbx_unobs_or_zero_occ_residues.polymer_flag 
_pdbx_unobs_or_zero_occ_residues.occupancy_flag 
_pdbx_unobs_or_zero_occ_residues.auth_asym_id 
_pdbx_unobs_or_zero_occ_residues.auth_comp_id 
_pdbx_unobs_or_zero_occ_residues.auth_seq_id 
_pdbx_unobs_or_zero_occ_residues.PDB_ins_code 
_pdbx_unobs_or_zero_occ_residues.label_asym_id 
_pdbx_unobs_or_zero_occ_residues.label_comp_id 
_pdbx_unobs_or_zero_occ_residues.label_seq_id 
1  1 Y 1 A SER 1  ? A SER 1  
2  1 Y 1 A SER 2  ? A SER 2  
3  1 Y 1 A ARG 43 ? A ARG 43 
4  1 Y 1 A ASN 44 ? A ASN 44 
5  1 Y 1 A VAL 45 ? A VAL 45 
6  1 Y 1 A ARG 46 ? A ARG 46 
7  1 Y 1 A SER 47 ? A SER 47 
8  1 Y 1 A THR 48 ? A THR 48 
9  1 Y 1 A GLY 49 ? A GLY 49 
10 1 Y 1 A GLU 50 ? A GLU 50 
11 1 Y 1 A PRO 51 ? A PRO 51 
12 1 Y 1 A SER 52 ? A SER 52 
13 1 Y 1 A VAL 53 ? A VAL 53 
14 1 Y 1 A SER 54 ? A SER 54 
15 1 Y 1 A HIS 55 ? A HIS 55 
# 
loop_
_chem_comp_atom.comp_id 
_chem_comp_atom.atom_id 
_chem_comp_atom.type_symbol 
_chem_comp_atom.pdbx_aromatic_flag 
_chem_comp_atom.pdbx_stereo_config 
_chem_comp_atom.pdbx_ordinal 
ADP PB     P  N N 1   
ADP O1B    O  N N 2   
ADP O2B    O  N N 3   
ADP O3B    O  N N 4   
ADP PA     P  N S 5   
ADP O1A    O  N N 6   
ADP O2A    O  N N 7   
ADP O3A    O  N N 8   
ADP "O5'"  O  N N 9   
ADP "C5'"  C  N N 10  
ADP "C4'"  C  N R 11  
ADP "O4'"  O  N N 12  
ADP "C3'"  C  N S 13  
ADP "O3'"  O  N N 14  
ADP "C2'"  C  N R 15  
ADP "O2'"  O  N N 16  
ADP "C1'"  C  N R 17  
ADP N9     N  Y N 18  
ADP C8     C  Y N 19  
ADP N7     N  Y N 20  
ADP C5     C  Y N 21  
ADP C6     C  Y N 22  
ADP N6     N  N N 23  
ADP N1     N  Y N 24  
ADP C2     C  Y N 25  
ADP N3     N  Y N 26  
ADP C4     C  Y N 27  
ADP HOB2   H  N N 28  
ADP HOB3   H  N N 29  
ADP HOA2   H  N N 30  
ADP "H5'1" H  N N 31  
ADP "H5'2" H  N N 32  
ADP "H4'"  H  N N 33  
ADP "H3'"  H  N N 34  
ADP "HO3'" H  N N 35  
ADP "H2'"  H  N N 36  
ADP "HO2'" H  N N 37  
ADP "H1'"  H  N N 38  
ADP H8     H  N N 39  
ADP HN61   H  N N 40  
ADP HN62   H  N N 41  
ADP H2     H  N N 42  
ALA N      N  N N 43  
ALA CA     C  N S 44  
ALA C      C  N N 45  
ALA O      O  N N 46  
ALA CB     C  N N 47  
ALA OXT    O  N N 48  
ALA H      H  N N 49  
ALA H2     H  N N 50  
ALA HA     H  N N 51  
ALA HB1    H  N N 52  
ALA HB2    H  N N 53  
ALA HB3    H  N N 54  
ALA HXT    H  N N 55  
ARG N      N  N N 56  
ARG CA     C  N S 57  
ARG C      C  N N 58  
ARG O      O  N N 59  
ARG CB     C  N N 60  
ARG CG     C  N N 61  
ARG CD     C  N N 62  
ARG NE     N  N N 63  
ARG CZ     C  N N 64  
ARG NH1    N  N N 65  
ARG NH2    N  N N 66  
ARG OXT    O  N N 67  
ARG H      H  N N 68  
ARG H2     H  N N 69  
ARG HA     H  N N 70  
ARG HB2    H  N N 71  
ARG HB3    H  N N 72  
ARG HG2    H  N N 73  
ARG HG3    H  N N 74  
ARG HD2    H  N N 75  
ARG HD3    H  N N 76  
ARG HE     H  N N 77  
ARG HH11   H  N N 78  
ARG HH12   H  N N 79  
ARG HH21   H  N N 80  
ARG HH22   H  N N 81  
ARG HXT    H  N N 82  
ASN N      N  N N 83  
ASN CA     C  N S 84  
ASN C      C  N N 85  
ASN O      O  N N 86  
ASN CB     C  N N 87  
ASN CG     C  N N 88  
ASN OD1    O  N N 89  
ASN ND2    N  N N 90  
ASN OXT    O  N N 91  
ASN H      H  N N 92  
ASN H2     H  N N 93  
ASN HA     H  N N 94  
ASN HB2    H  N N 95  
ASN HB3    H  N N 96  
ASN HD21   H  N N 97  
ASN HD22   H  N N 98  
ASN HXT    H  N N 99  
ASP N      N  N N 100 
ASP CA     C  N S 101 
ASP C      C  N N 102 
ASP O      O  N N 103 
ASP CB     C  N N 104 
ASP CG     C  N N 105 
ASP OD1    O  N N 106 
ASP OD2    O  N N 107 
ASP OXT    O  N N 108 
ASP H      H  N N 109 
ASP H2     H  N N 110 
ASP HA     H  N N 111 
ASP HB2    H  N N 112 
ASP HB3    H  N N 113 
ASP HD2    H  N N 114 
ASP HXT    H  N N 115 
CL  CL     CL N N 116 
CYS N      N  N N 117 
CYS CA     C  N R 118 
CYS C      C  N N 119 
CYS O      O  N N 120 
CYS CB     C  N N 121 
CYS SG     S  N N 122 
CYS OXT    O  N N 123 
CYS H      H  N N 124 
CYS H2     H  N N 125 
CYS HA     H  N N 126 
CYS HB2    H  N N 127 
CYS HB3    H  N N 128 
CYS HG     H  N N 129 
CYS HXT    H  N N 130 
GLN N      N  N N 131 
GLN CA     C  N S 132 
GLN C      C  N N 133 
GLN O      O  N N 134 
GLN CB     C  N N 135 
GLN CG     C  N N 136 
GLN CD     C  N N 137 
GLN OE1    O  N N 138 
GLN NE2    N  N N 139 
GLN OXT    O  N N 140 
GLN H      H  N N 141 
GLN H2     H  N N 142 
GLN HA     H  N N 143 
GLN HB2    H  N N 144 
GLN HB3    H  N N 145 
GLN HG2    H  N N 146 
GLN HG3    H  N N 147 
GLN HE21   H  N N 148 
GLN HE22   H  N N 149 
GLN HXT    H  N N 150 
GLU N      N  N N 151 
GLU CA     C  N S 152 
GLU C      C  N N 153 
GLU O      O  N N 154 
GLU CB     C  N N 155 
GLU CG     C  N N 156 
GLU CD     C  N N 157 
GLU OE1    O  N N 158 
GLU OE2    O  N N 159 
GLU OXT    O  N N 160 
GLU H      H  N N 161 
GLU H2     H  N N 162 
GLU HA     H  N N 163 
GLU HB2    H  N N 164 
GLU HB3    H  N N 165 
GLU HG2    H  N N 166 
GLU HG3    H  N N 167 
GLU HE2    H  N N 168 
GLU HXT    H  N N 169 
GLY N      N  N N 170 
GLY CA     C  N N 171 
GLY C      C  N N 172 
GLY O      O  N N 173 
GLY OXT    O  N N 174 
GLY H      H  N N 175 
GLY H2     H  N N 176 
GLY HA2    H  N N 177 
GLY HA3    H  N N 178 
GLY HXT    H  N N 179 
HIS N      N  N N 180 
HIS CA     C  N S 181 
HIS C      C  N N 182 
HIS O      O  N N 183 
HIS CB     C  N N 184 
HIS CG     C  Y N 185 
HIS ND1    N  Y N 186 
HIS CD2    C  Y N 187 
HIS CE1    C  Y N 188 
HIS NE2    N  Y N 189 
HIS OXT    O  N N 190 
HIS H      H  N N 191 
HIS H2     H  N N 192 
HIS HA     H  N N 193 
HIS HB2    H  N N 194 
HIS HB3    H  N N 195 
HIS HD1    H  N N 196 
HIS HD2    H  N N 197 
HIS HE1    H  N N 198 
HIS HE2    H  N N 199 
HIS HXT    H  N N 200 
HOH O      O  N N 201 
HOH H1     H  N N 202 
HOH H2     H  N N 203 
ILE N      N  N N 204 
ILE CA     C  N S 205 
ILE C      C  N N 206 
ILE O      O  N N 207 
ILE CB     C  N S 208 
ILE CG1    C  N N 209 
ILE CG2    C  N N 210 
ILE CD1    C  N N 211 
ILE OXT    O  N N 212 
ILE H      H  N N 213 
ILE H2     H  N N 214 
ILE HA     H  N N 215 
ILE HB     H  N N 216 
ILE HG12   H  N N 217 
ILE HG13   H  N N 218 
ILE HG21   H  N N 219 
ILE HG22   H  N N 220 
ILE HG23   H  N N 221 
ILE HD11   H  N N 222 
ILE HD12   H  N N 223 
ILE HD13   H  N N 224 
ILE HXT    H  N N 225 
LEU N      N  N N 226 
LEU CA     C  N S 227 
LEU C      C  N N 228 
LEU O      O  N N 229 
LEU CB     C  N N 230 
LEU CG     C  N N 231 
LEU CD1    C  N N 232 
LEU CD2    C  N N 233 
LEU OXT    O  N N 234 
LEU H      H  N N 235 
LEU H2     H  N N 236 
LEU HA     H  N N 237 
LEU HB2    H  N N 238 
LEU HB3    H  N N 239 
LEU HG     H  N N 240 
LEU HD11   H  N N 241 
LEU HD12   H  N N 242 
LEU HD13   H  N N 243 
LEU HD21   H  N N 244 
LEU HD22   H  N N 245 
LEU HD23   H  N N 246 
LEU HXT    H  N N 247 
LYS N      N  N N 248 
LYS CA     C  N S 249 
LYS C      C  N N 250 
LYS O      O  N N 251 
LYS CB     C  N N 252 
LYS CG     C  N N 253 
LYS CD     C  N N 254 
LYS CE     C  N N 255 
LYS NZ     N  N N 256 
LYS OXT    O  N N 257 
LYS H      H  N N 258 
LYS H2     H  N N 259 
LYS HA     H  N N 260 
LYS HB2    H  N N 261 
LYS HB3    H  N N 262 
LYS HG2    H  N N 263 
LYS HG3    H  N N 264 
LYS HD2    H  N N 265 
LYS HD3    H  N N 266 
LYS HE2    H  N N 267 
LYS HE3    H  N N 268 
LYS HZ1    H  N N 269 
LYS HZ2    H  N N 270 
LYS HZ3    H  N N 271 
LYS HXT    H  N N 272 
PHE N      N  N N 273 
PHE CA     C  N S 274 
PHE C      C  N N 275 
PHE O      O  N N 276 
PHE CB     C  N N 277 
PHE CG     C  Y N 278 
PHE CD1    C  Y N 279 
PHE CD2    C  Y N 280 
PHE CE1    C  Y N 281 
PHE CE2    C  Y N 282 
PHE CZ     C  Y N 283 
PHE OXT    O  N N 284 
PHE H      H  N N 285 
PHE H2     H  N N 286 
PHE HA     H  N N 287 
PHE HB2    H  N N 288 
PHE HB3    H  N N 289 
PHE HD1    H  N N 290 
PHE HD2    H  N N 291 
PHE HE1    H  N N 292 
PHE HE2    H  N N 293 
PHE HZ     H  N N 294 
PHE HXT    H  N N 295 
PRO N      N  N N 296 
PRO CA     C  N S 297 
PRO C      C  N N 298 
PRO O      O  N N 299 
PRO CB     C  N N 300 
PRO CG     C  N N 301 
PRO CD     C  N N 302 
PRO OXT    O  N N 303 
PRO H      H  N N 304 
PRO HA     H  N N 305 
PRO HB2    H  N N 306 
PRO HB3    H  N N 307 
PRO HG2    H  N N 308 
PRO HG3    H  N N 309 
PRO HD2    H  N N 310 
PRO HD3    H  N N 311 
PRO HXT    H  N N 312 
SER N      N  N N 313 
SER CA     C  N S 314 
SER C      C  N N 315 
SER O      O  N N 316 
SER CB     C  N N 317 
SER OG     O  N N 318 
SER OXT    O  N N 319 
SER H      H  N N 320 
SER H2     H  N N 321 
SER HA     H  N N 322 
SER HB2    H  N N 323 
SER HB3    H  N N 324 
SER HG     H  N N 325 
SER HXT    H  N N 326 
SO4 S      S  N N 327 
SO4 O1     O  N N 328 
SO4 O2     O  N N 329 
SO4 O3     O  N N 330 
SO4 O4     O  N N 331 
THR N      N  N N 332 
THR CA     C  N S 333 
THR C      C  N N 334 
THR O      O  N N 335 
THR CB     C  N R 336 
THR OG1    O  N N 337 
THR CG2    C  N N 338 
THR OXT    O  N N 339 
THR H      H  N N 340 
THR H2     H  N N 341 
THR HA     H  N N 342 
THR HB     H  N N 343 
THR HG1    H  N N 344 
THR HG21   H  N N 345 
THR HG22   H  N N 346 
THR HG23   H  N N 347 
THR HXT    H  N N 348 
TRP N      N  N N 349 
TRP CA     C  N S 350 
TRP C      C  N N 351 
TRP O      O  N N 352 
TRP CB     C  N N 353 
TRP CG     C  Y N 354 
TRP CD1    C  Y N 355 
TRP CD2    C  Y N 356 
TRP NE1    N  Y N 357 
TRP CE2    C  Y N 358 
TRP CE3    C  Y N 359 
TRP CZ2    C  Y N 360 
TRP CZ3    C  Y N 361 
TRP CH2    C  Y N 362 
TRP OXT    O  N N 363 
TRP H      H  N N 364 
TRP H2     H  N N 365 
TRP HA     H  N N 366 
TRP HB2    H  N N 367 
TRP HB3    H  N N 368 
TRP HD1    H  N N 369 
TRP HE1    H  N N 370 
TRP HE3    H  N N 371 
TRP HZ2    H  N N 372 
TRP HZ3    H  N N 373 
TRP HH2    H  N N 374 
TRP HXT    H  N N 375 
TYR N      N  N N 376 
TYR CA     C  N S 377 
TYR C      C  N N 378 
TYR O      O  N N 379 
TYR CB     C  N N 380 
TYR CG     C  Y N 381 
TYR CD1    C  Y N 382 
TYR CD2    C  Y N 383 
TYR CE1    C  Y N 384 
TYR CE2    C  Y N 385 
TYR CZ     C  Y N 386 
TYR OH     O  N N 387 
TYR OXT    O  N N 388 
TYR H      H  N N 389 
TYR H2     H  N N 390 
TYR HA     H  N N 391 
TYR HB2    H  N N 392 
TYR HB3    H  N N 393 
TYR HD1    H  N N 394 
TYR HD2    H  N N 395 
TYR HE1    H  N N 396 
TYR HE2    H  N N 397 
TYR HH     H  N N 398 
TYR HXT    H  N N 399 
VAL N      N  N N 400 
VAL CA     C  N S 401 
VAL C      C  N N 402 
VAL O      O  N N 403 
VAL CB     C  N N 404 
VAL CG1    C  N N 405 
VAL CG2    C  N N 406 
VAL OXT    O  N N 407 
VAL H      H  N N 408 
VAL H2     H  N N 409 
VAL HA     H  N N 410 
VAL HB     H  N N 411 
VAL HG11   H  N N 412 
VAL HG12   H  N N 413 
VAL HG13   H  N N 414 
VAL HG21   H  N N 415 
VAL HG22   H  N N 416 
VAL HG23   H  N N 417 
VAL HXT    H  N N 418 
# 
loop_
_chem_comp_bond.comp_id 
_chem_comp_bond.atom_id_1 
_chem_comp_bond.atom_id_2 
_chem_comp_bond.value_order 
_chem_comp_bond.pdbx_aromatic_flag 
_chem_comp_bond.pdbx_stereo_config 
_chem_comp_bond.pdbx_ordinal 
ADP PB    O1B    doub N N 1   
ADP PB    O2B    sing N N 2   
ADP PB    O3B    sing N N 3   
ADP PB    O3A    sing N N 4   
ADP O2B   HOB2   sing N N 5   
ADP O3B   HOB3   sing N N 6   
ADP PA    O1A    doub N N 7   
ADP PA    O2A    sing N N 8   
ADP PA    O3A    sing N N 9   
ADP PA    "O5'"  sing N N 10  
ADP O2A   HOA2   sing N N 11  
ADP "O5'" "C5'"  sing N N 12  
ADP "C5'" "C4'"  sing N N 13  
ADP "C5'" "H5'1" sing N N 14  
ADP "C5'" "H5'2" sing N N 15  
ADP "C4'" "O4'"  sing N N 16  
ADP "C4'" "C3'"  sing N N 17  
ADP "C4'" "H4'"  sing N N 18  
ADP "O4'" "C1'"  sing N N 19  
ADP "C3'" "O3'"  sing N N 20  
ADP "C3'" "C2'"  sing N N 21  
ADP "C3'" "H3'"  sing N N 22  
ADP "O3'" "HO3'" sing N N 23  
ADP "C2'" "O2'"  sing N N 24  
ADP "C2'" "C1'"  sing N N 25  
ADP "C2'" "H2'"  sing N N 26  
ADP "O2'" "HO2'" sing N N 27  
ADP "C1'" N9     sing N N 28  
ADP "C1'" "H1'"  sing N N 29  
ADP N9    C8     sing Y N 30  
ADP N9    C4     sing Y N 31  
ADP C8    N7     doub Y N 32  
ADP C8    H8     sing N N 33  
ADP N7    C5     sing Y N 34  
ADP C5    C6     sing Y N 35  
ADP C5    C4     doub Y N 36  
ADP C6    N6     sing N N 37  
ADP C6    N1     doub Y N 38  
ADP N6    HN61   sing N N 39  
ADP N6    HN62   sing N N 40  
ADP N1    C2     sing Y N 41  
ADP C2    N3     doub Y N 42  
ADP C2    H2     sing N N 43  
ADP N3    C4     sing Y N 44  
ALA N     CA     sing N N 45  
ALA N     H      sing N N 46  
ALA N     H2     sing N N 47  
ALA CA    C      sing N N 48  
ALA CA    CB     sing N N 49  
ALA CA    HA     sing N N 50  
ALA C     O      doub N N 51  
ALA C     OXT    sing N N 52  
ALA CB    HB1    sing N N 53  
ALA CB    HB2    sing N N 54  
ALA CB    HB3    sing N N 55  
ALA OXT   HXT    sing N N 56  
ARG N     CA     sing N N 57  
ARG N     H      sing N N 58  
ARG N     H2     sing N N 59  
ARG CA    C      sing N N 60  
ARG CA    CB     sing N N 61  
ARG CA    HA     sing N N 62  
ARG C     O      doub N N 63  
ARG C     OXT    sing N N 64  
ARG CB    CG     sing N N 65  
ARG CB    HB2    sing N N 66  
ARG CB    HB3    sing N N 67  
ARG CG    CD     sing N N 68  
ARG CG    HG2    sing N N 69  
ARG CG    HG3    sing N N 70  
ARG CD    NE     sing N N 71  
ARG CD    HD2    sing N N 72  
ARG CD    HD3    sing N N 73  
ARG NE    CZ     sing N N 74  
ARG NE    HE     sing N N 75  
ARG CZ    NH1    sing N N 76  
ARG CZ    NH2    doub N N 77  
ARG NH1   HH11   sing N N 78  
ARG NH1   HH12   sing N N 79  
ARG NH2   HH21   sing N N 80  
ARG NH2   HH22   sing N N 81  
ARG OXT   HXT    sing N N 82  
ASN N     CA     sing N N 83  
ASN N     H      sing N N 84  
ASN N     H2     sing N N 85  
ASN CA    C      sing N N 86  
ASN CA    CB     sing N N 87  
ASN CA    HA     sing N N 88  
ASN C     O      doub N N 89  
ASN C     OXT    sing N N 90  
ASN CB    CG     sing N N 91  
ASN CB    HB2    sing N N 92  
ASN CB    HB3    sing N N 93  
ASN CG    OD1    doub N N 94  
ASN CG    ND2    sing N N 95  
ASN ND2   HD21   sing N N 96  
ASN ND2   HD22   sing N N 97  
ASN OXT   HXT    sing N N 98  
ASP N     CA     sing N N 99  
ASP N     H      sing N N 100 
ASP N     H2     sing N N 101 
ASP CA    C      sing N N 102 
ASP CA    CB     sing N N 103 
ASP CA    HA     sing N N 104 
ASP C     O      doub N N 105 
ASP C     OXT    sing N N 106 
ASP CB    CG     sing N N 107 
ASP CB    HB2    sing N N 108 
ASP CB    HB3    sing N N 109 
ASP CG    OD1    doub N N 110 
ASP CG    OD2    sing N N 111 
ASP OD2   HD2    sing N N 112 
ASP OXT   HXT    sing N N 113 
CYS N     CA     sing N N 114 
CYS N     H      sing N N 115 
CYS N     H2     sing N N 116 
CYS CA    C      sing N N 117 
CYS CA    CB     sing N N 118 
CYS CA    HA     sing N N 119 
CYS C     O      doub N N 120 
CYS C     OXT    sing N N 121 
CYS CB    SG     sing N N 122 
CYS CB    HB2    sing N N 123 
CYS CB    HB3    sing N N 124 
CYS SG    HG     sing N N 125 
CYS OXT   HXT    sing N N 126 
GLN N     CA     sing N N 127 
GLN N     H      sing N N 128 
GLN N     H2     sing N N 129 
GLN CA    C      sing N N 130 
GLN CA    CB     sing N N 131 
GLN CA    HA     sing N N 132 
GLN C     O      doub N N 133 
GLN C     OXT    sing N N 134 
GLN CB    CG     sing N N 135 
GLN CB    HB2    sing N N 136 
GLN CB    HB3    sing N N 137 
GLN CG    CD     sing N N 138 
GLN CG    HG2    sing N N 139 
GLN CG    HG3    sing N N 140 
GLN CD    OE1    doub N N 141 
GLN CD    NE2    sing N N 142 
GLN NE2   HE21   sing N N 143 
GLN NE2   HE22   sing N N 144 
GLN OXT   HXT    sing N N 145 
GLU N     CA     sing N N 146 
GLU N     H      sing N N 147 
GLU N     H2     sing N N 148 
GLU CA    C      sing N N 149 
GLU CA    CB     sing N N 150 
GLU CA    HA     sing N N 151 
GLU C     O      doub N N 152 
GLU C     OXT    sing N N 153 
GLU CB    CG     sing N N 154 
GLU CB    HB2    sing N N 155 
GLU CB    HB3    sing N N 156 
GLU CG    CD     sing N N 157 
GLU CG    HG2    sing N N 158 
GLU CG    HG3    sing N N 159 
GLU CD    OE1    doub N N 160 
GLU CD    OE2    sing N N 161 
GLU OE2   HE2    sing N N 162 
GLU OXT   HXT    sing N N 163 
GLY N     CA     sing N N 164 
GLY N     H      sing N N 165 
GLY N     H2     sing N N 166 
GLY CA    C      sing N N 167 
GLY CA    HA2    sing N N 168 
GLY CA    HA3    sing N N 169 
GLY C     O      doub N N 170 
GLY C     OXT    sing N N 171 
GLY OXT   HXT    sing N N 172 
HIS N     CA     sing N N 173 
HIS N     H      sing N N 174 
HIS N     H2     sing N N 175 
HIS CA    C      sing N N 176 
HIS CA    CB     sing N N 177 
HIS CA    HA     sing N N 178 
HIS C     O      doub N N 179 
HIS C     OXT    sing N N 180 
HIS CB    CG     sing N N 181 
HIS CB    HB2    sing N N 182 
HIS CB    HB3    sing N N 183 
HIS CG    ND1    sing Y N 184 
HIS CG    CD2    doub Y N 185 
HIS ND1   CE1    doub Y N 186 
HIS ND1   HD1    sing N N 187 
HIS CD2   NE2    sing Y N 188 
HIS CD2   HD2    sing N N 189 
HIS CE1   NE2    sing Y N 190 
HIS CE1   HE1    sing N N 191 
HIS NE2   HE2    sing N N 192 
HIS OXT   HXT    sing N N 193 
HOH O     H1     sing N N 194 
HOH O     H2     sing N N 195 
ILE N     CA     sing N N 196 
ILE N     H      sing N N 197 
ILE N     H2     sing N N 198 
ILE CA    C      sing N N 199 
ILE CA    CB     sing N N 200 
ILE CA    HA     sing N N 201 
ILE C     O      doub N N 202 
ILE C     OXT    sing N N 203 
ILE CB    CG1    sing N N 204 
ILE CB    CG2    sing N N 205 
ILE CB    HB     sing N N 206 
ILE CG1   CD1    sing N N 207 
ILE CG1   HG12   sing N N 208 
ILE CG1   HG13   sing N N 209 
ILE CG2   HG21   sing N N 210 
ILE CG2   HG22   sing N N 211 
ILE CG2   HG23   sing N N 212 
ILE CD1   HD11   sing N N 213 
ILE CD1   HD12   sing N N 214 
ILE CD1   HD13   sing N N 215 
ILE OXT   HXT    sing N N 216 
LEU N     CA     sing N N 217 
LEU N     H      sing N N 218 
LEU N     H2     sing N N 219 
LEU CA    C      sing N N 220 
LEU CA    CB     sing N N 221 
LEU CA    HA     sing N N 222 
LEU C     O      doub N N 223 
LEU C     OXT    sing N N 224 
LEU CB    CG     sing N N 225 
LEU CB    HB2    sing N N 226 
LEU CB    HB3    sing N N 227 
LEU CG    CD1    sing N N 228 
LEU CG    CD2    sing N N 229 
LEU CG    HG     sing N N 230 
LEU CD1   HD11   sing N N 231 
LEU CD1   HD12   sing N N 232 
LEU CD1   HD13   sing N N 233 
LEU CD2   HD21   sing N N 234 
LEU CD2   HD22   sing N N 235 
LEU CD2   HD23   sing N N 236 
LEU OXT   HXT    sing N N 237 
LYS N     CA     sing N N 238 
LYS N     H      sing N N 239 
LYS N     H2     sing N N 240 
LYS CA    C      sing N N 241 
LYS CA    CB     sing N N 242 
LYS CA    HA     sing N N 243 
LYS C     O      doub N N 244 
LYS C     OXT    sing N N 245 
LYS CB    CG     sing N N 246 
LYS CB    HB2    sing N N 247 
LYS CB    HB3    sing N N 248 
LYS CG    CD     sing N N 249 
LYS CG    HG2    sing N N 250 
LYS CG    HG3    sing N N 251 
LYS CD    CE     sing N N 252 
LYS CD    HD2    sing N N 253 
LYS CD    HD3    sing N N 254 
LYS CE    NZ     sing N N 255 
LYS CE    HE2    sing N N 256 
LYS CE    HE3    sing N N 257 
LYS NZ    HZ1    sing N N 258 
LYS NZ    HZ2    sing N N 259 
LYS NZ    HZ3    sing N N 260 
LYS OXT   HXT    sing N N 261 
PHE N     CA     sing N N 262 
PHE N     H      sing N N 263 
PHE N     H2     sing N N 264 
PHE CA    C      sing N N 265 
PHE CA    CB     sing N N 266 
PHE CA    HA     sing N N 267 
PHE C     O      doub N N 268 
PHE C     OXT    sing N N 269 
PHE CB    CG     sing N N 270 
PHE CB    HB2    sing N N 271 
PHE CB    HB3    sing N N 272 
PHE CG    CD1    doub Y N 273 
PHE CG    CD2    sing Y N 274 
PHE CD1   CE1    sing Y N 275 
PHE CD1   HD1    sing N N 276 
PHE CD2   CE2    doub Y N 277 
PHE CD2   HD2    sing N N 278 
PHE CE1   CZ     doub Y N 279 
PHE CE1   HE1    sing N N 280 
PHE CE2   CZ     sing Y N 281 
PHE CE2   HE2    sing N N 282 
PHE CZ    HZ     sing N N 283 
PHE OXT   HXT    sing N N 284 
PRO N     CA     sing N N 285 
PRO N     CD     sing N N 286 
PRO N     H      sing N N 287 
PRO CA    C      sing N N 288 
PRO CA    CB     sing N N 289 
PRO CA    HA     sing N N 290 
PRO C     O      doub N N 291 
PRO C     OXT    sing N N 292 
PRO CB    CG     sing N N 293 
PRO CB    HB2    sing N N 294 
PRO CB    HB3    sing N N 295 
PRO CG    CD     sing N N 296 
PRO CG    HG2    sing N N 297 
PRO CG    HG3    sing N N 298 
PRO CD    HD2    sing N N 299 
PRO CD    HD3    sing N N 300 
PRO OXT   HXT    sing N N 301 
SER N     CA     sing N N 302 
SER N     H      sing N N 303 
SER N     H2     sing N N 304 
SER CA    C      sing N N 305 
SER CA    CB     sing N N 306 
SER CA    HA     sing N N 307 
SER C     O      doub N N 308 
SER C     OXT    sing N N 309 
SER CB    OG     sing N N 310 
SER CB    HB2    sing N N 311 
SER CB    HB3    sing N N 312 
SER OG    HG     sing N N 313 
SER OXT   HXT    sing N N 314 
SO4 S     O1     doub N N 315 
SO4 S     O2     doub N N 316 
SO4 S     O3     sing N N 317 
SO4 S     O4     sing N N 318 
THR N     CA     sing N N 319 
THR N     H      sing N N 320 
THR N     H2     sing N N 321 
THR CA    C      sing N N 322 
THR CA    CB     sing N N 323 
THR CA    HA     sing N N 324 
THR C     O      doub N N 325 
THR C     OXT    sing N N 326 
THR CB    OG1    sing N N 327 
THR CB    CG2    sing N N 328 
THR CB    HB     sing N N 329 
THR OG1   HG1    sing N N 330 
THR CG2   HG21   sing N N 331 
THR CG2   HG22   sing N N 332 
THR CG2   HG23   sing N N 333 
THR OXT   HXT    sing N N 334 
TRP N     CA     sing N N 335 
TRP N     H      sing N N 336 
TRP N     H2     sing N N 337 
TRP CA    C      sing N N 338 
TRP CA    CB     sing N N 339 
TRP CA    HA     sing N N 340 
TRP C     O      doub N N 341 
TRP C     OXT    sing N N 342 
TRP CB    CG     sing N N 343 
TRP CB    HB2    sing N N 344 
TRP CB    HB3    sing N N 345 
TRP CG    CD1    doub Y N 346 
TRP CG    CD2    sing Y N 347 
TRP CD1   NE1    sing Y N 348 
TRP CD1   HD1    sing N N 349 
TRP CD2   CE2    doub Y N 350 
TRP CD2   CE3    sing Y N 351 
TRP NE1   CE2    sing Y N 352 
TRP NE1   HE1    sing N N 353 
TRP CE2   CZ2    sing Y N 354 
TRP CE3   CZ3    doub Y N 355 
TRP CE3   HE3    sing N N 356 
TRP CZ2   CH2    doub Y N 357 
TRP CZ2   HZ2    sing N N 358 
TRP CZ3   CH2    sing Y N 359 
TRP CZ3   HZ3    sing N N 360 
TRP CH2   HH2    sing N N 361 
TRP OXT   HXT    sing N N 362 
TYR N     CA     sing N N 363 
TYR N     H      sing N N 364 
TYR N     H2     sing N N 365 
TYR CA    C      sing N N 366 
TYR CA    CB     sing N N 367 
TYR CA    HA     sing N N 368 
TYR C     O      doub N N 369 
TYR C     OXT    sing N N 370 
TYR CB    CG     sing N N 371 
TYR CB    HB2    sing N N 372 
TYR CB    HB3    sing N N 373 
TYR CG    CD1    doub Y N 374 
TYR CG    CD2    sing Y N 375 
TYR CD1   CE1    sing Y N 376 
TYR CD1   HD1    sing N N 377 
TYR CD2   CE2    doub Y N 378 
TYR CD2   HD2    sing N N 379 
TYR CE1   CZ     doub Y N 380 
TYR CE1   HE1    sing N N 381 
TYR CE2   CZ     sing Y N 382 
TYR CE2   HE2    sing N N 383 
TYR CZ    OH     sing N N 384 
TYR OH    HH     sing N N 385 
TYR OXT   HXT    sing N N 386 
VAL N     CA     sing N N 387 
VAL N     H      sing N N 388 
VAL N     H2     sing N N 389 
VAL CA    C      sing N N 390 
VAL CA    CB     sing N N 391 
VAL CA    HA     sing N N 392 
VAL C     O      doub N N 393 
VAL C     OXT    sing N N 394 
VAL CB    CG1    sing N N 395 
VAL CB    CG2    sing N N 396 
VAL CB    HB     sing N N 397 
VAL CG1   HG11   sing N N 398 
VAL CG1   HG12   sing N N 399 
VAL CG1   HG13   sing N N 400 
VAL CG2   HG21   sing N N 401 
VAL CG2   HG22   sing N N 402 
VAL CG2   HG23   sing N N 403 
VAL OXT   HXT    sing N N 404 
# 
loop_
_pdbx_entity_nonpoly.entity_id 
_pdbx_entity_nonpoly.name 
_pdbx_entity_nonpoly.comp_id 
2 'CHLORIDE ION'             CL  
3 'SULFATE ION'              SO4 
4 "ADENOSINE-5'-DIPHOSPHATE" ADP 
5 water                      HOH 
# 
_pdbx_initial_refinement_model.id               1 
_pdbx_initial_refinement_model.entity_id_list   ? 
_pdbx_initial_refinement_model.type             'experimental model' 
_pdbx_initial_refinement_model.source_name      PDB 
_pdbx_initial_refinement_model.accession_code   6MM2 
_pdbx_initial_refinement_model.details          ? 
# 
_pdbx_struct_assembly_auth_evidence.id                     1 
_pdbx_struct_assembly_auth_evidence.assembly_id            1 
_pdbx_struct_assembly_auth_evidence.experimental_support   'gel filtration' 
_pdbx_struct_assembly_auth_evidence.details                'trimeric in solution' 
# 
_space_group.name_H-M_alt     'P 63 2 2' 
_space_group.name_Hall        'P 6c 2c' 
_space_group.IT_number        182 
_space_group.crystal_system   hexagonal 
_space_group.id               1 
# 
